data_6JK0
# 
_entry.id   6JK0 
# 
_audit_conform.dict_name       mmcif_pdbx.dic 
_audit_conform.dict_version    5.380 
_audit_conform.dict_location   http://mmcif.pdb.org/dictionaries/ascii/mmcif_pdbx.dic 
# 
loop_
_database_2.database_id 
_database_2.database_code 
_database_2.pdbx_database_accession 
_database_2.pdbx_DOI 
PDB   6JK0         pdb_00006jk0 10.2210/pdb6jk0/pdb 
WWPDB D_1300011247 ?            ?                   
# 
_pdbx_database_status.status_code                     REL 
_pdbx_database_status.status_code_sf                  REL 
_pdbx_database_status.status_code_mr                  ? 
_pdbx_database_status.entry_id                        6JK0 
_pdbx_database_status.recvd_initial_deposition_date   2019-02-27 
_pdbx_database_status.SG_entry                        N 
_pdbx_database_status.deposit_site                    PDBJ 
_pdbx_database_status.process_site                    PDBJ 
_pdbx_database_status.status_code_cs                  ? 
_pdbx_database_status.methods_development_category    ? 
_pdbx_database_status.pdb_format_compatible           Y 
_pdbx_database_status.status_code_nmr_data            ? 
# 
loop_
_audit_author.name 
_audit_author.pdbx_ordinal 
_audit_author.identifier_ORCID 
'Lin, Z.'   1 ? 
'Yang, Z.'  2 ? 
'Ji, Z.'    3 ? 
'Zhang, M.' 4 ? 
# 
_citation.abstract                  ? 
_citation.abstract_id_CAS           ? 
_citation.book_id_ISBN              ? 
_citation.book_publisher            ? 
_citation.book_publisher_city       ? 
_citation.book_title                ? 
_citation.coordinate_linkage        ? 
_citation.country                   US 
_citation.database_id_Medline       ? 
_citation.details                   ? 
_citation.id                        primary 
_citation.journal_abbrev            Elife 
_citation.journal_id_ASTM           ? 
_citation.journal_id_CSD            ? 
_citation.journal_id_ISSN           2050-084X 
_citation.journal_full              ? 
_citation.journal_issue             ? 
_citation.journal_volume            8 
_citation.language                  ? 
_citation.page_first                ? 
_citation.page_last                 ? 
_citation.title                     'Decoding WW domain tandem-mediated target recognitions in tissue growth and cell polarity.' 
_citation.year                      2019 
_citation.database_id_CSD           ? 
_citation.pdbx_database_id_DOI      10.7554/eLife.49439 
_citation.pdbx_database_id_PubMed   31486770 
_citation.unpublished_flag          ? 
# 
loop_
_citation_author.citation_id 
_citation_author.name 
_citation_author.ordinal 
_citation_author.identifier_ORCID 
primary 'Lin, Z.'   1 ?                   
primary 'Yang, Z.'  2 ?                   
primary 'Xie, R.'   3 0000-0002-6086-8683 
primary 'Ji, Z.'    4 ?                   
primary 'Guan, K.'  5 ?                   
primary 'Zhang, M.' 6 0000-0001-9404-0190 
# 
_cell.angle_alpha                  90.00 
_cell.angle_alpha_esd              ? 
_cell.angle_beta                   90.00 
_cell.angle_beta_esd               ? 
_cell.angle_gamma                  120.00 
_cell.angle_gamma_esd              ? 
_cell.entry_id                     6JK0 
_cell.details                      ? 
_cell.formula_units_Z              ? 
_cell.length_a                     94.606 
_cell.length_a_esd                 ? 
_cell.length_b                     94.606 
_cell.length_b_esd                 ? 
_cell.length_c                     174.397 
_cell.length_c_esd                 ? 
_cell.volume                       ? 
_cell.volume_esd                   ? 
_cell.Z_PDB                        12 
_cell.reciprocal_angle_alpha       ? 
_cell.reciprocal_angle_beta        ? 
_cell.reciprocal_angle_gamma       ? 
_cell.reciprocal_angle_alpha_esd   ? 
_cell.reciprocal_angle_beta_esd    ? 
_cell.reciprocal_angle_gamma_esd   ? 
_cell.reciprocal_length_a          ? 
_cell.reciprocal_length_b          ? 
_cell.reciprocal_length_c          ? 
_cell.reciprocal_length_a_esd      ? 
_cell.reciprocal_length_b_esd      ? 
_cell.reciprocal_length_c_esd      ? 
_cell.pdbx_unique_axis             ? 
# 
_symmetry.entry_id                         6JK0 
_symmetry.cell_setting                     ? 
_symmetry.Int_Tables_number                182 
_symmetry.space_group_name_Hall            ? 
_symmetry.space_group_name_H-M             'P 63 2 2' 
_symmetry.pdbx_full_space_group_name_H-M   ? 
# 
loop_
_entity.id 
_entity.type 
_entity.src_method 
_entity.pdbx_description 
_entity.formula_weight 
_entity.pdbx_number_of_molecules 
_entity.pdbx_ec 
_entity.pdbx_mutation 
_entity.pdbx_fragment 
_entity.details 
1 polymer     man 'Transcriptional coactivator YAP1,Dendrin' 14689.280 1 ? ? ? 
'YAP1 (residues 156-247 from Uniprot P46938) linked Dendrin (residues 222-241 from Uniprot 	Q80TS7)' 
2 non-polymer syn 'CALCIUM ION'                              40.078    2 ? ? ? ? 
3 water       nat water                                      18.015    5 ? ? ? ? 
# 
_entity_name_com.entity_id   1 
_entity_name_com.name        'Yes-associated protein 1,Protein yorkie homolog,Yes-associated protein YAP65 homolog' 
# 
_entity_poly.entity_id                      1 
_entity_poly.type                           'polypeptide(L)' 
_entity_poly.nstd_linkage                   no 
_entity_poly.nstd_monomer                   no 
_entity_poly.pdbx_seq_one_letter_code       
;MHHHHHHSSGLEVLFQGPGSVPLPAGWEMAKTSSGQRYFLNHNDQTTTWQDPRKAMLSQLNVPAPASPAVPQTLMNSASG
PLPDGWEQAMTQDGEVYYINHKNKTTSWLDPRDRPPPYVAPPSYEGPHRTLG
;
_entity_poly.pdbx_seq_one_letter_code_can   
;MHHHHHHSSGLEVLFQGPGSVPLPAGWEMAKTSSGQRYFLNHNDQTTTWQDPRKAMLSQLNVPAPASPAVPQTLMNSASG
PLPDGWEQAMTQDGEVYYINHKNKTTSWLDPRDRPPPYVAPPSYEGPHRTLG
;
_entity_poly.pdbx_strand_id                 A 
_entity_poly.pdbx_target_identifier         ? 
# 
loop_
_entity_poly_seq.entity_id 
_entity_poly_seq.num 
_entity_poly_seq.mon_id 
_entity_poly_seq.hetero 
1 1   MET n 
1 2   HIS n 
1 3   HIS n 
1 4   HIS n 
1 5   HIS n 
1 6   HIS n 
1 7   HIS n 
1 8   SER n 
1 9   SER n 
1 10  GLY n 
1 11  LEU n 
1 12  GLU n 
1 13  VAL n 
1 14  LEU n 
1 15  PHE n 
1 16  GLN n 
1 17  GLY n 
1 18  PRO n 
1 19  GLY n 
1 20  SER n 
1 21  VAL n 
1 22  PRO n 
1 23  LEU n 
1 24  PRO n 
1 25  ALA n 
1 26  GLY n 
1 27  TRP n 
1 28  GLU n 
1 29  MET n 
1 30  ALA n 
1 31  LYS n 
1 32  THR n 
1 33  SER n 
1 34  SER n 
1 35  GLY n 
1 36  GLN n 
1 37  ARG n 
1 38  TYR n 
1 39  PHE n 
1 40  LEU n 
1 41  ASN n 
1 42  HIS n 
1 43  ASN n 
1 44  ASP n 
1 45  GLN n 
1 46  THR n 
1 47  THR n 
1 48  THR n 
1 49  TRP n 
1 50  GLN n 
1 51  ASP n 
1 52  PRO n 
1 53  ARG n 
1 54  LYS n 
1 55  ALA n 
1 56  MET n 
1 57  LEU n 
1 58  SER n 
1 59  GLN n 
1 60  LEU n 
1 61  ASN n 
1 62  VAL n 
1 63  PRO n 
1 64  ALA n 
1 65  PRO n 
1 66  ALA n 
1 67  SER n 
1 68  PRO n 
1 69  ALA n 
1 70  VAL n 
1 71  PRO n 
1 72  GLN n 
1 73  THR n 
1 74  LEU n 
1 75  MET n 
1 76  ASN n 
1 77  SER n 
1 78  ALA n 
1 79  SER n 
1 80  GLY n 
1 81  PRO n 
1 82  LEU n 
1 83  PRO n 
1 84  ASP n 
1 85  GLY n 
1 86  TRP n 
1 87  GLU n 
1 88  GLN n 
1 89  ALA n 
1 90  MET n 
1 91  THR n 
1 92  GLN n 
1 93  ASP n 
1 94  GLY n 
1 95  GLU n 
1 96  VAL n 
1 97  TYR n 
1 98  TYR n 
1 99  ILE n 
1 100 ASN n 
1 101 HIS n 
1 102 LYS n 
1 103 ASN n 
1 104 LYS n 
1 105 THR n 
1 106 THR n 
1 107 SER n 
1 108 TRP n 
1 109 LEU n 
1 110 ASP n 
1 111 PRO n 
1 112 ARG n 
1 113 ASP n 
1 114 ARG n 
1 115 PRO n 
1 116 PRO n 
1 117 PRO n 
1 118 TYR n 
1 119 VAL n 
1 120 ALA n 
1 121 PRO n 
1 122 PRO n 
1 123 SER n 
1 124 TYR n 
1 125 GLU n 
1 126 GLY n 
1 127 PRO n 
1 128 HIS n 
1 129 ARG n 
1 130 THR n 
1 131 LEU n 
1 132 GLY n 
# 
loop_
_entity_src_gen.entity_id 
_entity_src_gen.pdbx_src_id 
_entity_src_gen.pdbx_alt_source_flag 
_entity_src_gen.pdbx_seq_type 
_entity_src_gen.pdbx_beg_seq_num 
_entity_src_gen.pdbx_end_seq_num 
_entity_src_gen.gene_src_common_name 
_entity_src_gen.gene_src_genus 
_entity_src_gen.pdbx_gene_src_gene 
_entity_src_gen.gene_src_species 
_entity_src_gen.gene_src_strain 
_entity_src_gen.gene_src_tissue 
_entity_src_gen.gene_src_tissue_fraction 
_entity_src_gen.gene_src_details 
_entity_src_gen.pdbx_gene_src_fragment 
_entity_src_gen.pdbx_gene_src_scientific_name 
_entity_src_gen.pdbx_gene_src_ncbi_taxonomy_id 
_entity_src_gen.pdbx_gene_src_variant 
_entity_src_gen.pdbx_gene_src_cell_line 
_entity_src_gen.pdbx_gene_src_atcc 
_entity_src_gen.pdbx_gene_src_organ 
_entity_src_gen.pdbx_gene_src_organelle 
_entity_src_gen.pdbx_gene_src_cell 
_entity_src_gen.pdbx_gene_src_cellular_location 
_entity_src_gen.host_org_common_name 
_entity_src_gen.pdbx_host_org_scientific_name 
_entity_src_gen.pdbx_host_org_ncbi_taxonomy_id 
_entity_src_gen.host_org_genus 
_entity_src_gen.pdbx_host_org_gene 
_entity_src_gen.pdbx_host_org_organ 
_entity_src_gen.host_org_species 
_entity_src_gen.pdbx_host_org_tissue 
_entity_src_gen.pdbx_host_org_tissue_fraction 
_entity_src_gen.pdbx_host_org_strain 
_entity_src_gen.pdbx_host_org_variant 
_entity_src_gen.pdbx_host_org_cell_line 
_entity_src_gen.pdbx_host_org_atcc 
_entity_src_gen.pdbx_host_org_culture_collection 
_entity_src_gen.pdbx_host_org_cell 
_entity_src_gen.pdbx_host_org_organelle 
_entity_src_gen.pdbx_host_org_cellular_location 
_entity_src_gen.pdbx_host_org_vector_type 
_entity_src_gen.pdbx_host_org_vector 
_entity_src_gen.host_org_details 
_entity_src_gen.expression_system_id 
_entity_src_gen.plasmid_name 
_entity_src_gen.plasmid_details 
_entity_src_gen.pdbx_description 
1 1 sample 'Biological sequence' 1   112 Mouse ? 'Yap1, Yap, Yap65'     ? ? ? ? ? ? 'Mus musculus' 10090 ? ? ? ? ? ? ? ? 
'Escherichia coli' 562 ? ? ? ? ? ? ? ? ? ? ? ? ? ? ? ? ? ? ? ? ? 
1 2 sample 'Biological sequence' 113 132 Mouse ? 'Ddn, Gm748, Kiaa0749' ? ? ? ? ? ? 'Mus musculus' 10090 ? ? ? ? ? ? ? ? 
'Escherichia coli' 562 ? ? ? ? ? ? ? ? ? ? ? ? ? ? ? ? ? ? ? ? ? 
# 
loop_
_struct_ref.id 
_struct_ref.db_name 
_struct_ref.db_code 
_struct_ref.pdbx_db_accession 
_struct_ref.pdbx_db_isoform 
_struct_ref.entity_id 
_struct_ref.pdbx_seq_one_letter_code 
_struct_ref.pdbx_align_begin 
1 UNP YAP1_MOUSE P46938 ? 1 
;VPLPAGWEMAKTSSGQRYFLNHNDQTTTWQDPRKAMLSQLNVPAPASPAVPQTLMNSASGPLPDGWEQAMTQDGEVYYIN
HKNKTTSWLDPR
;
156 
2 UNP DEND_MOUSE Q80TS7 ? 1 DRPPPYVAPPSYEGPHRTLG                                                                            222 
# 
loop_
_struct_ref_seq.align_id 
_struct_ref_seq.ref_id 
_struct_ref_seq.pdbx_PDB_id_code 
_struct_ref_seq.pdbx_strand_id 
_struct_ref_seq.seq_align_beg 
_struct_ref_seq.pdbx_seq_align_beg_ins_code 
_struct_ref_seq.seq_align_end 
_struct_ref_seq.pdbx_seq_align_end_ins_code 
_struct_ref_seq.pdbx_db_accession 
_struct_ref_seq.db_align_beg 
_struct_ref_seq.pdbx_db_align_beg_ins_code 
_struct_ref_seq.db_align_end 
_struct_ref_seq.pdbx_db_align_end_ins_code 
_struct_ref_seq.pdbx_auth_seq_align_beg 
_struct_ref_seq.pdbx_auth_seq_align_end 
1 1 6JK0 A 21  ? 112 ? P46938 156 ? 247 ? 156 247 
2 2 6JK0 A 113 ? 132 ? Q80TS7 222 ? 241 ? 248 267 
# 
loop_
_struct_ref_seq_dif.align_id 
_struct_ref_seq_dif.pdbx_pdb_id_code 
_struct_ref_seq_dif.mon_id 
_struct_ref_seq_dif.pdbx_pdb_strand_id 
_struct_ref_seq_dif.seq_num 
_struct_ref_seq_dif.pdbx_pdb_ins_code 
_struct_ref_seq_dif.pdbx_seq_db_name 
_struct_ref_seq_dif.pdbx_seq_db_accession_code 
_struct_ref_seq_dif.db_mon_id 
_struct_ref_seq_dif.pdbx_seq_db_seq_num 
_struct_ref_seq_dif.details 
_struct_ref_seq_dif.pdbx_auth_seq_num 
_struct_ref_seq_dif.pdbx_ordinal 
1 6JK0 MET A 1  ? UNP P46938 ? ? 'expression tag' 136 1  
1 6JK0 HIS A 2  ? UNP P46938 ? ? 'expression tag' 137 2  
1 6JK0 HIS A 3  ? UNP P46938 ? ? 'expression tag' 138 3  
1 6JK0 HIS A 4  ? UNP P46938 ? ? 'expression tag' 139 4  
1 6JK0 HIS A 5  ? UNP P46938 ? ? 'expression tag' 140 5  
1 6JK0 HIS A 6  ? UNP P46938 ? ? 'expression tag' 141 6  
1 6JK0 HIS A 7  ? UNP P46938 ? ? 'expression tag' 142 7  
1 6JK0 SER A 8  ? UNP P46938 ? ? 'expression tag' 143 8  
1 6JK0 SER A 9  ? UNP P46938 ? ? 'expression tag' 144 9  
1 6JK0 GLY A 10 ? UNP P46938 ? ? 'expression tag' 145 10 
1 6JK0 LEU A 11 ? UNP P46938 ? ? 'expression tag' 146 11 
1 6JK0 GLU A 12 ? UNP P46938 ? ? 'expression tag' 147 12 
1 6JK0 VAL A 13 ? UNP P46938 ? ? 'expression tag' 148 13 
1 6JK0 LEU A 14 ? UNP P46938 ? ? 'expression tag' 149 14 
1 6JK0 PHE A 15 ? UNP P46938 ? ? 'expression tag' 150 15 
1 6JK0 GLN A 16 ? UNP P46938 ? ? 'expression tag' 151 16 
1 6JK0 GLY A 17 ? UNP P46938 ? ? 'expression tag' 152 17 
1 6JK0 PRO A 18 ? UNP P46938 ? ? 'expression tag' 153 18 
1 6JK0 GLY A 19 ? UNP P46938 ? ? 'expression tag' 154 19 
1 6JK0 SER A 20 ? UNP P46938 ? ? 'expression tag' 155 20 
# 
loop_
_chem_comp.id 
_chem_comp.type 
_chem_comp.mon_nstd_flag 
_chem_comp.name 
_chem_comp.pdbx_synonyms 
_chem_comp.formula 
_chem_comp.formula_weight 
ALA 'L-peptide linking' y ALANINE         ? 'C3 H7 N O2'     89.093  
ARG 'L-peptide linking' y ARGININE        ? 'C6 H15 N4 O2 1' 175.209 
ASN 'L-peptide linking' y ASPARAGINE      ? 'C4 H8 N2 O3'    132.118 
ASP 'L-peptide linking' y 'ASPARTIC ACID' ? 'C4 H7 N O4'     133.103 
CA  non-polymer         . 'CALCIUM ION'   ? 'Ca 2'           40.078  
GLN 'L-peptide linking' y GLUTAMINE       ? 'C5 H10 N2 O3'   146.144 
GLU 'L-peptide linking' y 'GLUTAMIC ACID' ? 'C5 H9 N O4'     147.129 
GLY 'peptide linking'   y GLYCINE         ? 'C2 H5 N O2'     75.067  
HIS 'L-peptide linking' y HISTIDINE       ? 'C6 H10 N3 O2 1' 156.162 
HOH non-polymer         . WATER           ? 'H2 O'           18.015  
ILE 'L-peptide linking' y ISOLEUCINE      ? 'C6 H13 N O2'    131.173 
LEU 'L-peptide linking' y LEUCINE         ? 'C6 H13 N O2'    131.173 
LYS 'L-peptide linking' y LYSINE          ? 'C6 H15 N2 O2 1' 147.195 
MET 'L-peptide linking' y METHIONINE      ? 'C5 H11 N O2 S'  149.211 
PHE 'L-peptide linking' y PHENYLALANINE   ? 'C9 H11 N O2'    165.189 
PRO 'L-peptide linking' y PROLINE         ? 'C5 H9 N O2'     115.130 
SER 'L-peptide linking' y SERINE          ? 'C3 H7 N O3'     105.093 
THR 'L-peptide linking' y THREONINE       ? 'C4 H9 N O3'     119.119 
TRP 'L-peptide linking' y TRYPTOPHAN      ? 'C11 H12 N2 O2'  204.225 
TYR 'L-peptide linking' y TYROSINE        ? 'C9 H11 N O3'    181.189 
VAL 'L-peptide linking' y VALINE          ? 'C5 H11 N O2'    117.146 
# 
_exptl.absorpt_coefficient_mu     ? 
_exptl.absorpt_correction_T_max   ? 
_exptl.absorpt_correction_T_min   ? 
_exptl.absorpt_correction_type    ? 
_exptl.absorpt_process_details    ? 
_exptl.entry_id                   6JK0 
_exptl.crystals_number            1 
_exptl.details                    ? 
_exptl.method                     'X-RAY DIFFRACTION' 
_exptl.method_details             ? 
# 
_exptl_crystal.colour                      ? 
_exptl_crystal.density_diffrn              ? 
_exptl_crystal.density_Matthews            7.67 
_exptl_crystal.density_method              ? 
_exptl_crystal.density_percent_sol         83.96 
_exptl_crystal.description                 ? 
_exptl_crystal.F_000                       ? 
_exptl_crystal.id                          1 
_exptl_crystal.preparation                 ? 
_exptl_crystal.size_max                    ? 
_exptl_crystal.size_mid                    ? 
_exptl_crystal.size_min                    ? 
_exptl_crystal.size_rad                    ? 
_exptl_crystal.colour_lustre               ? 
_exptl_crystal.colour_modifier             ? 
_exptl_crystal.colour_primary              ? 
_exptl_crystal.density_meas                ? 
_exptl_crystal.density_meas_esd            ? 
_exptl_crystal.density_meas_gt             ? 
_exptl_crystal.density_meas_lt             ? 
_exptl_crystal.density_meas_temp           ? 
_exptl_crystal.density_meas_temp_esd       ? 
_exptl_crystal.density_meas_temp_gt        ? 
_exptl_crystal.density_meas_temp_lt        ? 
_exptl_crystal.pdbx_crystal_image_url      ? 
_exptl_crystal.pdbx_crystal_image_format   ? 
_exptl_crystal.pdbx_mosaicity              ? 
_exptl_crystal.pdbx_mosaicity_esd          ? 
# 
_exptl_crystal_grow.apparatus       ? 
_exptl_crystal_grow.atmosphere      ? 
_exptl_crystal_grow.crystal_id      1 
_exptl_crystal_grow.details         ? 
_exptl_crystal_grow.method          'VAPOR DIFFUSION, HANGING DROP' 
_exptl_crystal_grow.method_ref      ? 
_exptl_crystal_grow.pH              7.5 
_exptl_crystal_grow.pressure        ? 
_exptl_crystal_grow.pressure_esd    ? 
_exptl_crystal_grow.seeding         ? 
_exptl_crystal_grow.seeding_ref     ? 
_exptl_crystal_grow.temp            289 
_exptl_crystal_grow.temp_details    ? 
_exptl_crystal_grow.temp_esd        ? 
_exptl_crystal_grow.time            ? 
_exptl_crystal_grow.pdbx_details    '25-30% w/v PEG400, 200mM CaCl2, 100mM HEPS (pH 7.5)' 
_exptl_crystal_grow.pdbx_pH_range   ? 
# 
_diffrn.ambient_environment              ? 
_diffrn.ambient_temp                     100 
_diffrn.ambient_temp_details             ? 
_diffrn.ambient_temp_esd                 ? 
_diffrn.crystal_id                       1 
_diffrn.crystal_support                  ? 
_diffrn.crystal_treatment                ? 
_diffrn.details                          ? 
_diffrn.id                               1 
_diffrn.ambient_pressure                 ? 
_diffrn.ambient_pressure_esd             ? 
_diffrn.ambient_pressure_gt              ? 
_diffrn.ambient_pressure_lt              ? 
_diffrn.ambient_temp_gt                  ? 
_diffrn.ambient_temp_lt                  ? 
_diffrn.pdbx_serial_crystal_experiment   N 
# 
_diffrn_detector.details                      ? 
_diffrn_detector.detector                     PIXEL 
_diffrn_detector.diffrn_id                    1 
_diffrn_detector.type                         'DECTRIS PILATUS 6M' 
_diffrn_detector.area_resol_mean              ? 
_diffrn_detector.dtime                        ? 
_diffrn_detector.pdbx_frames_total            ? 
_diffrn_detector.pdbx_collection_time_total   ? 
_diffrn_detector.pdbx_collection_date         2017-03-04 
_diffrn_detector.pdbx_frequency               ? 
# 
_diffrn_radiation.collimation                      ? 
_diffrn_radiation.diffrn_id                        1 
_diffrn_radiation.filter_edge                      ? 
_diffrn_radiation.inhomogeneity                    ? 
_diffrn_radiation.monochromator                    ? 
_diffrn_radiation.polarisn_norm                    ? 
_diffrn_radiation.polarisn_ratio                   ? 
_diffrn_radiation.probe                            ? 
_diffrn_radiation.type                             ? 
_diffrn_radiation.xray_symbol                      ? 
_diffrn_radiation.wavelength_id                    1 
_diffrn_radiation.pdbx_monochromatic_or_laue_m_l   M 
_diffrn_radiation.pdbx_wavelength_list             ? 
_diffrn_radiation.pdbx_wavelength                  ? 
_diffrn_radiation.pdbx_diffrn_protocol             'SINGLE WAVELENGTH' 
_diffrn_radiation.pdbx_analyzer                    ? 
_diffrn_radiation.pdbx_scattering_type             x-ray 
# 
_diffrn_radiation_wavelength.id           1 
_diffrn_radiation_wavelength.wavelength   0.979 
_diffrn_radiation_wavelength.wt           1.0 
# 
_diffrn_source.current                     ? 
_diffrn_source.details                     ? 
_diffrn_source.diffrn_id                   1 
_diffrn_source.power                       ? 
_diffrn_source.size                        ? 
_diffrn_source.source                      SYNCHROTRON 
_diffrn_source.target                      ? 
_diffrn_source.type                        'SSRF BEAMLINE BL19U1' 
_diffrn_source.voltage                     ? 
_diffrn_source.take-off_angle              ? 
_diffrn_source.pdbx_wavelength_list        0.979 
_diffrn_source.pdbx_wavelength             ? 
_diffrn_source.pdbx_synchrotron_beamline   BL19U1 
_diffrn_source.pdbx_synchrotron_site       SSRF 
# 
_reflns.B_iso_Wilson_estimate            ? 
_reflns.entry_id                         6JK0 
_reflns.data_reduction_details           ? 
_reflns.data_reduction_method            ? 
_reflns.d_resolution_high                3.1 
_reflns.d_resolution_low                 50 
_reflns.details                          ? 
_reflns.limit_h_max                      ? 
_reflns.limit_h_min                      ? 
_reflns.limit_k_max                      ? 
_reflns.limit_k_min                      ? 
_reflns.limit_l_max                      ? 
_reflns.limit_l_min                      ? 
_reflns.number_all                       ? 
_reflns.number_obs                       8993 
_reflns.observed_criterion               ? 
_reflns.observed_criterion_F_max         ? 
_reflns.observed_criterion_F_min         ? 
_reflns.observed_criterion_I_max         ? 
_reflns.observed_criterion_I_min         ? 
_reflns.observed_criterion_sigma_F       ? 
_reflns.observed_criterion_sigma_I       ? 
_reflns.percent_possible_obs             99.9 
_reflns.R_free_details                   ? 
_reflns.Rmerge_F_all                     ? 
_reflns.Rmerge_F_obs                     ? 
_reflns.Friedel_coverage                 ? 
_reflns.number_gt                        ? 
_reflns.threshold_expression             ? 
_reflns.pdbx_redundancy                  34.6 
_reflns.pdbx_Rmerge_I_obs                0.225 
_reflns.pdbx_Rmerge_I_all                ? 
_reflns.pdbx_Rsym_value                  ? 
_reflns.pdbx_netI_over_av_sigmaI         ? 
_reflns.pdbx_netI_over_sigmaI            15.3 
_reflns.pdbx_res_netI_over_av_sigmaI_2   ? 
_reflns.pdbx_res_netI_over_sigmaI_2      ? 
_reflns.pdbx_chi_squared                 ? 
_reflns.pdbx_scaling_rejects             ? 
_reflns.pdbx_d_res_high_opt              ? 
_reflns.pdbx_d_res_low_opt               ? 
_reflns.pdbx_d_res_opt_method            ? 
_reflns.phase_calculation_details        ? 
_reflns.pdbx_Rrim_I_all                  ? 
_reflns.pdbx_Rpim_I_all                  ? 
_reflns.pdbx_d_opt                       ? 
_reflns.pdbx_number_measured_all         ? 
_reflns.pdbx_diffrn_id                   1 
_reflns.pdbx_ordinal                     1 
_reflns.pdbx_CC_half                     ? 
_reflns.pdbx_R_split                     ? 
# 
_reflns_shell.d_res_high                  3.10 
_reflns_shell.d_res_low                   3.15 
_reflns_shell.meanI_over_sigI_all         ? 
_reflns_shell.meanI_over_sigI_obs         2.0 
_reflns_shell.number_measured_all         ? 
_reflns_shell.number_measured_obs         ? 
_reflns_shell.number_possible             ? 
_reflns_shell.number_unique_all           ? 
_reflns_shell.number_unique_obs           444 
_reflns_shell.percent_possible_all        100 
_reflns_shell.percent_possible_obs        ? 
_reflns_shell.Rmerge_F_all                ? 
_reflns_shell.Rmerge_F_obs                ? 
_reflns_shell.Rmerge_I_all                ? 
_reflns_shell.Rmerge_I_obs                1 
_reflns_shell.meanI_over_sigI_gt          ? 
_reflns_shell.meanI_over_uI_all           ? 
_reflns_shell.meanI_over_uI_gt            ? 
_reflns_shell.number_measured_gt          ? 
_reflns_shell.number_unique_gt            ? 
_reflns_shell.percent_possible_gt         ? 
_reflns_shell.Rmerge_F_gt                 ? 
_reflns_shell.Rmerge_I_gt                 ? 
_reflns_shell.pdbx_redundancy             ? 
_reflns_shell.pdbx_Rsym_value             ? 
_reflns_shell.pdbx_chi_squared            ? 
_reflns_shell.pdbx_netI_over_sigmaI_all   ? 
_reflns_shell.pdbx_netI_over_sigmaI_obs   ? 
_reflns_shell.pdbx_Rrim_I_all             ? 
_reflns_shell.pdbx_Rpim_I_all             ? 
_reflns_shell.pdbx_rejects                ? 
_reflns_shell.pdbx_ordinal                1 
_reflns_shell.pdbx_diffrn_id              1 
_reflns_shell.pdbx_CC_half                ? 
_reflns_shell.pdbx_R_split                ? 
# 
_refine.aniso_B[1][1]                            ? 
_refine.aniso_B[1][2]                            ? 
_refine.aniso_B[1][3]                            ? 
_refine.aniso_B[2][2]                            ? 
_refine.aniso_B[2][3]                            ? 
_refine.aniso_B[3][3]                            ? 
_refine.B_iso_max                                ? 
_refine.B_iso_mean                               ? 
_refine.B_iso_min                                ? 
_refine.correlation_coeff_Fo_to_Fc               ? 
_refine.correlation_coeff_Fo_to_Fc_free          ? 
_refine.details                                  ? 
_refine.diff_density_max                         ? 
_refine.diff_density_max_esd                     ? 
_refine.diff_density_min                         ? 
_refine.diff_density_min_esd                     ? 
_refine.diff_density_rms                         ? 
_refine.diff_density_rms_esd                     ? 
_refine.entry_id                                 6JK0 
_refine.pdbx_refine_id                           'X-RAY DIFFRACTION' 
_refine.ls_abs_structure_details                 ? 
_refine.ls_abs_structure_Flack                   ? 
_refine.ls_abs_structure_Flack_esd               ? 
_refine.ls_abs_structure_Rogers                  ? 
_refine.ls_abs_structure_Rogers_esd              ? 
_refine.ls_d_res_high                            3.1 
_refine.ls_d_res_low                             32.059 
_refine.ls_extinction_coef                       ? 
_refine.ls_extinction_coef_esd                   ? 
_refine.ls_extinction_expression                 ? 
_refine.ls_extinction_method                     ? 
_refine.ls_goodness_of_fit_all                   ? 
_refine.ls_goodness_of_fit_all_esd               ? 
_refine.ls_goodness_of_fit_obs                   ? 
_refine.ls_goodness_of_fit_obs_esd               ? 
_refine.ls_hydrogen_treatment                    ? 
_refine.ls_matrix_type                           ? 
_refine.ls_number_constraints                    ? 
_refine.ls_number_parameters                     ? 
_refine.ls_number_reflns_all                     ? 
_refine.ls_number_reflns_obs                     8406 
_refine.ls_number_reflns_R_free                  848 
_refine.ls_number_reflns_R_work                  ? 
_refine.ls_number_restraints                     ? 
_refine.ls_percent_reflns_obs                    93.79 
_refine.ls_percent_reflns_R_free                 10.09 
_refine.ls_R_factor_all                          ? 
_refine.ls_R_factor_obs                          0.2160 
_refine.ls_R_factor_R_free                       0.2428 
_refine.ls_R_factor_R_free_error                 ? 
_refine.ls_R_factor_R_free_error_details         ? 
_refine.ls_R_factor_R_work                       0.2131 
_refine.ls_R_Fsqd_factor_obs                     ? 
_refine.ls_R_I_factor_obs                        ? 
_refine.ls_redundancy_reflns_all                 ? 
_refine.ls_redundancy_reflns_obs                 ? 
_refine.ls_restrained_S_all                      ? 
_refine.ls_restrained_S_obs                      ? 
_refine.ls_shift_over_esd_max                    ? 
_refine.ls_shift_over_esd_mean                   ? 
_refine.ls_structure_factor_coef                 ? 
_refine.ls_weighting_details                     ? 
_refine.ls_weighting_scheme                      ? 
_refine.ls_wR_factor_all                         ? 
_refine.ls_wR_factor_obs                         ? 
_refine.ls_wR_factor_R_free                      ? 
_refine.ls_wR_factor_R_work                      ? 
_refine.occupancy_max                            ? 
_refine.occupancy_min                            ? 
_refine.solvent_model_details                    ? 
_refine.solvent_model_param_bsol                 ? 
_refine.solvent_model_param_ksol                 ? 
_refine.ls_R_factor_gt                           ? 
_refine.ls_goodness_of_fit_gt                    ? 
_refine.ls_goodness_of_fit_ref                   ? 
_refine.ls_shift_over_su_max                     ? 
_refine.ls_shift_over_su_max_lt                  ? 
_refine.ls_shift_over_su_mean                    ? 
_refine.ls_shift_over_su_mean_lt                 ? 
_refine.pdbx_ls_sigma_I                          ? 
_refine.pdbx_ls_sigma_F                          0.00 
_refine.pdbx_ls_sigma_Fsqd                       ? 
_refine.pdbx_data_cutoff_high_absF               ? 
_refine.pdbx_data_cutoff_high_rms_absF           ? 
_refine.pdbx_data_cutoff_low_absF                ? 
_refine.pdbx_isotropic_thermal_model             ? 
_refine.pdbx_ls_cross_valid_method               'FREE R-VALUE' 
_refine.pdbx_method_to_determine_struct          'MOLECULAR REPLACEMENT' 
_refine.pdbx_starting_model                      4REX 
_refine.pdbx_stereochemistry_target_values       ? 
_refine.pdbx_R_Free_selection_details            ? 
_refine.pdbx_stereochem_target_val_spec_case     ? 
_refine.pdbx_overall_ESU_R                       ? 
_refine.pdbx_overall_ESU_R_Free                  ? 
_refine.pdbx_solvent_vdw_probe_radii             1.11 
_refine.pdbx_solvent_ion_probe_radii             ? 
_refine.pdbx_solvent_shrinkage_radii             0.90 
_refine.pdbx_real_space_R                        ? 
_refine.pdbx_density_correlation                 ? 
_refine.pdbx_pd_number_of_powder_patterns        ? 
_refine.pdbx_pd_number_of_points                 ? 
_refine.pdbx_pd_meas_number_of_points            ? 
_refine.pdbx_pd_proc_ls_prof_R_factor            ? 
_refine.pdbx_pd_proc_ls_prof_wR_factor           ? 
_refine.pdbx_pd_Marquardt_correlation_coeff      ? 
_refine.pdbx_pd_Fsqrd_R_factor                   ? 
_refine.pdbx_pd_ls_matrix_band_width             ? 
_refine.pdbx_overall_phase_error                 23.62 
_refine.pdbx_overall_SU_R_free_Cruickshank_DPI   ? 
_refine.pdbx_overall_SU_R_free_Blow_DPI          ? 
_refine.pdbx_overall_SU_R_Blow_DPI               ? 
_refine.pdbx_TLS_residual_ADP_flag               ? 
_refine.pdbx_diffrn_id                           1 
_refine.overall_SU_B                             ? 
_refine.overall_SU_ML                            0.36 
_refine.overall_SU_R_Cruickshank_DPI             ? 
_refine.overall_SU_R_free                        ? 
_refine.overall_FOM_free_R_set                   ? 
_refine.overall_FOM_work_R_set                   ? 
_refine.pdbx_average_fsc_overall                 ? 
_refine.pdbx_average_fsc_work                    ? 
_refine.pdbx_average_fsc_free                    ? 
# 
_refine_hist.pdbx_refine_id                   'X-RAY DIFFRACTION' 
_refine_hist.cycle_id                         LAST 
_refine_hist.pdbx_number_atoms_protein        879 
_refine_hist.pdbx_number_atoms_nucleic_acid   0 
_refine_hist.pdbx_number_atoms_ligand         2 
_refine_hist.number_atoms_solvent             5 
_refine_hist.number_atoms_total               886 
_refine_hist.d_res_high                       3.1 
_refine_hist.d_res_low                        32.059 
# 
loop_
_refine_ls_restr.pdbx_refine_id 
_refine_ls_restr.criterion 
_refine_ls_restr.dev_ideal 
_refine_ls_restr.dev_ideal_target 
_refine_ls_restr.number 
_refine_ls_restr.rejects 
_refine_ls_restr.type 
_refine_ls_restr.weight 
_refine_ls_restr.pdbx_restraint_function 
'X-RAY DIFFRACTION' ? 0.018  ? 911  ? f_bond_d           ? ? 
'X-RAY DIFFRACTION' ? 1.265  ? 1249 ? f_angle_d          ? ? 
'X-RAY DIFFRACTION' ? 16.620 ? 328  ? f_dihedral_angle_d ? ? 
'X-RAY DIFFRACTION' ? 0.069  ? 125  ? f_chiral_restr     ? ? 
'X-RAY DIFFRACTION' ? 0.006  ? 168  ? f_plane_restr      ? ? 
# 
loop_
_refine_ls_shell.pdbx_refine_id 
_refine_ls_shell.d_res_high 
_refine_ls_shell.d_res_low 
_refine_ls_shell.number_reflns_all 
_refine_ls_shell.number_reflns_obs 
_refine_ls_shell.number_reflns_R_free 
_refine_ls_shell.number_reflns_R_work 
_refine_ls_shell.percent_reflns_obs 
_refine_ls_shell.percent_reflns_R_free 
_refine_ls_shell.R_factor_all 
_refine_ls_shell.R_factor_obs 
_refine_ls_shell.R_factor_R_free 
_refine_ls_shell.R_factor_R_free_error 
_refine_ls_shell.R_factor_R_work 
_refine_ls_shell.redundancy_reflns_all 
_refine_ls_shell.redundancy_reflns_obs 
_refine_ls_shell.wR_factor_all 
_refine_ls_shell.wR_factor_obs 
_refine_ls_shell.wR_factor_R_free 
_refine_ls_shell.wR_factor_R_work 
_refine_ls_shell.pdbx_total_number_of_bins_used 
_refine_ls_shell.pdbx_phase_error 
_refine_ls_shell.pdbx_fsc_work 
_refine_ls_shell.pdbx_fsc_free 
'X-RAY DIFFRACTION' 3.0974 3.2912  . . 121 1089 84.00 . . . 0.3962 . 0.3364 . . . . . . . . . . 
'X-RAY DIFFRACTION' 3.2912 3.5451  . . 137 1204 93.00 . . . 0.3257 . 0.2773 . . . . . . . . . . 
'X-RAY DIFFRACTION' 3.5451 3.9013  . . 145 1274 97.00 . . . 0.2527 . 0.2159 . . . . . . . . . . 
'X-RAY DIFFRACTION' 3.9013 4.4645  . . 143 1278 97.00 . . . 0.2014 . 0.1835 . . . . . . . . . . 
'X-RAY DIFFRACTION' 4.4645 5.6198  . . 148 1329 98.00 . . . 0.2248 . 0.1780 . . . . . . . . . . 
'X-RAY DIFFRACTION' 5.6198 32.0605 . . 154 1384 94.00 . . . 0.2138 . 0.2055 . . . . . . . . . . 
# 
_struct.entry_id                     6JK0 
_struct.title                        'Crystal Structure of YAP1 and Dendrin complex' 
_struct.pdbx_model_details           ? 
_struct.pdbx_formula_weight          ? 
_struct.pdbx_formula_weight_method   ? 
_struct.pdbx_model_type_details      ? 
_struct.pdbx_CASP_flag               N 
# 
_struct_keywords.entry_id        6JK0 
_struct_keywords.text            'WW tandem, PY tandem, KIBRA, PTPN14, SIGNALING PROTEIN' 
_struct_keywords.pdbx_keywords   'SIGNALING PROTEIN' 
# 
loop_
_struct_asym.id 
_struct_asym.pdbx_blank_PDB_chainid_flag 
_struct_asym.pdbx_modified 
_struct_asym.entity_id 
_struct_asym.details 
A N N 1 ? 
B N N 2 ? 
C N N 2 ? 
D N N 3 ? 
# 
_struct_conf.conf_type_id            HELX_P 
_struct_conf.id                      HELX_P1 
_struct_conf.pdbx_PDB_helix_id       AA1 
_struct_conf.beg_label_comp_id       ASP 
_struct_conf.beg_label_asym_id       A 
_struct_conf.beg_label_seq_id        110 
_struct_conf.pdbx_beg_PDB_ins_code   ? 
_struct_conf.end_label_comp_id       ARG 
_struct_conf.end_label_asym_id       A 
_struct_conf.end_label_seq_id        114 
_struct_conf.pdbx_end_PDB_ins_code   ? 
_struct_conf.beg_auth_comp_id        ASP 
_struct_conf.beg_auth_asym_id        A 
_struct_conf.beg_auth_seq_id         245 
_struct_conf.end_auth_comp_id        ARG 
_struct_conf.end_auth_asym_id        A 
_struct_conf.end_auth_seq_id         249 
_struct_conf.pdbx_PDB_helix_class    5 
_struct_conf.details                 ? 
_struct_conf.pdbx_PDB_helix_length   5 
# 
_struct_conf_type.id          HELX_P 
_struct_conf_type.criteria    ? 
_struct_conf_type.reference   ? 
# 
loop_
_struct_sheet.id 
_struct_sheet.type 
_struct_sheet.number_strands 
_struct_sheet.details 
AA1 ? 2 ? 
AA2 ? 3 ? 
AA3 ? 3 ? 
# 
loop_
_struct_sheet_order.sheet_id 
_struct_sheet_order.range_id_1 
_struct_sheet_order.range_id_2 
_struct_sheet_order.offset 
_struct_sheet_order.sense 
AA1 1 2 ? anti-parallel 
AA2 1 2 ? anti-parallel 
AA2 2 3 ? anti-parallel 
AA3 1 2 ? anti-parallel 
AA3 2 3 ? anti-parallel 
# 
loop_
_struct_sheet_range.sheet_id 
_struct_sheet_range.id 
_struct_sheet_range.beg_label_comp_id 
_struct_sheet_range.beg_label_asym_id 
_struct_sheet_range.beg_label_seq_id 
_struct_sheet_range.pdbx_beg_PDB_ins_code 
_struct_sheet_range.end_label_comp_id 
_struct_sheet_range.end_label_asym_id 
_struct_sheet_range.end_label_seq_id 
_struct_sheet_range.pdbx_end_PDB_ins_code 
_struct_sheet_range.beg_auth_comp_id 
_struct_sheet_range.beg_auth_asym_id 
_struct_sheet_range.beg_auth_seq_id 
_struct_sheet_range.end_auth_comp_id 
_struct_sheet_range.end_auth_asym_id 
_struct_sheet_range.end_auth_seq_id 
AA1 1 VAL A 13  ? GLN A 16  ? VAL A 148 GLN A 151 
AA1 2 MET A 56  ? GLN A 59  ? MET A 191 GLN A 194 
AA2 1 TRP A 27  ? LYS A 31  ? TRP A 162 LYS A 166 
AA2 2 ARG A 37  ? ASN A 41  ? ARG A 172 ASN A 176 
AA2 3 THR A 46  ? THR A 48  ? THR A 181 THR A 183 
AA3 1 TRP A 86  ? MET A 90  ? TRP A 221 MET A 225 
AA3 2 VAL A 96  ? ASN A 100 ? VAL A 231 ASN A 235 
AA3 3 THR A 105 ? SER A 107 ? THR A 240 SER A 242 
# 
loop_
_pdbx_struct_sheet_hbond.sheet_id 
_pdbx_struct_sheet_hbond.range_id_1 
_pdbx_struct_sheet_hbond.range_id_2 
_pdbx_struct_sheet_hbond.range_1_label_atom_id 
_pdbx_struct_sheet_hbond.range_1_label_comp_id 
_pdbx_struct_sheet_hbond.range_1_label_asym_id 
_pdbx_struct_sheet_hbond.range_1_label_seq_id 
_pdbx_struct_sheet_hbond.range_1_PDB_ins_code 
_pdbx_struct_sheet_hbond.range_1_auth_atom_id 
_pdbx_struct_sheet_hbond.range_1_auth_comp_id 
_pdbx_struct_sheet_hbond.range_1_auth_asym_id 
_pdbx_struct_sheet_hbond.range_1_auth_seq_id 
_pdbx_struct_sheet_hbond.range_2_label_atom_id 
_pdbx_struct_sheet_hbond.range_2_label_comp_id 
_pdbx_struct_sheet_hbond.range_2_label_asym_id 
_pdbx_struct_sheet_hbond.range_2_label_seq_id 
_pdbx_struct_sheet_hbond.range_2_PDB_ins_code 
_pdbx_struct_sheet_hbond.range_2_auth_atom_id 
_pdbx_struct_sheet_hbond.range_2_auth_comp_id 
_pdbx_struct_sheet_hbond.range_2_auth_asym_id 
_pdbx_struct_sheet_hbond.range_2_auth_seq_id 
AA1 1 2 N LEU A 14  ? N LEU A 149 O SER A 58  ? O SER A 193 
AA2 1 2 N GLU A 28  ? N GLU A 163 O LEU A 40  ? O LEU A 175 
AA2 2 3 N ASN A 41  ? N ASN A 176 O THR A 46  ? O THR A 181 
AA3 1 2 N ALA A 89  ? N ALA A 224 O TYR A 97  ? O TYR A 232 
AA3 2 3 N ASN A 100 ? N ASN A 235 O THR A 105 ? O THR A 240 
# 
_struct_site.id                   AC1 
_struct_site.pdbx_evidence_code   Software 
_struct_site.pdbx_auth_asym_id    A 
_struct_site.pdbx_auth_comp_id    CA 
_struct_site.pdbx_auth_seq_id     302 
_struct_site.pdbx_auth_ins_code   ? 
_struct_site.pdbx_num_residues    1 
_struct_site.details              'binding site for residue CA A 302' 
# 
_struct_site_gen.id                   1 
_struct_site_gen.site_id              AC1 
_struct_site_gen.pdbx_num_res         1 
_struct_site_gen.label_comp_id        GLU 
_struct_site_gen.label_asym_id        A 
_struct_site_gen.label_seq_id         28 
_struct_site_gen.pdbx_auth_ins_code   ? 
_struct_site_gen.auth_comp_id         GLU 
_struct_site_gen.auth_asym_id         A 
_struct_site_gen.auth_seq_id          163 
_struct_site_gen.label_atom_id        . 
_struct_site_gen.label_alt_id         ? 
_struct_site_gen.symmetry             1_555 
_struct_site_gen.details              ? 
# 
_atom_sites.entry_id                    6JK0 
_atom_sites.fract_transf_matrix[1][1]   0.00353222 
_atom_sites.fract_transf_matrix[1][2]   0.00416962 
_atom_sites.fract_transf_matrix[1][3]   -0.01091372 
_atom_sites.fract_transf_matrix[2][1]   0.00520591 
_atom_sites.fract_transf_matrix[2][2]   -0.00757174 
_atom_sites.fract_transf_matrix[2][3]   -0.00803301 
_atom_sites.fract_transf_matrix[3][1]   -0.00516168 
_atom_sites.fract_transf_matrix[3][2]   -0.00126414 
_atom_sites.fract_transf_matrix[3][3]   -0.00215355 
_atom_sites.fract_transf_vector[1]      0.401995 
_atom_sites.fract_transf_vector[2]      0.603747 
_atom_sites.fract_transf_vector[3]      0.395226 
# 
loop_
_atom_type.symbol 
C  
CA 
N  
O  
S  
# 
loop_
_atom_site.group_PDB 
_atom_site.id 
_atom_site.type_symbol 
_atom_site.label_atom_id 
_atom_site.label_alt_id 
_atom_site.label_comp_id 
_atom_site.label_asym_id 
_atom_site.label_entity_id 
_atom_site.label_seq_id 
_atom_site.pdbx_PDB_ins_code 
_atom_site.Cartn_x 
_atom_site.Cartn_y 
_atom_site.Cartn_z 
_atom_site.occupancy 
_atom_site.B_iso_or_equiv 
_atom_site.pdbx_formal_charge 
_atom_site.auth_seq_id 
_atom_site.auth_comp_id 
_atom_site.auth_asym_id 
_atom_site.auth_atom_id 
_atom_site.pdbx_PDB_model_num 
ATOM   1   N  N   . HIS A 1 5   ? 49.570  -5.399  5.169   1.00 130.27 ?  140 HIS A N   1 
ATOM   2   C  CA  . HIS A 1 5   ? 48.701  -4.780  4.170   1.00 126.82 ?  140 HIS A CA  1 
ATOM   3   C  C   . HIS A 1 5   ? 47.208  -5.065  4.403   1.00 131.02 ?  140 HIS A C   1 
ATOM   4   O  O   . HIS A 1 5   ? 46.828  -6.186  4.752   1.00 127.96 ?  140 HIS A O   1 
ATOM   5   C  CB  . HIS A 1 5   ? 49.094  -5.244  2.762   1.00 130.29 ?  140 HIS A CB  1 
ATOM   6   C  CG  . HIS A 1 5   ? 48.203  -4.711  1.679   1.00 131.94 ?  140 HIS A CG  1 
ATOM   7   N  ND1 . HIS A 1 5   ? 48.514  -3.588  0.940   1.00 128.79 ?  140 HIS A ND1 1 
ATOM   8   C  CD2 . HIS A 1 5   ? 47.003  -5.141  1.219   1.00 125.45 ?  140 HIS A CD2 1 
ATOM   9   C  CE1 . HIS A 1 5   ? 47.547  -3.353  0.071   1.00 128.24 ?  140 HIS A CE1 1 
ATOM   10  N  NE2 . HIS A 1 5   ? 46.617  -4.279  0.220   1.00 126.54 ?  140 HIS A NE2 1 
ATOM   11  N  N   . HIS A 1 6   ? 46.386  -4.033  4.180   1.00 132.52 ?  141 HIS A N   1 
ATOM   12  C  CA  . HIS A 1 6   ? 44.918  -4.072  4.284   1.00 136.91 ?  141 HIS A CA  1 
ATOM   13  C  C   . HIS A 1 6   ? 44.330  -2.664  4.015   1.00 138.21 ?  141 HIS A C   1 
ATOM   14  O  O   . HIS A 1 6   ? 45.065  -1.761  3.635   1.00 147.65 ?  141 HIS A O   1 
ATOM   15  C  CB  . HIS A 1 6   ? 44.486  -4.582  5.662   1.00 138.77 ?  141 HIS A CB  1 
ATOM   16  C  CG  . HIS A 1 6   ? 43.005  -4.613  5.850   1.00 141.23 ?  141 HIS A CG  1 
ATOM   17  N  ND1 . HIS A 1 6   ? 42.167  -5.286  4.992   1.00 145.04 ?  141 HIS A ND1 1 
ATOM   18  C  CD2 . HIS A 1 6   ? 42.209  -4.001  6.757   1.00 144.11 ?  141 HIS A CD2 1 
ATOM   19  C  CE1 . HIS A 1 6   ? 40.915  -5.118  5.382   1.00 145.08 ?  141 HIS A CE1 1 
ATOM   20  N  NE2 . HIS A 1 6   ? 40.915  -4.338  6.447   1.00 144.89 ?  141 HIS A NE2 1 
ATOM   21  N  N   . HIS A 1 7   ? 43.019  -2.485  4.180   1.00 138.93 ?  142 HIS A N   1 
ATOM   22  C  CA  . HIS A 1 7   ? 42.387  -1.163  4.243   1.00 165.41 ?  142 HIS A CA  1 
ATOM   23  C  C   . HIS A 1 7   ? 41.129  -1.236  5.098   1.00 72.81  ?  142 HIS A C   1 
ATOM   24  O  O   . HIS A 1 7   ? 40.458  -2.250  5.117   1.00 92.44  ?  142 HIS A O   1 
ATOM   25  C  CB  . HIS A 1 7   ? 42.033  -0.646  2.856   1.00 76.23  ?  142 HIS A CB  1 
ATOM   26  C  CG  . HIS A 1 7   ? 43.084  0.220   2.242   1.00 87.62  ?  142 HIS A CG  1 
ATOM   27  N  ND1 . HIS A 1 7   ? 44.398  -0.173  2.126   1.00 95.51  ?  142 HIS A ND1 1 
ATOM   28  C  CD2 . HIS A 1 7   ? 43.011  1.457   1.699   1.00 91.31  ?  142 HIS A CD2 1 
ATOM   29  C  CE1 . HIS A 1 7   ? 45.097  0.788   1.548   1.00 97.12  ?  142 HIS A CE1 1 
ATOM   30  N  NE2 . HIS A 1 7   ? 44.276  1.791   1.279   1.00 99.56  ?  142 HIS A NE2 1 
ATOM   31  N  N   . SER A 1 8   ? 40.787  -0.165  5.797   1.00 72.07  ?  143 SER A N   1 
ATOM   32  C  CA  . SER A 1 8   ? 39.643  -0.210  6.696   1.00 69.76  ?  143 SER A CA  1 
ATOM   33  C  C   . SER A 1 8   ? 38.396  0.083   5.916   1.00 68.57  ?  143 SER A C   1 
ATOM   34  O  O   . SER A 1 8   ? 38.477  0.678   4.857   1.00 69.59  ?  143 SER A O   1 
ATOM   35  C  CB  . SER A 1 8   ? 39.791  0.792   7.830   1.00 69.59  ?  143 SER A CB  1 
ATOM   36  O  OG  . SER A 1 8   ? 41.124  0.843   8.292   1.00 83.72  ?  143 SER A OG  1 
ATOM   37  N  N   . SER A 1 9   ? 37.243  -0.315  6.438   1.00 66.53  ?  144 SER A N   1 
ATOM   38  C  CA  . SER A 1 9   ? 36.006  -0.156  5.701   1.00 65.37  ?  144 SER A CA  1 
ATOM   39  C  C   . SER A 1 9   ? 35.466  1.235   5.746   1.00 65.09  ?  144 SER A C   1 
ATOM   40  O  O   . SER A 1 9   ? 35.235  1.765   6.809   1.00 64.38  ?  144 SER A O   1 
ATOM   41  C  CB  . SER A 1 9   ? 34.944  -1.089  6.232   1.00 66.16  ?  144 SER A CB  1 
ATOM   42  O  OG  . SER A 1 9   ? 33.748  -0.909  5.495   1.00 62.40  ?  144 SER A OG  1 
ATOM   43  N  N   . GLY A 1 10  ? 35.219  1.805   4.576   1.00 65.71  ?  145 GLY A N   1 
ATOM   44  C  CA  . GLY A 1 10  ? 34.753  3.172   4.471   1.00 65.76  ?  145 GLY A CA  1 
ATOM   45  C  C   . GLY A 1 10  ? 33.251  3.311   4.523   1.00 63.89  ?  145 GLY A C   1 
ATOM   46  O  O   . GLY A 1 10  ? 32.695  4.342   4.188   1.00 63.92  ?  145 GLY A O   1 
ATOM   47  N  N   . LEU A 1 11  ? 32.598  2.265   4.992   1.00 62.35  ?  146 LEU A N   1 
ATOM   48  C  CA  . LEU A 1 11  ? 31.164  2.115   4.854   1.00 60.68  ?  146 LEU A CA  1 
ATOM   49  C  C   . LEU A 1 11  ? 30.341  2.971   5.797   1.00 59.63  ?  146 LEU A C   1 
ATOM   50  O  O   . LEU A 1 11  ? 30.516  2.924   6.996   1.00 59.24  ?  146 LEU A O   1 
ATOM   51  C  CB  . LEU A 1 11  ? 30.822  0.650   5.064   1.00 59.63  ?  146 LEU A CB  1 
ATOM   52  C  CG  . LEU A 1 11  ? 29.412  0.185   4.789   1.00 58.07  ?  146 LEU A CG  1 
ATOM   53  C  CD1 . LEU A 1 11  ? 29.025  0.645   3.420   1.00 71.93  ?  146 LEU A CD1 1 
ATOM   54  C  CD2 . LEU A 1 11  ? 29.361  -1.308  4.884   1.00 57.56  ?  146 LEU A CD2 1 
ATOM   55  N  N   . GLU A 1 12  ? 29.424  3.749   5.252   1.00 59.27  ?  147 GLU A N   1 
ATOM   56  C  CA  . GLU A 1 12  ? 28.478  4.463   6.089   1.00 58.25  ?  147 GLU A CA  1 
ATOM   57  C  C   . GLU A 1 12  ? 27.095  3.973   5.756   1.00 56.77  ?  147 GLU A C   1 
ATOM   58  O  O   . GLU A 1 12  ? 26.757  3.839   4.601   1.00 56.90  ?  147 GLU A O   1 
ATOM   59  C  CB  . GLU A 1 12  ? 28.570  5.957   5.871   1.00 59.28  ?  147 GLU A CB  1 
ATOM   60  C  CG  . GLU A 1 12  ? 29.967  6.477   5.767   1.00 61.12  ?  147 GLU A CG  1 
ATOM   61  C  CD  . GLU A 1 12  ? 29.984  7.971   5.618   1.00 64.10  ?  147 GLU A CD  1 
ATOM   62  O  OE1 . GLU A 1 12  ? 29.161  8.641   6.270   1.00 64.84  ?  147 GLU A OE1 1 
ATOM   63  O  OE2 . GLU A 1 12  ? 30.804  8.480   4.835   1.00 66.01  -1 147 GLU A OE2 1 
ATOM   64  N  N   . VAL A 1 13  ? 26.292  3.700   6.766   1.00 55.49  ?  148 VAL A N   1 
ATOM   65  C  CA  . VAL A 1 13  ? 25.056  2.976   6.563   1.00 54.12  ?  148 VAL A CA  1 
ATOM   66  C  C   . VAL A 1 13  ? 24.007  3.384   7.572   1.00 53.13  ?  148 VAL A C   1 
ATOM   67  O  O   . VAL A 1 13  ? 24.279  3.413   8.753   1.00 53.09  ?  148 VAL A O   1 
ATOM   68  C  CB  . VAL A 1 13  ? 25.282  1.484   6.675   1.00 53.68  ?  148 VAL A CB  1 
ATOM   69  C  CG1 . VAL A 1 13  ? 24.002  0.800   6.914   1.00 52.29  ?  148 VAL A CG1 1 
ATOM   70  C  CG2 . VAL A 1 13  ? 25.901  0.955   5.431   1.00 54.51  ?  148 VAL A CG2 1 
ATOM   71  N  N   . LEU A 1 14  ? 22.805  3.697   7.109   1.00 52.45  ?  149 LEU A N   1 
ATOM   72  C  CA  . LEU A 1 14  ? 21.735  4.081   8.006   1.00 51.65  ?  149 LEU A CA  1 
ATOM   73  C  C   . LEU A 1 14  ? 20.724  2.977   8.172   1.00 50.42  ?  149 LEU A C   1 
ATOM   74  O  O   . LEU A 1 14  ? 20.290  2.389   7.213   1.00 50.05  ?  149 LEU A O   1 
ATOM   75  C  CB  . LEU A 1 14  ? 21.037  5.324   7.496   1.00 51.92  ?  149 LEU A CB  1 
ATOM   76  C  CG  . LEU A 1 14  ? 19.840  5.733   8.342   1.00 51.22  ?  149 LEU A CG  1 
ATOM   77  C  CD1 . LEU A 1 14  ? 20.217  5.885   9.783   1.00 51.39  ?  149 LEU A CD1 1 
ATOM   78  C  CD2 . LEU A 1 14  ? 19.288  7.015   7.841   1.00 51.73  ?  149 LEU A CD2 1 
ATOM   79  N  N   . PHE A 1 15  ? 20.340  2.706   9.401   1.00 49.91  ?  150 PHE A N   1 
ATOM   80  C  CA  . PHE A 1 15  ? 19.333  1.713   9.667   1.00 48.91  ?  150 PHE A CA  1 
ATOM   81  C  C   . PHE A 1 15  ? 18.145  2.363   10.298  1.00 48.50  ?  150 PHE A C   1 
ATOM   82  O  O   . PHE A 1 15  ? 18.258  2.944   11.359  1.00 48.84  ?  150 PHE A O   1 
ATOM   83  C  CB  . PHE A 1 15  ? 19.877  0.641   10.587  1.00 48.84  ?  150 PHE A CB  1 
ATOM   84  C  CG  . PHE A 1 15  ? 18.829  -0.253  11.183  1.00 48.04  ?  150 PHE A CG  1 
ATOM   85  C  CD1 . PHE A 1 15  ? 18.563  -1.481  10.640  1.00 47.59  ?  150 PHE A CD1 1 
ATOM   86  C  CD2 . PHE A 1 15  ? 18.145  0.113   12.309  1.00 47.90  ?  150 PHE A CD2 1 
ATOM   87  C  CE1 . PHE A 1 15  ? 17.623  -2.302  11.180  1.00 47.02  ?  150 PHE A CE1 1 
ATOM   88  C  CE2 . PHE A 1 15  ? 17.200  -0.712  12.848  1.00 47.36  ?  150 PHE A CE2 1 
ATOM   89  C  CZ  . PHE A 1 15  ? 16.947  -1.919  12.288  1.00 46.92  ?  150 PHE A CZ  1 
ATOM   90  N  N   . GLN A 1 16  ? 16.990  2.243   9.671   1.00 47.88  ?  151 GLN A N   1 
ATOM   91  C  CA  . GLN A 1 16  ? 15.777  2.738   10.286  1.00 47.55  ?  151 GLN A CA  1 
ATOM   92  C  C   . GLN A 1 16  ? 14.799  1.610   10.502  1.00 46.75  ?  151 GLN A C   1 
ATOM   93  O  O   . GLN A 1 16  ? 14.402  0.934   9.571   1.00 46.30  ?  151 GLN A O   1 
ATOM   94  C  CB  . GLN A 1 16  ? 15.162  3.817   9.430   1.00 47.73  ?  151 GLN A CB  1 
ATOM   95  C  CG  . GLN A 1 16  ? 15.946  4.075   8.195   1.00 48.22  ?  151 GLN A CG  1 
ATOM   96  C  CD  . GLN A 1 16  ? 15.503  5.323   7.551   1.00 48.70  ?  151 GLN A CD  1 
ATOM   97  O  OE1 . GLN A 1 16  ? 14.713  6.058   8.118   1.00 48.74  ?  151 GLN A OE1 1 
ATOM   98  N  NE2 . GLN A 1 16  ? 15.994  5.584   6.358   1.00 53.62  ?  151 GLN A NE2 1 
ATOM   99  N  N   . GLY A 1 17  ? 14.425  1.397   11.747  1.00 46.72  ?  152 GLY A N   1 
ATOM   100 C  CA  . GLY A 1 17  ? 13.574  0.285   12.079  1.00 46.18  ?  152 GLY A CA  1 
ATOM   101 C  C   . GLY A 1 17  ? 12.159  0.521   11.637  1.00 45.77  ?  152 GLY A C   1 
ATOM   102 O  O   . GLY A 1 17  ? 11.746  1.646   11.415  1.00 45.99  ?  152 GLY A O   1 
ATOM   103 N  N   . PRO A 1 18  ? 11.397  -0.557  11.526  1.00 45.28  ?  153 PRO A N   1 
ATOM   104 C  CA  . PRO A 1 18  ? 9.992   -0.533  11.177  1.00 44.93  ?  153 PRO A CA  1 
ATOM   105 C  C   . PRO A 1 18  ? 9.270   0.189   12.259  1.00 45.33  ?  153 PRO A C   1 
ATOM   106 O  O   . PRO A 1 18  ? 9.320   -0.257  13.382  1.00 81.08  ?  153 PRO A O   1 
ATOM   107 C  CB  . PRO A 1 18  ? 9.603   -1.997  11.187  1.00 44.58  ?  153 PRO A CB  1 
ATOM   108 C  CG  . PRO A 1 18  ? 10.853  -2.749  11.381  1.00 44.73  ?  153 PRO A CG  1 
ATOM   109 C  CD  . PRO A 1 18  ? 11.791  -1.863  12.051  1.00 45.23  ?  153 PRO A CD  1 
ATOM   110 N  N   . GLY A 1 19  ? 8.614   1.282   11.970  1.00 46.51  ?  154 GLY A N   1 
ATOM   111 C  CA  . GLY A 1 19  ? 7.984   1.977   13.060  1.00 48.90  ?  154 GLY A CA  1 
ATOM   112 C  C   . GLY A 1 19  ? 8.727   3.252   13.237  1.00 46.69  ?  154 GLY A C   1 
ATOM   113 O  O   . GLY A 1 19  ? 8.399   4.053   14.084  1.00 53.77  ?  154 GLY A O   1 
ATOM   114 N  N   . SER A 1 20  ? 9.744   3.431   12.419  1.00 46.59  ?  155 SER A N   1 
ATOM   115 C  CA  . SER A 1 20  ? 10.361  4.726   12.267  1.00 47.25  ?  155 SER A CA  1 
ATOM   116 C  C   . SER A 1 20  ? 10.100  5.202   10.872  1.00 47.10  ?  155 SER A C   1 
ATOM   117 O  O   . SER A 1 20  ? 10.561  6.256   10.465  1.00 47.71  ?  155 SER A O   1 
ATOM   118 C  CB  . SER A 1 20  ? 11.847  4.652   12.497  1.00 47.55  ?  155 SER A CB  1 
ATOM   119 O  OG  . SER A 1 20  ? 12.447  3.956   11.429  1.00 50.70  ?  155 SER A OG  1 
ATOM   120 N  N   . VAL A 1 21  ? 9.332   4.399   10.155  1.00 46.41  ?  156 VAL A N   1 
ATOM   121 C  CA  . VAL A 1 21  ? 9.185   4.473   8.720   1.00 46.19  ?  156 VAL A CA  1 
ATOM   122 C  C   . VAL A 1 21  ? 7.688   4.363   8.430   1.00 45.85  ?  156 VAL A C   1 
ATOM   123 O  O   . VAL A 1 21  ? 6.980   3.653   9.129   1.00 45.55  ?  156 VAL A O   1 
ATOM   124 C  CB  . VAL A 1 21  ? 10.013  3.355   8.081   1.00 45.77  ?  156 VAL A CB  1 
ATOM   125 C  CG1 . VAL A 1 21  ? 9.523   2.027   8.555   1.00 45.16  ?  156 VAL A CG1 1 
ATOM   126 C  CG2 . VAL A 1 21  ? 10.003  3.418   6.596   1.00 47.39  ?  156 VAL A CG2 1 
ATOM   127 N  N   . PRO A 1 22  ? 7.176   5.099   7.435   1.00 46.05  ?  157 PRO A N   1 
ATOM   128 C  CA  . PRO A 1 22  ? 5.722   5.170   7.394   1.00 45.92  ?  157 PRO A CA  1 
ATOM   129 C  C   . PRO A 1 22  ? 5.096   3.899   6.853   1.00 45.15  ?  157 PRO A C   1 
ATOM   130 O  O   . PRO A 1 22  ? 5.804   3.061   6.320   1.00 48.24  ?  157 PRO A O   1 
ATOM   131 C  CB  . PRO A 1 22  ? 5.475   6.343   6.465   1.00 46.47  ?  157 PRO A CB  1 
ATOM   132 C  CG  . PRO A 1 22  ? 6.578   6.275   5.535   1.00 46.53  ?  157 PRO A CG  1 
ATOM   133 C  CD  . PRO A 1 22  ? 7.768   5.867   6.334   1.00 46.51  ?  157 PRO A CD  1 
ATOM   134 N  N   . LEU A 1 23  ? 3.787   3.755   7.001   1.00 45.05  ?  158 LEU A N   1 
ATOM   135 C  CA  . LEU A 1 23  ? 3.132   2.525   6.629   1.00 44.44  ?  158 LEU A CA  1 
ATOM   136 C  C   . LEU A 1 23  ? 3.199   2.395   5.137   1.00 44.22  ?  158 LEU A C   1 
ATOM   137 O  O   . LEU A 1 23  ? 3.366   3.394   4.449   1.00 44.63  ?  158 LEU A O   1 
ATOM   138 C  CB  . LEU A 1 23  ? 1.699   2.517   7.122   1.00 44.58  ?  158 LEU A CB  1 
ATOM   139 C  CG  . LEU A 1 23  ? 1.562   2.195   8.596   1.00 44.84  ?  158 LEU A CG  1 
ATOM   140 C  CD1 . LEU A 1 23  ? 0.248   2.602   9.122   1.00 45.35  ?  158 LEU A CD1 1 
ATOM   141 C  CD2 . LEU A 1 23  ? 1.699   0.741   8.761   1.00 44.37  ?  158 LEU A CD2 1 
ATOM   142 N  N   . PRO A 1 24  ? 3.090   1.166   4.614   1.00 43.72  ?  159 PRO A N   1 
ATOM   143 C  CA  . PRO A 1 24  ? 3.082   1.094   3.165   1.00 43.67  ?  159 PRO A CA  1 
ATOM   144 C  C   . PRO A 1 24  ? 1.783   1.680   2.675   1.00 43.83  ?  159 PRO A C   1 
ATOM   145 O  O   . PRO A 1 24  ? 0.917   1.995   3.471   1.00 43.96  ?  159 PRO A O   1 
ATOM   146 C  CB  . PRO A 1 24  ? 3.174   -0.395  2.876   1.00 43.22  ?  159 PRO A CB  1 
ATOM   147 C  CG  . PRO A 1 24  ? 3.464   -1.030  4.137   1.00 43.08  ?  159 PRO A CG  1 
ATOM   148 C  CD  . PRO A 1 24  ? 2.942   -0.164  5.205   1.00 43.34  ?  159 PRO A CD  1 
ATOM   149 N  N   . ALA A 1 25  ? 1.645   1.850   1.377   1.00 43.97  ?  160 ALA A N   1 
ATOM   150 C  CA  . ALA A 1 25  ? 0.490   2.547   0.881   1.00 44.26  ?  160 ALA A CA  1 
ATOM   151 C  C   . ALA A 1 25  ? -0.749  1.722   1.124   1.00 43.91  ?  160 ALA A C   1 
ATOM   152 O  O   . ALA A 1 25  ? -0.701  0.505   1.087   1.00 46.67  ?  160 ALA A O   1 
ATOM   153 C  CB  . ALA A 1 25  ? 0.652   2.838   -0.556  1.00 44.58  ?  160 ALA A CB  1 
ATOM   154 N  N   . GLY A 1 26  ? -1.853  2.389   1.406   1.00 44.24  ?  161 GLY A N   1 
ATOM   155 C  CA  . GLY A 1 26  ? -3.122  1.716   1.528   1.00 44.12  ?  161 GLY A CA  1 
ATOM   156 C  C   . GLY A 1 26  ? -3.374  1.182   2.904   1.00 44.05  ?  161 GLY A C   1 
ATOM   157 O  O   . GLY A 1 26  ? -4.447  0.678   3.188   1.00 59.64  ?  161 GLY A O   1 
ATOM   158 N  N   . TRP A 1 27  ? -2.388  1.287   3.771   1.00 44.02  ?  162 TRP A N   1 
ATOM   159 C  CA  . TRP A 1 27  ? -2.536  0.778   5.111   1.00 44.10  ?  162 TRP A CA  1 
ATOM   160 C  C   . TRP A 1 27  ? -2.877  1.853   6.105   1.00 44.78  ?  162 TRP A C   1 
ATOM   161 O  O   . TRP A 1 27  ? -2.534  3.000   5.930   1.00 45.12  ?  162 TRP A O   1 
ATOM   162 C  CB  . TRP A 1 27  ? -1.275  0.111   5.538   1.00 43.76  ?  162 TRP A CB  1 
ATOM   163 C  CG  . TRP A 1 27  ? -0.992  -1.128  4.861   1.00 43.27  ?  162 TRP A CG  1 
ATOM   164 C  CD1 . TRP A 1 27  ? -0.473  -1.284  3.628   1.00 43.03  ?  162 TRP A CD1 1 
ATOM   165 C  CD2 . TRP A 1 27  ? -1.146  -2.424  5.402   1.00 43.14  ?  162 TRP A CD2 1 
ATOM   166 N  NE1 . TRP A 1 27  ? -0.304  -2.605  3.355   1.00 42.74  ?  162 TRP A NE1 1 
ATOM   167 C  CE2 . TRP A 1 27  ? -0.719  -3.326  4.438   1.00 42.79  ?  162 TRP A CE2 1 
ATOM   168 C  CE3 . TRP A 1 27  ? -1.613  -2.911  6.617   1.00 43.44  ?  162 TRP A CE3 1 
ATOM   169 C  CZ2 . TRP A 1 27  ? -0.750  -4.677  4.643   1.00 42.72  ?  162 TRP A CZ2 1 
ATOM   170 C  CZ3 . TRP A 1 27  ? -1.642  -4.253  6.813   1.00 43.37  ?  162 TRP A CZ3 1 
ATOM   171 C  CH2 . TRP A 1 27  ? -1.218  -5.122  5.837   1.00 43.00  ?  162 TRP A CH2 1 
ATOM   172 N  N   . GLU A 1 28  ? -3.544  1.463   7.170   1.00 45.12  ?  163 GLU A N   1 
ATOM   173 C  CA  . GLU A 1 28  ? -3.926  2.399   8.194   1.00 45.95  ?  163 GLU A CA  1 
ATOM   174 C  C   . GLU A 1 28  ? -3.743  1.706   9.522   1.00 46.20  ?  163 GLU A C   1 
ATOM   175 O  O   . GLU A 1 28  ? -3.816  0.494   9.588   1.00 45.86  ?  163 GLU A O   1 
ATOM   176 C  CB  . GLU A 1 28  ? -5.363  2.854   7.989   1.00 46.55  ?  163 GLU A CB  1 
ATOM   177 C  CG  . GLU A 1 28  ? -5.917  3.777   9.045   1.00 58.37  ?  163 GLU A CG  1 
ATOM   178 C  CD  . GLU A 1 28  ? -7.343  4.186   8.765   1.00 62.72  ?  163 GLU A CD  1 
ATOM   179 O  OE1 . GLU A 1 28  ? -7.852  3.860   7.674   1.00 58.19  ?  163 GLU A OE1 1 
ATOM   180 O  OE2 . GLU A 1 28  ? -7.956  4.830   9.634   1.00 73.64  -1 163 GLU A OE2 1 
ATOM   181 N  N   . MET A 1 29  ? -3.486  2.461   10.580  1.00 46.90  ?  164 MET A N   1 
ATOM   182 C  CA  . MET A 1 29  ? -3.222  1.860   11.866  1.00 47.27  ?  164 MET A CA  1 
ATOM   183 C  C   . MET A 1 29  ? -4.327  2.176   12.838  1.00 48.42  ?  164 MET A C   1 
ATOM   184 O  O   . MET A 1 29  ? -4.873  3.265   12.804  1.00 49.84  ?  164 MET A O   1 
ATOM   185 C  CB  . MET A 1 29  ? -1.898  2.366   12.403  1.00 47.30  ?  164 MET A CB  1 
ATOM   186 C  CG  . MET A 1 29  ? -1.321  1.535   13.515  1.00 47.47  ?  164 MET A CG  1 
ATOM   187 S  SD  . MET A 1 29  ? 0.150   2.284   14.184  1.00 47.69  ?  164 MET A SD  1 
ATOM   188 C  CE  . MET A 1 29  ? -0.539  3.010   15.666  1.00 81.38  ?  164 MET A CE  1 
ATOM   189 N  N   . ALA A 1 30  ? -4.656  1.246   13.719  1.00 48.84  ?  165 ALA A N   1 
ATOM   190 C  CA  . ALA A 1 30  ? -5.745  1.500   14.642  1.00 50.15  ?  165 ALA A CA  1 
ATOM   191 C  C   . ALA A 1 30  ? -5.553  0.798   15.962  1.00 50.90  ?  165 ALA A C   1 
ATOM   192 O  O   . ALA A 1 30  ? -4.628  0.024   16.112  1.00 53.06  ?  165 ALA A O   1 
ATOM   193 C  CB  . ALA A 1 30  ? -7.027  1.087   14.030  1.00 50.26  ?  165 ALA A CB  1 
ATOM   194 N  N   . LYS A 1 31  ? -6.431  1.070   16.920  1.00 52.32  ?  166 LYS A N   1 
ATOM   195 C  CA  . LYS A 1 31  ? -6.347  0.427   18.223  1.00 53.32  ?  166 LYS A CA  1 
ATOM   196 C  C   . LYS A 1 31  ? -7.672  -0.182  18.655  1.00 54.50  ?  166 LYS A C   1 
ATOM   197 O  O   . LYS A 1 31  ? -8.729  0.404   18.453  1.00 55.18  ?  166 LYS A O   1 
ATOM   198 C  CB  . LYS A 1 31  ? -5.903  1.412   19.301  1.00 79.62  ?  166 LYS A CB  1 
ATOM   199 C  CG  . LYS A 1 31  ? -4.697  2.264   18.980  1.00 76.34  ?  166 LYS A CG  1 
ATOM   200 C  CD  . LYS A 1 31  ? -4.190  2.904   20.271  1.00 76.32  ?  166 LYS A CD  1 
ATOM   201 C  CE  . LYS A 1 31  ? -3.142  3.980   20.033  1.00 76.44  ?  166 LYS A CE  1 
ATOM   202 N  NZ  . LYS A 1 31  ? -3.738  5.325   19.792  1.00 70.79  ?  166 LYS A NZ  1 
ATOM   203 N  N   . THR A 1 32  ? -7.616  -1.348  19.282  1.00 54.89  ?  167 THR A N   1 
ATOM   204 C  CA  . THR A 1 32  ? -8.807  -1.936  19.861  1.00 56.32  ?  167 THR A CA  1 
ATOM   205 C  C   . THR A 1 32  ? -9.267  -1.113  21.038  1.00 68.34  ?  167 THR A C   1 
ATOM   206 O  O   . THR A 1 32  ? -8.678  -0.091  21.362  1.00 72.98  ?  167 THR A O   1 
ATOM   207 C  CB  . THR A 1 32  ? -8.562  -3.350  20.336  1.00 56.54  ?  167 THR A CB  1 
ATOM   208 O  OG1 . THR A 1 32  ? -7.848  -3.314  21.571  1.00 72.44  ?  167 THR A OG1 1 
ATOM   209 C  CG2 . THR A 1 32  ? -7.735  -4.075  19.344  1.00 54.79  ?  167 THR A CG2 1 
ATOM   210 N  N   . SER A 1 33  ? -10.328 -1.566  21.685  1.00 66.51  ?  168 SER A N   1 
ATOM   211 C  CA  . SER A 1 33  ? -10.813 -0.905  22.877  1.00 64.59  ?  168 SER A CA  1 
ATOM   212 C  C   . SER A 1 33  ? -9.718  -0.919  23.913  1.00 65.74  ?  168 SER A C   1 
ATOM   213 O  O   . SER A 1 33  ? -9.429  0.087   24.545  1.00 69.27  ?  168 SER A O   1 
ATOM   214 C  CB  . SER A 1 33  ? -12.047 -1.606  23.409  1.00 68.27  ?  168 SER A CB  1 
ATOM   215 O  OG  . SER A 1 33  ? -11.750 -2.971  23.643  1.00 71.17  ?  168 SER A OG  1 
ATOM   216 N  N   . SER A 1 34  ? -9.086  -2.073  24.057  1.00 61.74  ?  169 SER A N   1 
ATOM   217 C  CA  . SER A 1 34  ? -8.051  -2.260  25.056  1.00 62.19  ?  169 SER A CA  1 
ATOM   218 C  C   . SER A 1 34  ? -6.722  -1.692  24.614  1.00 60.56  ?  169 SER A C   1 
ATOM   219 O  O   . SER A 1 34  ? -5.678  -2.127  25.081  1.00 65.25  ?  169 SER A O   1 
ATOM   220 C  CB  . SER A 1 34  ? -7.900  -3.740  25.368  1.00 62.41  ?  169 SER A CB  1 
ATOM   221 O  OG  . SER A 1 34  ? -8.478  -4.517  24.337  1.00 61.48  ?  169 SER A OG  1 
ATOM   222 N  N   . GLY A 1 35  ? -6.756  -0.731  23.701  1.00 63.81  ?  170 GLY A N   1 
ATOM   223 C  CA  . GLY A 1 35  ? -5.554  -0.041  23.278  1.00 59.05  ?  170 GLY A CA  1 
ATOM   224 C  C   . GLY A 1 35  ? -4.569  -0.898  22.513  1.00 61.91  ?  170 GLY A C   1 
ATOM   225 O  O   . GLY A 1 35  ? -3.493  -0.438  22.155  1.00 55.48  ?  170 GLY A O   1 
ATOM   226 N  N   . GLN A 1 36  ? -4.926  -2.149  22.268  1.00 68.03  ?  171 GLN A N   1 
ATOM   227 C  CA  . GLN A 1 36  ? -4.093  -3.018  21.459  1.00 67.73  ?  171 GLN A CA  1 
ATOM   228 C  C   . GLN A 1 36  ? -4.020  -2.475  20.046  1.00 60.18  ?  171 GLN A C   1 
ATOM   229 O  O   . GLN A 1 36  ? -4.994  -1.944  19.542  1.00 64.93  ?  171 GLN A O   1 
ATOM   230 C  CB  . GLN A 1 36  ? -4.645  -4.434  21.452  1.00 84.29  ?  171 GLN A CB  1 
ATOM   231 C  CG  . GLN A 1 36  ? -4.153  -5.301  22.589  1.00 102.92 ?  171 GLN A CG  1 
ATOM   232 C  CD  . GLN A 1 36  ? -4.569  -6.747  22.420  1.00 114.88 ?  171 GLN A CD  1 
ATOM   233 O  OE1 . GLN A 1 36  ? -5.750  -7.043  22.220  1.00 116.67 ?  171 GLN A OE1 1 
ATOM   234 N  NE2 . GLN A 1 36  ? -3.598  -7.657  22.485  1.00 117.12 ?  171 GLN A NE2 1 
ATOM   235 N  N   . ARG A 1 37  ? -2.874  -2.618  19.400  1.00 51.92  ?  172 ARG A N   1 
ATOM   236 C  CA  . ARG A 1 37  ? -2.648  -2.004  18.097  1.00 50.65  ?  172 ARG A CA  1 
ATOM   237 C  C   . ARG A 1 37  ? -2.782  -2.999  16.958  1.00 49.61  ?  172 ARG A C   1 
ATOM   238 O  O   . ARG A 1 37  ? -2.331  -4.120  17.074  1.00 49.44  ?  172 ARG A O   1 
ATOM   239 C  CB  . ARG A 1 37  ? -1.260  -1.366  18.078  1.00 50.10  ?  172 ARG A CB  1 
ATOM   240 C  CG  . ARG A 1 37  ? -0.804  -0.816  16.747  1.00 48.92  ?  172 ARG A CG  1 
ATOM   241 C  CD  . ARG A 1 37  ? 0.712   -0.640  16.706  1.00 48.39  ?  172 ARG A CD  1 
ATOM   242 N  NE  . ARG A 1 37  ? 1.159   0.642   17.237  1.00 50.89  ?  172 ARG A NE  1 
ATOM   243 C  CZ  . ARG A 1 37  ? 2.414   1.077   17.173  1.00 54.41  ?  172 ARG A CZ  1 
ATOM   244 N  NH1 . ARG A 1 37  ? 3.350   0.329   16.601  1.00 51.10  1  172 ARG A NH1 1 
ATOM   245 N  NH2 . ARG A 1 37  ? 2.733   2.257   17.679  1.00 58.34  ?  172 ARG A NH2 1 
ATOM   246 N  N   . TYR A 1 38  ? -3.391  -2.591  15.852  1.00 49.03  ?  173 TYR A N   1 
ATOM   247 C  CA  . TYR A 1 38  ? -3.505  -3.467  14.695  1.00 48.11  ?  173 TYR A CA  1 
ATOM   248 C  C   . TYR A 1 38  ? -3.636  -2.659  13.426  1.00 47.34  ?  173 TYR A C   1 
ATOM   249 O  O   . TYR A 1 38  ? -3.729  -1.443  13.473  1.00 47.59  ?  173 TYR A O   1 
ATOM   250 C  CB  . TYR A 1 38  ? -4.687  -4.414  14.840  1.00 48.73  ?  173 TYR A CB  1 
ATOM   251 C  CG  . TYR A 1 38  ? -6.032  -3.747  14.744  1.00 49.39  ?  173 TYR A CG  1 
ATOM   252 C  CD1 . TYR A 1 38  ? -6.497  -2.935  15.759  1.00 56.34  ?  173 TYR A CD1 1 
ATOM   253 C  CD2 . TYR A 1 38  ? -6.841  -3.933  13.645  1.00 48.96  ?  173 TYR A CD2 1 
ATOM   254 C  CE1 . TYR A 1 38  ? -7.712  -2.322  15.669  1.00 54.76  ?  173 TYR A CE1 1 
ATOM   255 C  CE2 . TYR A 1 38  ? -8.055  -3.322  13.553  1.00 49.63  ?  173 TYR A CE2 1 
ATOM   256 C  CZ  . TYR A 1 38  ? -8.485  -2.523  14.566  1.00 56.61  ?  173 TYR A CZ  1 
ATOM   257 O  OH  . TYR A 1 38  ? -9.702  -1.911  14.479  1.00 71.15  ?  173 TYR A OH  1 
ATOM   258 N  N   . PHE A 1 39  ? -3.663  -3.334  12.287  1.00 46.54  ?  174 PHE A N   1 
ATOM   259 C  CA  . PHE A 1 39  ? -3.513  -2.649  11.017  1.00 45.82  ?  174 PHE A CA  1 
ATOM   260 C  C   . PHE A 1 39  ? -4.561  -3.001  9.989   1.00 45.62  ?  174 PHE A C   1 
ATOM   261 O  O   . PHE A 1 39  ? -4.952  -4.149  9.874   1.00 45.62  ?  174 PHE A O   1 
ATOM   262 C  CB  . PHE A 1 39  ? -2.148  -2.958  10.435  1.00 45.02  ?  174 PHE A CB  1 
ATOM   263 C  CG  . PHE A 1 39  ? -1.044  -2.666  11.357  1.00 45.20  ?  174 PHE A CG  1 
ATOM   264 C  CD1 . PHE A 1 39  ? -0.419  -1.452  11.327  1.00 45.22  ?  174 PHE A CD1 1 
ATOM   265 C  CD2 . PHE A 1 39  ? -0.638  -3.595  12.271  1.00 45.48  ?  174 PHE A CD2 1 
ATOM   266 C  CE1 . PHE A 1 39  ? 0.590   -1.175  12.194  1.00 45.46  ?  174 PHE A CE1 1 
ATOM   267 C  CE2 . PHE A 1 39  ? 0.369   -3.315  13.136  1.00 45.73  ?  174 PHE A CE2 1 
ATOM   268 C  CZ  . PHE A 1 39  ? 0.984   -2.107  13.092  1.00 45.69  ?  174 PHE A CZ  1 
ATOM   269 N  N   . LEU A 1 40  ? -4.978  -2.009  9.215   1.00 45.53  ?  175 LEU A N   1 
ATOM   270 C  CA  . LEU A 1 40  ? -5.950  -2.218  8.171   1.00 45.39  ?  175 LEU A CA  1 
ATOM   271 C  C   . LEU A 1 40  ? -5.317  -2.068  6.816   1.00 44.63  ?  175 LEU A C   1 
ATOM   272 O  O   . LEU A 1 40  ? -4.588  -1.121  6.582   1.00 44.49  ?  175 LEU A O   1 
ATOM   273 C  CB  . LEU A 1 40  ? -7.097  -1.229  8.286   1.00 46.11  ?  175 LEU A CB  1 
ATOM   274 C  CG  . LEU A 1 40  ? -7.373  -0.529  9.597   1.00 47.07  ?  175 LEU A CG  1 
ATOM   275 C  CD1 . LEU A 1 40  ? -8.141  0.704   9.300   1.00 47.63  ?  175 LEU A CD1 1 
ATOM   276 C  CD2 . LEU A 1 40  ? -8.155  -1.409  10.495  1.00 47.81  ?  175 LEU A CD2 1 
ATOM   277 N  N   . ASN A 1 41  ? -5.616  -2.993  5.920   1.00 44.28  ?  176 ASN A N   1 
ATOM   278 C  CA  . ASN A 1 41  ? -5.106  -2.945  4.574   1.00 43.74  ?  176 ASN A CA  1 
ATOM   279 C  C   . ASN A 1 41  ? -6.217  -2.632  3.622   1.00 43.90  ?  176 ASN A C   1 
ATOM   280 O  O   . ASN A 1 41  ? -7.044  -3.478  3.340   1.00 57.03  ?  176 ASN A O   1 
ATOM   281 C  CB  . ASN A 1 41  ? -4.470  -4.267  4.211   1.00 43.35  ?  176 ASN A CB  1 
ATOM   282 C  CG  . ASN A 1 41  ? -3.822  -4.245  2.872   1.00 42.97  ?  176 ASN A CG  1 
ATOM   283 O  OD1 . ASN A 1 41  ? -3.763  -3.215  2.223   1.00 42.99  ?  176 ASN A OD1 1 
ATOM   284 N  ND2 . ASN A 1 41  ? -3.319  -5.386  2.446   1.00 42.77  ?  176 ASN A ND2 1 
ATOM   285 N  N   . HIS A 1 42  ? -6.253  -1.416  3.118   1.00 44.03  ?  177 HIS A N   1 
ATOM   286 C  CA  . HIS A 1 42  ? -7.352  -1.036  2.264   1.00 44.31  ?  177 HIS A CA  1 
ATOM   287 C  C   . HIS A 1 42  ? -7.151  -1.538  0.861   1.00 43.95  ?  177 HIS A C   1 
ATOM   288 O  O   . HIS A 1 42  ? -7.988  -1.352  0.018   1.00 44.18  ?  177 HIS A O   1 
ATOM   289 C  CB  . HIS A 1 42  ? -7.513  0.466   2.248   1.00 44.78  ?  177 HIS A CB  1 
ATOM   290 C  CG  . HIS A 1 42  ? -7.794  1.047   3.592   1.00 45.34  ?  177 HIS A CG  1 
ATOM   291 N  ND1 . HIS A 1 42  ? -8.630  0.446   4.493   1.00 45.72  ?  177 HIS A ND1 1 
ATOM   292 C  CD2 . HIS A 1 42  ? -7.339  2.167   4.188   1.00 45.73  ?  177 HIS A CD2 1 
ATOM   293 C  CE1 . HIS A 1 42  ? -8.682  1.171   5.594   1.00 46.35  ?  177 HIS A CE1 1 
ATOM   294 N  NE2 . HIS A 1 42  ? -7.905  2.224   5.433   1.00 46.34  ?  177 HIS A NE2 1 
ATOM   295 N  N   . ASN A 1 43  ? -6.035  -2.169  0.582   1.00 43.51  ?  178 ASN A N   1 
ATOM   296 C  CA  . ASN A 1 43  ? -5.853  -2.640  -0.762  1.00 43.37  ?  178 ASN A CA  1 
ATOM   297 C  C   . ASN A 1 43  ? -6.589  -3.922  -0.924  1.00 43.35  ?  178 ASN A C   1 
ATOM   298 O  O   . ASN A 1 43  ? -6.837  -4.344  -2.023  1.00 43.40  ?  178 ASN A O   1 
ATOM   299 C  CB  . ASN A 1 43  ? -4.390  -2.855  -1.105  1.00 43.10  ?  178 ASN A CB  1 
ATOM   300 C  CG  . ASN A 1 43  ? -3.558  -1.671  -0.830  1.00 43.21  ?  178 ASN A CG  1 
ATOM   301 O  OD1 . ASN A 1 43  ? -3.316  -0.854  -1.701  1.00 43.47  ?  178 ASN A OD1 1 
ATOM   302 N  ND2 . ASN A 1 43  ? -3.100  -1.563  0.392   1.00 43.12  ?  178 ASN A ND2 1 
ATOM   303 N  N   . ASP A 1 44  ? -6.921  -4.575  0.171   1.00 43.40  ?  179 ASP A N   1 
ATOM   304 C  CA  . ASP A 1 44  ? -7.631  -5.819  0.041   1.00 43.55  ?  179 ASP A CA  1 
ATOM   305 C  C   . ASP A 1 44  ? -8.703  -5.937  1.091   1.00 44.01  ?  179 ASP A C   1 
ATOM   306 O  O   . ASP A 1 44  ? -9.357  -6.957  1.210   1.00 44.31  ?  179 ASP A O   1 
ATOM   307 C  CB  . ASP A 1 44  ? -6.668  -6.993  0.095   1.00 43.32  ?  179 ASP A CB  1 
ATOM   308 C  CG  . ASP A 1 44  ? -6.132  -7.257  1.466   1.00 43.32  ?  179 ASP A CG  1 
ATOM   309 O  OD1 . ASP A 1 44  ? -5.180  -8.053  1.569   1.00 43.18  ?  179 ASP A OD1 1 
ATOM   310 O  OD2 . ASP A 1 44  ? -6.654  -6.689  2.438   1.00 59.78  -1 179 ASP A OD2 1 
ATOM   311 N  N   . GLN A 1 45  ? -8.879  -4.869  1.844   1.00 44.23  ?  180 GLN A N   1 
ATOM   312 C  CA  . GLN A 1 45  ? -9.917  -4.804  2.841   1.00 44.88  ?  180 GLN A CA  1 
ATOM   313 C  C   . GLN A 1 45  ? -9.776  -5.890  3.854   1.00 45.10  ?  180 GLN A C   1 
ATOM   314 O  O   . GLN A 1 45  ? -10.727 -6.605  4.109   1.00 45.67  ?  180 GLN A O   1 
ATOM   315 C  CB  . GLN A 1 45  ? -11.281 -4.894  2.198   1.00 45.34  ?  180 GLN A CB  1 
ATOM   316 C  CG  . GLN A 1 45  ? -11.783 -3.595  1.677   1.00 49.32  ?  180 GLN A CG  1 
ATOM   317 C  CD  . GLN A 1 45  ? -12.799 -3.788  0.605   1.00 56.86  ?  180 GLN A CD  1 
ATOM   318 O  OE1 . GLN A 1 45  ? -12.449 -4.099  -0.524  1.00 66.18  ?  180 GLN A OE1 1 
ATOM   319 N  NE2 . GLN A 1 45  ? -14.067 -3.620  0.945   1.00 46.57  ?  180 GLN A NE2 1 
ATOM   320 N  N   . THR A 1 46  ? -8.586  -6.018  4.421   1.00 44.76  ?  181 THR A N   1 
ATOM   321 C  CA  . THR A 1 46  ? -8.354  -6.948  5.508   1.00 45.09  ?  181 THR A CA  1 
ATOM   322 C  C   . THR A 1 46  ? -7.775  -6.246  6.697   1.00 45.28  ?  181 THR A C   1 
ATOM   323 O  O   . THR A 1 46  ? -7.379  -5.108  6.601   1.00 46.43  ?  181 THR A O   1 
ATOM   324 C  CB  . THR A 1 46  ? -7.388  -8.026  5.134   1.00 44.66  ?  181 THR A CB  1 
ATOM   325 O  OG1 . THR A 1 46  ? -6.175  -7.422  4.694   1.00 44.02  ?  181 THR A OG1 1 
ATOM   326 C  CG2 . THR A 1 46  ? -7.937  -8.856  4.046   1.00 44.65  ?  181 THR A CG2 1 
ATOM   327 N  N   . THR A 1 47  ? -7.702  -6.945  7.819   1.00 45.80  ?  182 THR A N   1 
ATOM   328 C  CA  . THR A 1 47  ? -6.987  -6.455  8.982   1.00 46.03  ?  182 THR A CA  1 
ATOM   329 C  C   . THR A 1 47  ? -6.112  -7.555  9.555   1.00 46.04  ?  182 THR A C   1 
ATOM   330 O  O   . THR A 1 47  ? -6.535  -8.694  9.598   1.00 46.42  ?  182 THR A O   1 
ATOM   331 C  CB  . THR A 1 47  ? -7.943  -5.988  10.057  1.00 47.08  ?  182 THR A CB  1 
ATOM   332 O  OG1 . THR A 1 47  ? -8.697  -7.103  10.523  1.00 47.87  ?  182 THR A OG1 1 
ATOM   333 C  CG2 . THR A 1 47  ? -8.886  -4.991  9.501   1.00 47.24  ?  182 THR A CG2 1 
ATOM   334 N  N   . THR A 1 48  ? -4.896  -7.236  9.979   1.00 45.73  ?  183 THR A N   1 
ATOM   335 C  CA  . THR A 1 48  ? -4.159  -8.164  10.836  1.00 46.03  ?  183 THR A CA  1 
ATOM   336 C  C   . THR A 1 48  ? -3.489  -7.475  11.972  1.00 46.35  ?  183 THR A C   1 
ATOM   337 O  O   . THR A 1 48  ? -3.491  -6.262  12.055  1.00 46.29  ?  183 THR A O   1 
ATOM   338 C  CB  . THR A 1 48  ? -3.074  -8.920  10.124  1.00 45.38  ?  183 THR A CB  1 
ATOM   339 O  OG1 . THR A 1 48  ? -2.268  -7.997  9.394   1.00 44.63  ?  183 THR A OG1 1 
ATOM   340 C  CG2 . THR A 1 48  ? -3.672  -9.972  9.214   1.00 54.46  ?  183 THR A CG2 1 
ATOM   341 N  N   . TRP A 1 49  ? -2.908  -8.285  12.844  1.00 46.80  ?  184 TRP A N   1 
ATOM   342 C  CA  . TRP A 1 49  ? -2.105  -7.795  13.942  1.00 47.15  ?  184 TRP A CA  1 
ATOM   343 C  C   . TRP A 1 49  ? -0.666  -7.471  13.517  1.00 46.33  ?  184 TRP A C   1 
ATOM   344 O  O   . TRP A 1 49  ? 0.021   -6.722  14.187  1.00 46.47  ?  184 TRP A O   1 
ATOM   345 C  CB  . TRP A 1 49  ? -2.041  -8.814  15.066  1.00 48.11  ?  184 TRP A CB  1 
ATOM   346 C  CG  . TRP A 1 49  ? -3.297  -9.151  15.801  1.00 49.30  ?  184 TRP A CG  1 
ATOM   347 C  CD1 . TRP A 1 49  ? -3.911  -10.359 15.834  1.00 49.93  ?  184 TRP A CD1 1 
ATOM   348 C  CD2 . TRP A 1 49  ? -4.039  -8.308  16.679  1.00 50.24  ?  184 TRP A CD2 1 
ATOM   349 N  NE1 . TRP A 1 49  ? -5.008  -10.317 16.646  1.00 51.20  ?  184 TRP A NE1 1 
ATOM   350 C  CE2 . TRP A 1 49  ? -5.111  -9.061  17.178  1.00 51.42  ?  184 TRP A CE2 1 
ATOM   351 C  CE3 . TRP A 1 49  ? -3.919  -6.981  17.079  1.00 50.33  ?  184 TRP A CE3 1 
ATOM   352 C  CZ2 . TRP A 1 49  ? -6.046  -8.542  18.042  1.00 52.70  ?  184 TRP A CZ2 1 
ATOM   353 C  CZ3 . TRP A 1 49  ? -4.848  -6.467  17.937  1.00 54.92  ?  184 TRP A CZ3 1 
ATOM   354 C  CH2 . TRP A 1 49  ? -5.897  -7.242  18.411  1.00 60.76  ?  184 TRP A CH2 1 
ATOM   355 N  N   . GLN A 1 50  ? -0.204  -8.048  12.421  1.00 45.62  ?  185 GLN A N   1 
ATOM   356 C  CA  . GLN A 1 50  ? 1.200   -7.986  12.079  1.00 45.09  ?  185 GLN A CA  1 
ATOM   357 C  C   . GLN A 1 50  ? 1.558   -6.784  11.247  1.00 44.48  ?  185 GLN A C   1 
ATOM   358 O  O   . GLN A 1 50  ? 1.204   -6.707  10.091  1.00 44.03  ?  185 GLN A O   1 
ATOM   359 C  CB  . GLN A 1 50  ? 1.609   -9.247  11.342  1.00 44.87  ?  185 GLN A CB  1 
ATOM   360 C  CG  . GLN A 1 50  ? 2.994   -9.200  10.759  1.00 44.41  ?  185 GLN A CG  1 
ATOM   361 C  CD  . GLN A 1 50  ? 3.311   -10.405 9.919   1.00 44.34  ?  185 GLN A CD  1 
ATOM   362 O  OE1 . GLN A 1 50  ? 2.446   -11.208 9.637   1.00 46.96  ?  185 GLN A OE1 1 
ATOM   363 N  NE2 . GLN A 1 50  ? 4.549   -10.534 9.511   1.00 44.17  ?  185 GLN A NE2 1 
ATOM   364 N  N   . ASP A 1 51  ? 2.288   -5.861  11.858  1.00 44.59  ?  186 ASP A N   1 
ATOM   365 C  CA  . ASP A 1 51  ? 2.806   -4.665  11.216  1.00 44.22  ?  186 ASP A CA  1 
ATOM   366 C  C   . ASP A 1 51  ? 3.479   -5.026  9.929   1.00 43.66  ?  186 ASP A C   1 
ATOM   367 O  O   . ASP A 1 51  ? 4.391   -5.818  9.926   1.00 43.62  ?  186 ASP A O   1 
ATOM   368 C  CB  . ASP A 1 51  ? 3.780   -3.962  12.156  1.00 44.56  ?  186 ASP A CB  1 
ATOM   369 C  CG  . ASP A 1 51  ? 4.141   -2.560  11.716  1.00 44.47  ?  186 ASP A CG  1 
ATOM   370 O  OD1 . ASP A 1 51  ? 4.179   -1.655  12.567  1.00 44.98  ?  186 ASP A OD1 1 
ATOM   371 O  OD2 . ASP A 1 51  ? 4.435   -2.358  10.533  1.00 44.03  -1 186 ASP A OD2 1 
ATOM   372 N  N   . PRO A 1 52  ? 3.007   -4.463  8.823   1.00 43.35  ?  187 PRO A N   1 
ATOM   373 C  CA  . PRO A 1 52  ? 3.495   -4.645  7.467   1.00 42.98  ?  187 PRO A CA  1 
ATOM   374 C  C   . PRO A 1 52  ? 4.888   -4.139  7.230   1.00 42.99  ?  187 PRO A C   1 
ATOM   375 O  O   . PRO A 1 52  ? 5.529   -4.566  6.292   1.00 42.88  ?  187 PRO A O   1 
ATOM   376 C  CB  . PRO A 1 52  ? 2.534   -3.808  6.660   1.00 42.89  ?  187 PRO A CB  1 
ATOM   377 C  CG  . PRO A 1 52  ? 2.090   -2.811  7.561   1.00 43.21  ?  187 PRO A CG  1 
ATOM   378 C  CD  . PRO A 1 52  ? 1.895   -3.520  8.832   1.00 43.51  ?  187 PRO A CD  1 
ATOM   379 N  N   . ARG A 1 53  ? 5.334   -3.212  8.061   1.00 57.84  ?  188 ARG A N   1 
ATOM   380 C  CA  . ARG A 1 53  ? 6.542   -2.462  7.799   1.00 43.39  ?  188 ARG A CA  1 
ATOM   381 C  C   . ARG A 1 53  ? 7.799   -3.261  8.012   1.00 43.48  ?  188 ARG A C   1 
ATOM   382 O  O   . ARG A 1 53  ? 7.851   -4.170  8.829   1.00 43.54  ?  188 ARG A O   1 
ATOM   383 C  CB  . ARG A 1 53  ? 6.575   -1.238  8.678   1.00 43.78  ?  188 ARG A CB  1 
ATOM   384 C  CG  . ARG A 1 53  ? 5.496   -0.277  8.383   1.00 43.87  ?  188 ARG A CG  1 
ATOM   385 C  CD  . ARG A 1 53  ? 5.542   0.859   9.339   1.00 44.42  ?  188 ARG A CD  1 
ATOM   386 N  NE  . ARG A 1 53  ? 5.098   0.468   10.660  1.00 44.67  ?  188 ARG A NE  1 
ATOM   387 C  CZ  . ARG A 1 53  ? 4.944   1.333   11.644  1.00 45.30  ?  188 ARG A CZ  1 
ATOM   388 N  NH1 . ARG A 1 53  ? 5.203   2.608   11.437  1.00 45.68  1  188 ARG A NH1 1 
ATOM   389 N  NH2 . ARG A 1 53  ? 4.536   0.930   12.828  1.00 45.69  ?  188 ARG A NH2 1 
ATOM   390 N  N   . LYS A 1 54  ? 8.828   -2.896  7.269   1.00 43.62  ?  189 LYS A N   1 
ATOM   391 C  CA  . LYS A 1 54  ? 10.091  -3.572  7.350   1.00 43.84  ?  189 LYS A CA  1 
ATOM   392 C  C   . LYS A 1 54  ? 11.180  -2.565  7.593   1.00 44.28  ?  189 LYS A C   1 
ATOM   393 O  O   . LYS A 1 54  ? 11.076  -1.426  7.162   1.00 44.44  ?  189 LYS A O   1 
ATOM   394 C  CB  . LYS A 1 54  ? 10.377  -4.333  6.070   1.00 43.82  ?  189 LYS A CB  1 
ATOM   395 C  CG  . LYS A 1 54  ? 9.386   -5.403  5.717   1.00 43.51  ?  189 LYS A CG  1 
ATOM   396 C  CD  . LYS A 1 54  ? 9.835   -6.091  4.464   1.00 43.69  ?  189 LYS A CD  1 
ATOM   397 C  CE  . LYS A 1 54  ? 8.704   -6.739  3.754   1.00 43.44  ?  189 LYS A CE  1 
ATOM   398 N  NZ  . LYS A 1 54  ? 8.736   -6.265  2.366   1.00 43.61  1  189 LYS A NZ  1 
ATOM   399 N  N   . ALA A 1 55  ? 12.235  -3.000  8.267   1.00 44.58  ?  190 ALA A N   1 
ATOM   400 C  CA  . ALA A 1 55  ? 13.383  -2.162  8.527   1.00 45.10  ?  190 ALA A CA  1 
ATOM   401 C  C   . ALA A 1 55  ? 14.059  -1.734  7.241   1.00 45.44  ?  190 ALA A C   1 
ATOM   402 O  O   . ALA A 1 55  ? 14.009  -2.445  6.256   1.00 45.35  ?  190 ALA A O   1 
ATOM   403 C  CB  . ALA A 1 55  ? 14.326  -2.887  9.381   1.00 45.39  ?  190 ALA A CB  1 
ATOM   404 N  N   . MET A 1 56  ? 14.711  -0.576  7.268   1.00 45.98  ?  191 MET A N   1 
ATOM   405 C  CA  . MET A 1 56  ? 15.370  -0.001  6.095   1.00 46.55  ?  191 MET A CA  1 
ATOM   406 C  C   . MET A 1 56  ? 16.863  0.221   6.263   1.00 47.37  ?  191 MET A C   1 
ATOM   407 O  O   . MET A 1 56  ? 17.268  1.041   7.065   1.00 47.74  ?  191 MET A O   1 
ATOM   408 C  CB  . MET A 1 56  ? 14.758  1.349   5.755   1.00 47.69  ?  191 MET A CB  1 
ATOM   409 C  CG  . MET A 1 56  ? 13.639  1.343   4.763   1.00 50.96  ?  191 MET A CG  1 
ATOM   410 S  SD  . MET A 1 56  ? 14.000  2.484   3.424   1.00 117.85 ?  191 MET A SD  1 
ATOM   411 C  CE  . MET A 1 56  ? 15.194  1.526   2.481   1.00 63.68  ?  191 MET A CE  1 
ATOM   412 N  N   . LEU A 1 57  ? 17.677  -0.465  5.472   1.00 50.52  ?  192 LEU A N   1 
ATOM   413 C  CA  . LEU A 1 57  ? 19.099  -0.142  5.375   1.00 48.80  ?  192 LEU A CA  1 
ATOM   414 C  C   . LEU A 1 57  ? 19.362  0.777   4.221   1.00 60.67  ?  192 LEU A C   1 
ATOM   415 O  O   . LEU A 1 57  ? 18.793  0.620   3.157   1.00 69.69  ?  192 LEU A O   1 
ATOM   416 C  CB  . LEU A 1 57  ? 19.945  -1.387  5.195   1.00 49.10  ?  192 LEU A CB  1 
ATOM   417 C  CG  . LEU A 1 57  ? 20.203  -2.182  6.462   1.00 48.81  ?  192 LEU A CG  1 
ATOM   418 C  CD1 . LEU A 1 57  ? 21.672  -2.480  6.622   1.00 49.75  ?  192 LEU A CD1 1 
ATOM   419 C  CD2 . LEU A 1 57  ? 19.739  -1.403  7.632   1.00 62.91  ?  192 LEU A CD2 1 
ATOM   420 N  N   . SER A 1 58  ? 20.243  1.734   4.411   1.00 55.58  ?  193 SER A N   1 
ATOM   421 C  CA  . SER A 1 58  ? 20.569  2.620   3.321   1.00 53.11  ?  193 SER A CA  1 
ATOM   422 C  C   . SER A 1 58  ? 22.012  3.068   3.430   1.00 52.99  ?  193 SER A C   1 
ATOM   423 O  O   . SER A 1 58  ? 22.419  3.631   4.434   1.00 60.80  ?  193 SER A O   1 
ATOM   424 C  CB  . SER A 1 58  ? 19.617  3.806   3.313   1.00 51.36  ?  193 SER A CB  1 
ATOM   425 O  OG  . SER A 1 58  ? 18.570  3.590   4.243   1.00 50.20  ?  193 SER A OG  1 
ATOM   426 N  N   . GLN A 1 59  ? 22.781  2.772   2.394   1.00 53.80  ?  194 GLN A N   1 
ATOM   427 C  CA  . GLN A 1 59  ? 24.162  3.180   2.281   1.00 55.29  ?  194 GLN A CA  1 
ATOM   428 C  C   . GLN A 1 59  ? 24.217  4.674   2.080   1.00 56.20  ?  194 GLN A C   1 
ATOM   429 O  O   . GLN A 1 59  ? 23.261  5.240   1.590   1.00 55.92  ?  194 GLN A O   1 
ATOM   430 C  CB  . GLN A 1 59  ? 24.811  2.455   1.124   1.00 56.24  ?  194 GLN A CB  1 
ATOM   431 C  CG  . GLN A 1 59  ? 26.283  2.647   1.015   1.00 57.88  ?  194 GLN A CG  1 
ATOM   432 C  CD  . GLN A 1 59  ? 26.899  1.650   0.082   1.00 58.75  ?  194 GLN A CD  1 
ATOM   433 O  OE1 . GLN A 1 59  ? 26.205  0.822   -0.492  1.00 58.10  ?  194 GLN A OE1 1 
ATOM   434 N  NE2 . GLN A 1 59  ? 28.206  1.719   -0.080  1.00 60.35  ?  194 GLN A NE2 1 
ATOM   435 N  N   . LEU A 1 60  ? 25.319  5.319   2.458   1.00 57.40  ?  195 LEU A N   1 
ATOM   436 C  CA  . LEU A 1 60  ? 25.415  6.773   2.385   1.00 58.43  ?  195 LEU A CA  1 
ATOM   437 C  C   . LEU A 1 60  ? 26.613  7.307   1.618   1.00 80.02  ?  195 LEU A C   1 
ATOM   438 O  O   . LEU A 1 60  ? 26.665  8.488   1.312   1.00 90.18  ?  195 LEU A O   1 
ATOM   439 C  CB  . LEU A 1 60  ? 25.439  7.355   3.782   1.00 58.09  ?  195 LEU A CB  1 
ATOM   440 C  CG  . LEU A 1 60  ? 24.163  7.114   4.561   1.00 56.40  ?  195 LEU A CG  1 
ATOM   441 C  CD1 . LEU A 1 60  ? 24.196  7.825   5.864   1.00 56.38  ?  195 LEU A CD1 1 
ATOM   442 C  CD2 . LEU A 1 60  ? 23.062  7.647   3.762   1.00 56.16  ?  195 LEU A CD2 1 
ATOM   443 N  N   . ASN A 1 61  ? 27.577  6.452   1.315   1.00 83.76  ?  196 ASN A N   1 
ATOM   444 C  CA  . ASN A 1 61  ? 28.756  6.890   0.579   1.00 92.95  ?  196 ASN A CA  1 
ATOM   445 C  C   . ASN A 1 61  ? 28.696  6.560   -0.916  1.00 98.10  ?  196 ASN A C   1 
ATOM   446 O  O   . ASN A 1 61  ? 27.623  6.302   -1.463  1.00 100.26 ?  196 ASN A O   1 
ATOM   447 C  CB  . ASN A 1 61  ? 30.012  6.277   1.193   1.00 95.72  ?  196 ASN A CB  1 
ATOM   448 C  CG  . ASN A 1 61  ? 29.821  4.828   1.591   1.00 93.38  ?  196 ASN A CG  1 
ATOM   449 O  OD1 . ASN A 1 61  ? 28.926  4.499   2.366   1.00 91.24  ?  196 ASN A OD1 1 
ATOM   450 N  ND2 . ASN A 1 61  ? 30.661  3.952   1.055   1.00 90.90  ?  196 ASN A ND2 1 
ATOM   451 N  N   . VAL A 1 62  ? 29.856  6.580   -1.567  1.00 88.73  ?  197 VAL A N   1 
ATOM   452 C  CA  . VAL A 1 62  ? 29.967  6.237   -2.981  1.00 87.56  ?  197 VAL A CA  1 
ATOM   453 C  C   . VAL A 1 62  ? 31.321  5.599   -3.286  1.00 83.10  ?  197 VAL A C   1 
ATOM   454 O  O   . VAL A 1 62  ? 31.522  4.403   -3.080  1.00 76.99  ?  197 VAL A O   1 
ATOM   455 C  CB  . VAL A 1 62  ? 29.783  7.474   -3.893  1.00 92.01  ?  197 VAL A CB  1 
ATOM   456 C  CG1 . VAL A 1 62  ? 28.309  7.754   -4.150  1.00 85.80  ?  197 VAL A CG1 1 
ATOM   457 C  CG2 . VAL A 1 62  ? 30.478  8.689   -3.296  1.00 91.64  ?  197 VAL A CG2 1 
ATOM   458 N  N   . SER A 1 79  ? -1.293  12.850  -3.296  1.00 93.53  ?  214 SER A N   1 
ATOM   459 C  CA  . SER A 1 79  ? -1.694  14.109  -3.919  1.00 95.47  ?  214 SER A CA  1 
ATOM   460 C  C   . SER A 1 79  ? -1.818  13.958  -5.431  1.00 95.13  ?  214 SER A C   1 
ATOM   461 O  O   . SER A 1 79  ? -1.438  12.931  -5.991  1.00 96.46  ?  214 SER A O   1 
ATOM   462 C  CB  . SER A 1 79  ? -0.700  15.221  -3.591  1.00 97.78  ?  214 SER A CB  1 
ATOM   463 O  OG  . SER A 1 79  ? 0.501   15.053  -4.322  1.00 98.97  ?  214 SER A OG  1 
ATOM   464 N  N   . GLY A 1 80  ? -2.340  14.991  -6.086  1.00 87.04  ?  215 GLY A N   1 
ATOM   465 C  CA  . GLY A 1 80  ? -2.689  14.911  -7.494  1.00 79.86  ?  215 GLY A CA  1 
ATOM   466 C  C   . GLY A 1 80  ? -4.197  14.960  -7.682  1.00 75.94  ?  215 GLY A C   1 
ATOM   467 O  O   . GLY A 1 80  ? -4.938  15.110  -6.716  1.00 80.22  ?  215 GLY A O   1 
ATOM   468 N  N   . PRO A 1 81  ? -4.663  14.837  -8.928  1.00 63.83  ?  216 PRO A N   1 
ATOM   469 C  CA  . PRO A 1 81  ? -6.088  14.908  -9.239  1.00 56.80  ?  216 PRO A CA  1 
ATOM   470 C  C   . PRO A 1 81  ? -6.727  13.539  -9.295  1.00 59.89  ?  216 PRO A C   1 
ATOM   471 O  O   . PRO A 1 81  ? -6.148  12.629  -9.870  1.00 61.43  ?  216 PRO A O   1 
ATOM   472 C  CB  . PRO A 1 81  ? -6.094  15.544  -10.613 1.00 58.28  ?  216 PRO A CB  1 
ATOM   473 C  CG  . PRO A 1 81  ? -4.891  14.965  -11.252 1.00 58.09  ?  216 PRO A CG  1 
ATOM   474 C  CD  . PRO A 1 81  ? -3.859  14.785  -10.157 1.00 59.27  ?  216 PRO A CD  1 
ATOM   475 N  N   . LEU A 1 82  ? -7.909  13.397  -8.715  1.00 57.15  ?  217 LEU A N   1 
ATOM   476 C  CA  . LEU A 1 82  ? -8.596  12.122  -8.708  1.00 53.88  ?  217 LEU A CA  1 
ATOM   477 C  C   . LEU A 1 82  ? -8.855  11.643  -10.111 1.00 54.11  ?  217 LEU A C   1 
ATOM   478 O  O   . LEU A 1 82  ? -9.217  12.434  -10.973 1.00 64.76  ?  217 LEU A O   1 
ATOM   479 C  CB  . LEU A 1 82  ? -9.902  12.236  -7.959  1.00 53.90  ?  217 LEU A CB  1 
ATOM   480 C  CG  . LEU A 1 82  ? -9.685  12.370  -6.476  1.00 53.50  ?  217 LEU A CG  1 
ATOM   481 C  CD1 . LEU A 1 82  ? -10.945 12.814  -5.815  1.00 61.18  ?  217 LEU A CD1 1 
ATOM   482 C  CD2 . LEU A 1 82  ? -9.316  11.036  -5.999  1.00 52.06  ?  217 LEU A CD2 1 
ATOM   483 N  N   . PRO A 1 83  ? -8.688  10.337  -10.340 1.00 53.03  ?  218 PRO A N   1 
ATOM   484 C  CA  . PRO A 1 83  ? -8.919  9.709   -11.634 1.00 53.21  ?  218 PRO A CA  1 
ATOM   485 C  C   . PRO A 1 83  ? -10.331 9.937   -12.113 1.00 56.95  ?  218 PRO A C   1 
ATOM   486 O  O   . PRO A 1 83  ? -11.177 10.431  -11.374 1.00 60.22  ?  218 PRO A O   1 
ATOM   487 C  CB  . PRO A 1 83  ? -8.690  8.228   -11.359 1.00 51.85  ?  218 PRO A CB  1 
ATOM   488 C  CG  . PRO A 1 83  ? -7.942  8.173   -10.130 1.00 51.11  ?  218 PRO A CG  1 
ATOM   489 C  CD  . PRO A 1 83  ? -8.374  9.336   -9.316  1.00 51.67  ?  218 PRO A CD  1 
ATOM   490 N  N   . ASP A 1 84  ? -10.591 9.560   -13.352 1.00 59.52  ?  219 ASP A N   1 
ATOM   491 C  CA  . ASP A 1 84  ? -11.878 9.847   -13.943 1.00 65.00  ?  219 ASP A CA  1 
ATOM   492 C  C   . ASP A 1 84  ? -12.986 9.021   -13.314 1.00 60.83  ?  219 ASP A C   1 
ATOM   493 O  O   . ASP A 1 84  ? -12.933 7.795   -13.290 1.00 55.49  ?  219 ASP A O   1 
ATOM   494 C  CB  . ASP A 1 84  ? -11.830 9.605   -15.439 1.00 76.90  ?  219 ASP A CB  1 
ATOM   495 C  CG  . ASP A 1 84  ? -12.814 10.455  -16.179 1.00 85.25  ?  219 ASP A CG  1 
ATOM   496 O  OD1 . ASP A 1 84  ? -12.595 11.683  -16.239 1.00 84.37  ?  219 ASP A OD1 1 
ATOM   497 O  OD2 . ASP A 1 84  ? -13.804 9.899   -16.693 1.00 90.73  -1 219 ASP A OD2 1 
ATOM   498 N  N   . GLY A 1 85  ? -13.985 9.710   -12.793 1.00 54.68  ?  220 GLY A N   1 
ATOM   499 C  CA  . GLY A 1 85  ? -15.134 9.046   -12.225 1.00 54.18  ?  220 GLY A CA  1 
ATOM   500 C  C   . GLY A 1 85  ? -15.081 8.920   -10.724 1.00 53.43  ?  220 GLY A C   1 
ATOM   501 O  O   . GLY A 1 85  ? -16.055 8.511   -10.101 1.00 53.25  ?  220 GLY A O   1 
ATOM   502 N  N   . TRP A 1 86  ? -13.946 9.276   -10.140 1.00 53.12  ?  221 TRP A N   1 
ATOM   503 C  CA  . TRP A 1 86  ? -13.753 9.130   -8.715  1.00 52.46  ?  221 TRP A CA  1 
ATOM   504 C  C   . TRP A 1 86  ? -14.031 10.401  -7.962  1.00 53.39  ?  221 TRP A C   1 
ATOM   505 O  O   . TRP A 1 86  ? -13.834 11.485  -8.481  1.00 54.43  ?  221 TRP A O   1 
ATOM   506 C  CB  . TRP A 1 86  ? -12.341 8.692   -8.435  1.00 51.59  ?  221 TRP A CB  1 
ATOM   507 C  CG  . TRP A 1 86  ? -12.119 7.275   -8.662  1.00 50.55  ?  221 TRP A CG  1 
ATOM   508 C  CD1 . TRP A 1 86  ? -11.629 6.695   -9.775  1.00 50.44  ?  221 TRP A CD1 1 
ATOM   509 C  CD2 . TRP A 1 86  ? -12.356 6.238   -7.737  1.00 49.64  ?  221 TRP A CD2 1 
ATOM   510 N  NE1 . TRP A 1 86  ? -11.547 5.345   -9.604  1.00 49.49  ?  221 TRP A NE1 1 
ATOM   511 C  CE2 . TRP A 1 86  ? -11.995 5.044   -8.352  1.00 48.98  ?  221 TRP A CE2 1 
ATOM   512 C  CE3 . TRP A 1 86  ? -12.849 6.203   -6.440  1.00 49.47  ?  221 TRP A CE3 1 
ATOM   513 C  CZ2 . TRP A 1 86  ? -12.116 3.838   -7.728  1.00 48.17  ?  221 TRP A CZ2 1 
ATOM   514 C  CZ3 . TRP A 1 86  ? -12.963 5.007   -5.822  1.00 48.68  ?  221 TRP A CZ3 1 
ATOM   515 C  CH2 . TRP A 1 86  ? -12.603 3.838   -6.461  1.00 48.02  ?  221 TRP A CH2 1 
ATOM   516 N  N   . GLU A 1 87  ? -14.470 10.259  -6.721  1.00 53.15  ?  222 GLU A N   1 
ATOM   517 C  CA  . GLU A 1 87  ? -14.780 11.404  -5.887  1.00 54.15  ?  222 GLU A CA  1 
ATOM   518 C  C   . GLU A 1 87  ? -14.260 11.199  -4.480  1.00 53.58  ?  222 GLU A C   1 
ATOM   519 O  O   . GLU A 1 87  ? -14.302 10.106  -3.947  1.00 52.62  ?  222 GLU A O   1 
ATOM   520 C  CB  . GLU A 1 87  ? -16.291 11.667  -5.854  1.00 55.09  ?  222 GLU A CB  1 
ATOM   521 C  CG  . GLU A 1 87  ? -16.742 12.632  -4.762  1.00 56.14  ?  222 GLU A CG  1 
ATOM   522 C  CD  . GLU A 1 87  ? -18.243 12.792  -4.662  1.00 57.14  ?  222 GLU A CD  1 
ATOM   523 O  OE1 . GLU A 1 87  ? -18.950 12.366  -5.583  1.00 57.18  ?  222 GLU A OE1 1 
ATOM   524 O  OE2 . GLU A 1 87  ? -18.721 13.354  -3.660  1.00 60.01  -1 222 GLU A OE2 1 
ATOM   525 N  N   . GLN A 1 88  ? -13.756 12.255  -3.874  1.00 54.27  ?  223 GLN A N   1 
ATOM   526 C  CA  . GLN A 1 88  ? -13.360 12.165  -2.498  1.00 53.97  ?  223 GLN A CA  1 
ATOM   527 C  C   . GLN A 1 88  ? -14.430 12.794  -1.674  1.00 55.11  ?  223 GLN A C   1 
ATOM   528 O  O   . GLN A 1 88  ? -14.809 13.922  -1.926  1.00 56.40  ?  223 GLN A O   1 
ATOM   529 C  CB  . GLN A 1 88  ? -12.032 12.859  -2.263  1.00 54.05  ?  223 GLN A CB  1 
ATOM   530 C  CG  . GLN A 1 88  ? -11.925 13.459  -0.881  1.00 63.40  ?  223 GLN A CG  1 
ATOM   531 C  CD  . GLN A 1 88  ? -10.530 13.856  -0.515  1.00 54.46  ?  223 GLN A CD  1 
ATOM   532 O  OE1 . GLN A 1 88  ? -9.843  13.110  0.159   1.00 53.49  ?  223 GLN A OE1 1 
ATOM   533 N  NE2 . GLN A 1 88  ? -10.103 15.031  -0.951  1.00 55.52  ?  223 GLN A NE2 1 
ATOM   534 N  N   . ALA A 1 89  ? -14.915 12.078  -0.676  1.00 54.79  ?  224 ALA A N   1 
ATOM   535 C  CA  . ALA A 1 89  ? -16.055 12.565  0.070   1.00 56.03  ?  224 ALA A CA  1 
ATOM   536 C  C   . ALA A 1 89  ? -15.947 12.287  1.543   1.00 56.05  ?  224 ALA A C   1 
ATOM   537 O  O   . ALA A 1 89  ? -15.150 11.471  1.963   1.00 54.92  ?  224 ALA A O   1 
ATOM   538 C  CB  . ALA A 1 89  ? -17.304 11.956  -0.466  1.00 56.16  ?  224 ALA A CB  1 
ATOM   539 N  N   . MET A 1 90  ? -16.789 12.947  2.320   1.00 57.46  ?  225 MET A N   1 
ATOM   540 C  CA  . MET A 1 90  ? -16.729 12.858  3.761   1.00 57.86  ?  225 MET A CA  1 
ATOM   541 C  C   . MET A 1 90  ? -18.076 12.563  4.380   1.00 58.87  ?  225 MET A C   1 
ATOM   542 O  O   . MET A 1 90  ? -19.043 13.220  4.069   1.00 62.25  ?  225 MET A O   1 
ATOM   543 C  CB  . MET A 1 90  ? -16.196 14.156  4.325   1.00 58.97  ?  225 MET A CB  1 
ATOM   544 C  CG  . MET A 1 90  ? -16.632 14.423  5.732   1.00 60.20  ?  225 MET A CG  1 
ATOM   545 S  SD  . MET A 1 90  ? -15.557 15.626  6.498   1.00 61.03  ?  225 MET A SD  1 
ATOM   546 C  CE  . MET A 1 90  ? -16.762 16.623  7.379   1.00 102.26 ?  225 MET A CE  1 
ATOM   547 N  N   . THR A 1 91  ? -18.144 11.597  5.280   1.00 58.50  ?  226 THR A N   1 
ATOM   548 C  CA  . THR A 1 91  ? -19.414 11.247  5.881   1.00 59.61  ?  226 THR A CA  1 
ATOM   549 C  C   . THR A 1 91  ? -19.918 12.316  6.818   1.00 61.56  ?  226 THR A C   1 
ATOM   550 O  O   . THR A 1 91  ? -19.269 13.327  7.020   1.00 62.04  ?  226 THR A O   1 
ATOM   551 C  CB  . THR A 1 91  ? -19.318 9.961   6.659   1.00 58.94  ?  226 THR A CB  1 
ATOM   552 O  OG1 . THR A 1 91  ? -18.826 10.241  7.969   1.00 59.57  ?  226 THR A OG1 1 
ATOM   553 C  CG2 . THR A 1 91  ? -18.388 9.020   5.966   1.00 57.01  ?  226 THR A CG2 1 
ATOM   554 N  N   . GLN A 1 92  ? -21.092 12.087  7.388   1.00 62.85  ?  227 GLN A N   1 
ATOM   555 C  CA  . GLN A 1 92  ? -21.623 12.992  8.388   1.00 64.92  ?  227 GLN A CA  1 
ATOM   556 C  C   . GLN A 1 92  ? -20.676 13.010  9.566   1.00 64.88  ?  227 GLN A C   1 
ATOM   557 O  O   . GLN A 1 92  ? -20.369 14.060  10.109  1.00 66.01  ?  227 GLN A O   1 
ATOM   558 C  CB  . GLN A 1 92  ? -23.021 12.566  8.822   1.00 66.34  ?  227 GLN A CB  1 
ATOM   559 N  N   . ASP A 1 93  ? -20.195 11.828  9.934   1.00 63.64  ?  228 ASP A N   1 
ATOM   560 C  CA  . ASP A 1 93  ? -19.268 11.669  11.043  1.00 63.49  ?  228 ASP A CA  1 
ATOM   561 C  C   . ASP A 1 93  ? -17.933 12.317  10.787  1.00 62.57  ?  228 ASP A C   1 
ATOM   562 O  O   . ASP A 1 93  ? -17.130 12.434  11.686  1.00 62.67  ?  228 ASP A O   1 
ATOM   563 C  CB  . ASP A 1 93  ? -19.043 10.197  11.338  1.00 72.43  ?  228 ASP A CB  1 
ATOM   564 C  CG  . ASP A 1 93  ? -20.149 9.603   12.149  1.00 87.67  ?  228 ASP A CG  1 
ATOM   565 O  OD1 . ASP A 1 93  ? -20.813 10.366  12.876  1.00 82.71  ?  228 ASP A OD1 1 
ATOM   566 O  OD2 . ASP A 1 93  ? -20.350 8.375   12.064  1.00 94.90  -1 228 ASP A OD2 1 
ATOM   567 N  N   . GLY A 1 94  ? -17.673 12.709  9.555   1.00 61.75  ?  229 GLY A N   1 
ATOM   568 C  CA  . GLY A 1 94  ? -16.438 13.400  9.259   1.00 61.12  ?  229 GLY A CA  1 
ATOM   569 C  C   . GLY A 1 94  ? -15.326 12.527  8.724   1.00 59.06  ?  229 GLY A C   1 
ATOM   570 O  O   . GLY A 1 94  ? -14.234 13.015  8.503   1.00 58.55  ?  229 GLY A O   1 
ATOM   571 N  N   . GLU A 1 95  ? -15.597 11.243  8.515   1.00 58.02  ?  230 GLU A N   1 
ATOM   572 C  CA  . GLU A 1 95  ? -14.613 10.336  7.931   1.00 56.18  ?  230 GLU A CA  1 
ATOM   573 C  C   . GLU A 1 95  ? -14.480 10.528  6.445   1.00 55.43  ?  230 GLU A C   1 
ATOM   574 O  O   . GLU A 1 95  ? -15.443 10.802  5.773   1.00 56.00  ?  230 GLU A O   1 
ATOM   575 C  CB  . GLU A 1 95  ? -14.992 8.897   8.190   1.00 55.52  ?  230 GLU A CB  1 
ATOM   576 C  CG  . GLU A 1 95  ? -15.168 8.551   9.623   1.00 56.34  ?  230 GLU A CG  1 
ATOM   577 C  CD  . GLU A 1 95  ? -15.518 7.107   9.789   1.00 62.12  ?  230 GLU A CD  1 
ATOM   578 O  OE1 . GLU A 1 95  ? -16.710 6.769   9.697   1.00 63.43  ?  230 GLU A OE1 1 
ATOM   579 O  OE2 . GLU A 1 95  ? -14.600 6.301   9.992   1.00 64.76  -1 230 GLU A OE2 1 
ATOM   580 N  N   . VAL A 1 96  ? -13.287 10.339  5.920   1.00 54.23  ?  231 VAL A N   1 
ATOM   581 C  CA  . VAL A 1 96  ? -13.043 10.565  4.515   1.00 53.69  ?  231 VAL A CA  1 
ATOM   582 C  C   . VAL A 1 96  ? -13.041 9.268   3.733   1.00 52.39  ?  231 VAL A C   1 
ATOM   583 O  O   . VAL A 1 96  ? -12.471 8.288   4.183   1.00 51.50  ?  231 VAL A O   1 
ATOM   584 C  CB  . VAL A 1 96  ? -11.728 11.279  4.341   1.00 53.49  ?  231 VAL A CB  1 
ATOM   585 C  CG1 . VAL A 1 96  ? -11.372 11.401  2.900   1.00 53.00  ?  231 VAL A CG1 1 
ATOM   586 C  CG2 . VAL A 1 96  ? -11.834 12.624  4.957   1.00 54.96  ?  231 VAL A CG2 1 
ATOM   587 N  N   . TYR A 1 97  ? -13.696 9.250   2.574   1.00 52.40  ?  232 TYR A N   1 
ATOM   588 C  CA  . TYR A 1 97  ? -13.709 8.056   1.745   1.00 51.32  ?  232 TYR A CA  1 
ATOM   589 C  C   . TYR A 1 97  ? -13.820 8.370   0.285   1.00 51.30  ?  232 TYR A C   1 
ATOM   590 O  O   . TYR A 1 97  ? -13.903 9.520   -0.103  1.00 52.15  ?  232 TYR A O   1 
ATOM   591 C  CB  . TYR A 1 97  ? -14.842 7.143   2.148   1.00 51.47  ?  232 TYR A CB  1 
ATOM   592 C  CG  . TYR A 1 97  ? -16.213 7.645   1.808   1.00 52.58  ?  232 TYR A CG  1 
ATOM   593 C  CD1 . TYR A 1 97  ? -16.834 8.598   2.579   1.00 53.93  ?  232 TYR A CD1 1 
ATOM   594 C  CD2 . TYR A 1 97  ? -16.905 7.131   0.732   1.00 52.39  ?  232 TYR A CD2 1 
ATOM   595 C  CE1 . TYR A 1 97  ? -18.099 9.040   2.272   1.00 55.07  ?  232 TYR A CE1 1 
ATOM   596 C  CE2 . TYR A 1 97  ? -18.164 7.568   0.419   1.00 53.47  ?  232 TYR A CE2 1 
ATOM   597 C  CZ  . TYR A 1 97  ? -18.754 8.521   1.189   1.00 54.80  ?  232 TYR A CZ  1 
ATOM   598 O  OH  . TYR A 1 97  ? -20.014 8.945   0.872   1.00 55.98  ?  232 TYR A OH  1 
ATOM   599 N  N   . TYR A 1 98  ? -13.834 7.331   -0.531  1.00 50.45  ?  233 TYR A N   1 
ATOM   600 C  CA  . TYR A 1 98  ? -13.768 7.521   -1.967  1.00 50.42  ?  233 TYR A CA  1 
ATOM   601 C  C   . TYR A 1 98  ? -14.872 6.808   -2.713  1.00 50.45  ?  233 TYR A C   1 
ATOM   602 O  O   . TYR A 1 98  ? -15.328 5.755   -2.302  1.00 50.05  ?  233 TYR A O   1 
ATOM   603 C  CB  . TYR A 1 98  ? -12.411 7.071   -2.462  1.00 49.48  ?  233 TYR A CB  1 
ATOM   604 C  CG  . TYR A 1 98  ? -11.358 7.883   -1.815  1.00 49.62  ?  233 TYR A CG  1 
ATOM   605 C  CD1 . TYR A 1 98  ? -10.968 9.078   -2.364  1.00 50.37  ?  233 TYR A CD1 1 
ATOM   606 C  CD2 . TYR A 1 98  ? -10.795 7.494   -0.620  1.00 49.17  ?  233 TYR A CD2 1 
ATOM   607 C  CE1 . TYR A 1 98  ? -10.030 9.849   -1.765  1.00 50.63  ?  233 TYR A CE1 1 
ATOM   608 C  CE2 . TYR A 1 98  ? -9.858  8.261   -0.012  1.00 49.39  ?  233 TYR A CE2 1 
ATOM   609 C  CZ  . TYR A 1 98  ? -9.481  9.437   -0.591  1.00 50.11  ?  233 TYR A CZ  1 
ATOM   610 O  OH  . TYR A 1 98  ? -8.544  10.212  0.004   1.00 50.44  ?  233 TYR A OH  1 
ATOM   611 N  N   . ILE A 1 99  ? -15.294 7.396   -3.824  1.00 51.04  ?  234 ILE A N   1 
ATOM   612 C  CA  . ILE A 1 99  ? -16.508 6.983   -4.503  1.00 51.40  ?  234 ILE A CA  1 
ATOM   613 C  C   . ILE A 1 99  ? -16.262 6.728   -5.971  1.00 51.19  ?  234 ILE A C   1 
ATOM   614 O  O   . ILE A 1 99  ? -15.649 7.541   -6.629  1.00 51.53  ?  234 ILE A O   1 
ATOM   615 C  CB  . ILE A 1 99  ? -17.583 8.043   -4.361  1.00 52.74  ?  234 ILE A CB  1 
ATOM   616 C  CG1 . ILE A 1 99  ? -17.821 8.351   -2.894  1.00 53.18  ?  234 ILE A CG1 1 
ATOM   617 C  CG2 . ILE A 1 99  ? -18.842 7.556   -4.927  1.00 53.14  ?  234 ILE A CG2 1 
ATOM   618 C  CD1 . ILE A 1 99  ? -18.907 9.321   -2.651  1.00 54.65  ?  234 ILE A CD1 1 
ATOM   619 N  N   . ASN A 1 100 ? -16.723 5.596   -6.488  1.00 50.75  ?  235 ASN A N   1 
ATOM   620 C  CA  . ASN A 1 100 ? -16.576 5.308   -7.902  1.00 50.72  ?  235 ASN A CA  1 
ATOM   621 C  C   . ASN A 1 100 ? -17.909 5.337   -8.574  1.00 56.54  ?  235 ASN A C   1 
ATOM   622 O  O   . ASN A 1 100 ? -18.663 4.372   -8.514  1.00 61.76  ?  235 ASN A O   1 
ATOM   623 C  CB  . ASN A 1 100 ? -15.936 3.957   -8.137  1.00 49.72  ?  235 ASN A CB  1 
ATOM   624 C  CG  . ASN A 1 100 ? -15.560 3.754   -9.571  1.00 49.81  ?  235 ASN A CG  1 
ATOM   625 O  OD1 . ASN A 1 100 ? -15.713 4.647   -10.387 1.00 50.62  ?  235 ASN A OD1 1 
ATOM   626 N  ND2 . ASN A 1 100 ? -15.047 2.588   -9.887  1.00 49.14  ?  235 ASN A ND2 1 
ATOM   627 N  N   . HIS A 1 101 ? -18.198 6.451   -9.223  1.00 57.24  ?  236 HIS A N   1 
ATOM   628 C  CA  . HIS A 1 101 ? -19.505 6.659   -9.796  1.00 53.44  ?  236 HIS A CA  1 
ATOM   629 C  C   . HIS A 1 101 ? -19.699 5.818   -11.037 1.00 53.31  ?  236 HIS A C   1 
ATOM   630 O  O   . HIS A 1 101 ? -20.815 5.508   -11.420 1.00 66.90  ?  236 HIS A O   1 
ATOM   631 C  CB  . HIS A 1 101 ? -19.696 8.126   -10.118 1.00 54.66  ?  236 HIS A CB  1 
ATOM   632 C  CG  . HIS A 1 101 ? -19.786 9.001   -8.912  1.00 55.13  ?  236 HIS A CG  1 
ATOM   633 N  ND1 . HIS A 1 101 ? -20.746 8.831   -7.941  1.00 55.42  ?  236 HIS A ND1 1 
ATOM   634 C  CD2 . HIS A 1 101 ? -19.052 10.067  -8.529  1.00 55.51  ?  236 HIS A CD2 1 
ATOM   635 C  CE1 . HIS A 1 101 ? -20.595 9.749   -7.008  1.00 55.98  ?  236 HIS A CE1 1 
ATOM   636 N  NE2 . HIS A 1 101 ? -19.574 10.513  -7.341  1.00 56.02  ?  236 HIS A NE2 1 
ATOM   637 N  N   . LYS A 1 102 ? -18.607 5.432   -11.666 1.00 52.73  ?  237 LYS A N   1 
ATOM   638 C  CA  . LYS A 1 102 ? -18.706 4.600   -12.834 1.00 52.71  ?  237 LYS A CA  1 
ATOM   639 C  C   . LYS A 1 102 ? -18.985 3.167   -12.411 1.00 51.90  ?  237 LYS A C   1 
ATOM   640 O  O   . LYS A 1 102 ? -19.230 2.321   -13.235 1.00 62.93  ?  237 LYS A O   1 
ATOM   641 C  CB  . LYS A 1 102 ? -17.432 4.692   -13.670 1.00 52.61  ?  237 LYS A CB  1 
ATOM   642 N  N   . ASN A 1 103 ? -18.965 2.898   -11.117 1.00 51.33  ?  238 ASN A N   1 
ATOM   643 C  CA  . ASN A 1 103 ? -19.159 1.549   -10.615 1.00 50.69  ?  238 ASN A CA  1 
ATOM   644 C  C   . ASN A 1 103 ? -20.230 1.492   -9.597  1.00 51.02  ?  238 ASN A C   1 
ATOM   645 O  O   . ASN A 1 103 ? -20.680 0.426   -9.234  1.00 50.82  ?  238 ASN A O   1 
ATOM   646 C  CB  . ASN A 1 103 ? -17.899 1.017   -9.977  1.00 77.15  ?  238 ASN A CB  1 
ATOM   647 C  CG  . ASN A 1 103 ? -17.055 0.293   -10.936 1.00 76.53  ?  238 ASN A CG  1 
ATOM   648 O  OD1 . ASN A 1 103 ? -17.201 0.457   -12.140 1.00 89.12  ?  238 ASN A OD1 1 
ATOM   649 N  ND2 . ASN A 1 103 ? -16.157 -0.528  -10.427 1.00 75.96  ?  238 ASN A ND2 1 
ATOM   650 N  N   . LYS A 1 104 ? -20.611 2.659   -9.114  1.00 51.67  ?  239 LYS A N   1 
ATOM   651 C  CA  . LYS A 1 104 ? -21.474 2.746   -7.966  1.00 52.12  ?  239 LYS A CA  1 
ATOM   652 C  C   . LYS A 1 104 ? -20.885 1.918   -6.823  1.00 53.66  ?  239 LYS A C   1 
ATOM   653 O  O   . LYS A 1 104 ? -21.563 1.076   -6.245  1.00 54.34  ?  239 LYS A O   1 
ATOM   654 C  CB  . LYS A 1 104 ? -22.888 2.293   -8.319  1.00 52.91  ?  239 LYS A CB  1 
ATOM   655 N  N   . THR A 1 105 ? -19.610 2.155   -6.520  1.00 50.59  ?  240 THR A N   1 
ATOM   656 C  CA  . THR A 1 105 ? -18.945 1.522   -5.385  1.00 49.90  ?  240 THR A CA  1 
ATOM   657 C  C   . THR A 1 105 ? -18.135 2.516   -4.592  1.00 49.84  ?  240 THR A C   1 
ATOM   658 O  O   . THR A 1 105 ? -17.821 3.584   -5.082  1.00 51.96  ?  240 THR A O   1 
ATOM   659 C  CB  . THR A 1 105 ? -18.016 0.429   -5.818  1.00 48.95  ?  240 THR A CB  1 
ATOM   660 O  OG1 . THR A 1 105 ? -17.239 0.907   -6.912  1.00 48.77  ?  240 THR A OG1 1 
ATOM   661 C  CG2 . THR A 1 105 ? -18.793 -0.759  -6.264  1.00 57.52  ?  240 THR A CG2 1 
ATOM   662 N  N   . THR A 1 106 ? -17.783 2.145   -3.368  1.00 49.54  ?  241 THR A N   1 
ATOM   663 C  CA  . THR A 1 106 ? -17.062 3.021   -2.466  1.00 49.58  ?  241 THR A CA  1 
ATOM   664 C  C   . THR A 1 106 ? -15.852 2.345   -1.861  1.00 48.64  ?  241 THR A C   1 
ATOM   665 O  O   . THR A 1 106 ? -15.840 1.138   -1.708  1.00 48.18  ?  241 THR A O   1 
ATOM   666 C  CB  . THR A 1 106 ? -17.933 3.459   -1.338  1.00 50.51  ?  241 THR A CB  1 
ATOM   667 O  OG1 . THR A 1 106 ? -18.522 2.299   -0.758  1.00 50.52  ?  241 THR A OG1 1 
ATOM   668 C  CG2 . THR A 1 106 ? -19.001 4.332   -1.839  1.00 51.58  ?  241 THR A CG2 1 
ATOM   669 N  N   . SER A 1 107 ? -14.848 3.127   -1.487  1.00 48.48  ?  242 SER A N   1 
ATOM   670 C  CA  . SER A 1 107 ? -13.672 2.570   -0.843  1.00 47.69  ?  242 SER A CA  1 
ATOM   671 C  C   . SER A 1 107 ? -13.022 3.510   0.154   1.00 47.94  ?  242 SER A C   1 
ATOM   672 O  O   . SER A 1 107 ? -13.159 4.726   0.057   1.00 48.61  ?  242 SER A O   1 
ATOM   673 C  CB  . SER A 1 107 ? -12.638 2.176   -1.880  1.00 46.94  ?  242 SER A CB  1 
ATOM   674 O  OG  . SER A 1 107 ? -11.548 1.537   -1.247  1.00 46.25  ?  242 SER A OG  1 
ATOM   675 N  N   . TRP A 1 108 ? -12.306 2.927   1.111   1.00 47.49  ?  243 TRP A N   1 
ATOM   676 C  CA  . TRP A 1 108 ? -11.516 3.696   2.063   1.00 47.66  ?  243 TRP A CA  1 
ATOM   677 C  C   . TRP A 1 108 ? -10.184 4.108   1.461   1.00 47.14  ?  243 TRP A C   1 
ATOM   678 O  O   . TRP A 1 108 ? -9.500  4.946   2.007   1.00 47.40  ?  243 TRP A O   1 
ATOM   679 C  CB  . TRP A 1 108 ? -11.244 2.904   3.332   1.00 47.50  ?  243 TRP A CB  1 
ATOM   680 C  CG  . TRP A 1 108 ? -12.366 2.729   4.263   1.00 48.33  ?  243 TRP A CG  1 
ATOM   681 C  CD1 . TRP A 1 108 ? -12.890 1.558   4.678   1.00 48.34  ?  243 TRP A CD1 1 
ATOM   682 C  CD2 . TRP A 1 108 ? -13.079 3.749   4.941   1.00 49.47  ?  243 TRP A CD2 1 
ATOM   683 N  NE1 . TRP A 1 108 ? -13.908 1.778   5.559   1.00 49.44  ?  243 TRP A NE1 1 
ATOM   684 C  CE2 . TRP A 1 108 ? -14.042 3.123   5.736   1.00 50.16  ?  243 TRP A CE2 1 
ATOM   685 C  CE3 . TRP A 1 108 ? -13.013 5.131   4.937   1.00 50.13  ?  243 TRP A CE3 1 
ATOM   686 C  CZ2 . TRP A 1 108 ? -14.919 3.827   6.517   1.00 51.48  ?  243 TRP A CZ2 1 
ATOM   687 C  CZ3 . TRP A 1 108 ? -13.882 5.824   5.711   1.00 51.41  ?  243 TRP A CZ3 1 
ATOM   688 C  CH2 . TRP A 1 108 ? -14.822 5.177   6.493   1.00 52.08  ?  243 TRP A CH2 1 
ATOM   689 N  N   . LEU A 1 109 ? -9.828  3.510   0.337   1.00 46.56  ?  244 LEU A N   1 
ATOM   690 C  CA  . LEU A 1 109 ? -8.528  3.704   -0.265  1.00 46.15  ?  244 LEU A CA  1 
ATOM   691 C  C   . LEU A 1 109 ? -8.519  4.733   -1.379  1.00 46.67  ?  244 LEU A C   1 
ATOM   692 O  O   . LEU A 1 109 ? -9.175  4.557   -2.387  1.00 61.27  ?  244 LEU A O   1 
ATOM   693 C  CB  . LEU A 1 109 ? -8.028  2.377   -0.811  1.00 45.38  ?  244 LEU A CB  1 
ATOM   694 C  CG  . LEU A 1 109 ? -6.896  2.472   -1.817  1.00 45.17  ?  244 LEU A CG  1 
ATOM   695 C  CD1 . LEU A 1 109 ? -5.662  2.901   -1.105  1.00 45.07  ?  244 LEU A CD1 1 
ATOM   696 C  CD2 . LEU A 1 109 ? -6.666  1.168   -2.523  1.00 44.67  ?  244 LEU A CD2 1 
ATOM   697 N  N   . ASP A 1 110 ? -7.757  5.796   -1.207  1.00 47.07  ?  245 ASP A N   1 
ATOM   698 C  CA  . ASP A 1 110 ? -7.582  6.771   -2.257  1.00 47.71  ?  245 ASP A CA  1 
ATOM   699 C  C   . ASP A 1 110 ? -7.146  6.078   -3.510  1.00 47.33  ?  245 ASP A C   1 
ATOM   700 O  O   . ASP A 1 110 ? -6.106  5.466   -3.540  1.00 46.79  ?  245 ASP A O   1 
ATOM   701 C  CB  . ASP A 1 110 ? -6.553  7.817   -1.854  1.00 48.16  ?  245 ASP A CB  1 
ATOM   702 C  CG  . ASP A 1 110 ? -6.343  8.879   -2.909  1.00 49.04  ?  245 ASP A CG  1 
ATOM   703 O  OD1 . ASP A 1 110 ? -6.294  8.554   -4.102  1.00 49.02  ?  245 ASP A OD1 1 
ATOM   704 O  OD2 . ASP A 1 110 ? -6.211  10.059  -2.547  1.00 49.90  -1 245 ASP A OD2 1 
ATOM   705 N  N   . PRO A 1 111 ? -7.937  6.202   -4.570  1.00 47.76  ?  246 PRO A N   1 
ATOM   706 C  CA  . PRO A 1 111 ? -7.661  5.622   -5.879  1.00 47.67  ?  246 PRO A CA  1 
ATOM   707 C  C   . PRO A 1 111 ? -6.277  5.912   -6.387  1.00 47.83  ?  246 PRO A C   1 
ATOM   708 O  O   . PRO A 1 111 ? -5.772  5.144   -7.181  1.00 47.62  ?  246 PRO A O   1 
ATOM   709 C  CB  . PRO A 1 111 ? -8.681  6.300   -6.778  1.00 48.53  ?  246 PRO A CB  1 
ATOM   710 C  CG  . PRO A 1 111 ? -9.153  7.459   -6.025  1.00 49.19  ?  246 PRO A CG  1 
ATOM   711 C  CD  . PRO A 1 111 ? -9.130  7.048   -4.615  1.00 48.58  ?  246 PRO A CD  1 
ATOM   712 N  N   . ARG A 1 112 ? -5.686  7.014   -5.948  1.00 49.29  ?  247 ARG A N   1 
ATOM   713 C  CA  . ARG A 1 112 ? -4.407  7.463   -6.481  1.00 48.81  ?  247 ARG A CA  1 
ATOM   714 C  C   . ARG A 1 112 ? -3.282  6.631   -5.917  1.00 48.02  ?  247 ARG A C   1 
ATOM   715 O  O   . ARG A 1 112 ? -2.215  6.525   -6.502  1.00 48.24  ?  247 ARG A O   1 
ATOM   716 C  CB  . ARG A 1 112 ? -4.190  8.937   -6.176  1.00 49.78  ?  247 ARG A CB  1 
ATOM   717 C  CG  . ARG A 1 112 ? -5.143  9.828   -6.915  1.00 50.81  ?  247 ARG A CG  1 
ATOM   718 C  CD  . ARG A 1 112 ? -5.093  11.260  -6.458  1.00 51.87  ?  247 ARG A CD  1 
ATOM   719 N  NE  . ARG A 1 112 ? -5.590  11.424  -5.102  1.00 51.58  ?  247 ARG A NE  1 
ATOM   720 C  CZ  . ARG A 1 112 ? -5.745  12.604  -4.518  1.00 62.36  ?  247 ARG A CZ  1 
ATOM   721 N  NH1 . ARG A 1 112 ? -5.454  13.714  -5.179  1.00 70.71  1  247 ARG A NH1 1 
ATOM   722 N  NH2 . ARG A 1 112 ? -6.193  12.680  -3.282  1.00 52.37  ?  247 ARG A NH2 1 
ATOM   723 N  N   . ASP A 1 113 ? -3.546  6.009   -4.785  1.00 47.23  ?  248 ASP A N   1 
ATOM   724 C  CA  . ASP A 1 113 ? -2.560  5.176   -4.149  1.00 46.53  ?  248 ASP A CA  1 
ATOM   725 C  C   . ASP A 1 113 ? -2.539  3.789   -4.753  1.00 45.96  ?  248 ASP A C   1 
ATOM   726 O  O   . ASP A 1 113 ? -1.713  2.964   -4.397  1.00 48.80  ?  248 ASP A O   1 
ATOM   727 C  CB  . ASP A 1 113 ? -2.834  5.094   -2.660  1.00 46.10  ?  248 ASP A CB  1 
ATOM   728 C  CG  . ASP A 1 113 ? -2.606  6.402   -1.964  1.00 46.75  ?  248 ASP A CG  1 
ATOM   729 O  OD1 . ASP A 1 113 ? -3.056  6.553   -0.817  1.00 46.70  ?  248 ASP A OD1 1 
ATOM   730 O  OD2 . ASP A 1 113 ? -1.976  7.290   -2.563  1.00 50.23  -1 248 ASP A OD2 1 
ATOM   731 N  N   . ARG A 1 114 ? -3.454  3.512   -5.664  1.00 46.72  ?  249 ARG A N   1 
ATOM   732 C  CA  . ARG A 1 114 ? -3.503  2.179   -6.229  1.00 45.69  ?  249 ARG A CA  1 
ATOM   733 C  C   . ARG A 1 114 ? -2.309  1.983   -7.138  1.00 47.43  ?  249 ARG A C   1 
ATOM   734 O  O   . ARG A 1 114 ? -1.801  2.939   -7.703  1.00 48.73  ?  249 ARG A O   1 
ATOM   735 C  CB  . ARG A 1 114 ? -4.803  1.956   -6.987  1.00 45.89  ?  249 ARG A CB  1 
ATOM   736 C  CG  . ARG A 1 114 ? -6.038  2.035   -6.128  1.00 45.68  ?  249 ARG A CG  1 
ATOM   737 C  CD  . ARG A 1 114 ? -7.280  2.126   -7.009  1.00 46.14  ?  249 ARG A CD  1 
ATOM   738 N  NE  . ARG A 1 114 ? -7.101  3.128   -8.051  1.00 46.96  ?  249 ARG A NE  1 
ATOM   739 C  CZ  . ARG A 1 114 ? -7.854  3.223   -9.137  1.00 50.27  ?  249 ARG A CZ  1 
ATOM   740 N  NH1 . ARG A 1 114 ? -8.851  2.379   -9.334  1.00 47.32  ?  249 ARG A NH1 1 
ATOM   741 N  NH2 . ARG A 1 114 ? -7.606  4.165   -10.031 1.00 58.56  ?  249 ARG A NH2 1 
ATOM   742 N  N   . PRO A 1 115 ? -1.827  0.745   -7.237  1.00 49.69  ?  250 PRO A N   1 
ATOM   743 C  CA  . PRO A 1 115 ? -0.851  0.362   -8.238  1.00 46.12  ?  250 PRO A CA  1 
ATOM   744 C  C   . PRO A 1 115 ? -1.598  -0.067  -9.478  1.00 46.55  ?  250 PRO A C   1 
ATOM   745 O  O   . PRO A 1 115 ? -2.817  -0.162  -9.432  1.00 52.13  ?  250 PRO A O   1 
ATOM   746 C  CB  . PRO A 1 115 ? -0.121  -0.807  -7.591  1.00 45.54  ?  250 PRO A CB  1 
ATOM   747 C  CG  . PRO A 1 115 ? -0.914  -1.181  -6.401  1.00 51.17  ?  250 PRO A CG  1 
ATOM   748 C  CD  . PRO A 1 115 ? -2.170  -0.396  -6.388  1.00 57.11  ?  250 PRO A CD  1 
ATOM   749 N  N   . PRO A 1 116 ? -0.893  -0.315  -10.579 1.00 47.27  ?  251 PRO A N   1 
ATOM   750 C  CA  . PRO A 1 116 ? -1.622  -0.727  -11.765 1.00 47.79  ?  251 PRO A CA  1 
ATOM   751 C  C   . PRO A 1 116 ? -2.300  -2.057  -11.543 1.00 47.14  ?  251 PRO A C   1 
ATOM   752 O  O   . PRO A 1 116 ? -1.937  -2.788  -10.633 1.00 46.46  ?  251 PRO A O   1 
ATOM   753 C  CB  . PRO A 1 116 ? -0.532  -0.820  -12.820 1.00 48.80  ?  251 PRO A CB  1 
ATOM   754 C  CG  . PRO A 1 116 ? 0.522   0.084   -12.346 1.00 49.04  ?  251 PRO A CG  1 
ATOM   755 C  CD  . PRO A 1 116 ? 0.527   -0.093  -10.875 1.00 47.90  ?  251 PRO A CD  1 
ATOM   756 N  N   . PRO A 1 117 ? -3.301  -2.366  -12.362 1.00 47.45  ?  252 PRO A N   1 
ATOM   757 C  CA  . PRO A 1 117 ? -4.110  -3.524  -12.052 1.00 46.91  ?  252 PRO A CA  1 
ATOM   758 C  C   . PRO A 1 117 ? -3.415  -4.772  -12.488 1.00 47.12  ?  252 PRO A C   1 
ATOM   759 O  O   . PRO A 1 117 ? -2.496  -4.708  -13.288 1.00 47.87  ?  252 PRO A O   1 
ATOM   760 C  CB  . PRO A 1 117 ? -5.370  -3.278  -12.856 1.00 47.35  ?  252 PRO A CB  1 
ATOM   761 C  CG  . PRO A 1 117 ? -5.303  -1.854  -13.263 1.00 47.94  ?  252 PRO A CG  1 
ATOM   762 C  CD  . PRO A 1 117 ? -3.885  -1.607  -13.467 1.00 48.33  ?  252 PRO A CD  1 
ATOM   763 N  N   . TYR A 1 118 ? -3.836  -5.900  -11.951 1.00 46.63  ?  253 TYR A N   1 
ATOM   764 C  CA  . TYR A 1 118 ? -3.273  -7.160  -12.360 1.00 46.96  ?  253 TYR A CA  1 
ATOM   765 C  C   . TYR A 1 118 ? -3.763  -7.471  -13.754 1.00 47.86  ?  253 TYR A C   1 
ATOM   766 O  O   . TYR A 1 118 ? -4.955  -7.466  -14.008 1.00 47.87  ?  253 TYR A O   1 
ATOM   767 C  CB  . TYR A 1 118 ? -3.670  -8.253  -11.385 1.00 46.33  ?  253 TYR A CB  1 
ATOM   768 C  CG  . TYR A 1 118 ? -2.959  -9.550  -11.596 1.00 46.70  ?  253 TYR A CG  1 
ATOM   769 C  CD1 . TYR A 1 118 ? -1.791  -9.833  -10.945 1.00 46.53  ?  253 TYR A CD1 1 
ATOM   770 C  CD2 . TYR A 1 118 ? -3.463  -10.494 -12.444 1.00 47.33  ?  253 TYR A CD2 1 
ATOM   771 C  CE1 . TYR A 1 118 ? -1.152  -11.014 -11.144 1.00 47.01  ?  253 TYR A CE1 1 
ATOM   772 C  CE2 . TYR A 1 118 ? -2.829  -11.669 -12.642 1.00 47.82  ?  253 TYR A CE2 1 
ATOM   773 C  CZ  . TYR A 1 118 ? -1.683  -11.928 -11.993 1.00 47.67  ?  253 TYR A CZ  1 
ATOM   774 O  OH  . TYR A 1 118 ? -1.066  -13.122 -12.209 1.00 48.30  ?  253 TYR A OH  1 
ATOM   775 N  N   . VAL A 1 119 ? -2.850  -7.728  -14.673 1.00 48.75  ?  254 VAL A N   1 
ATOM   776 C  CA  . VAL A 1 119 ? -3.257  -8.088  -16.018 1.00 49.78  ?  254 VAL A CA  1 
ATOM   777 C  C   . VAL A 1 119 ? -3.521  -9.575  -16.122 1.00 49.95  ?  254 VAL A C   1 
ATOM   778 O  O   . VAL A 1 119 ? -2.608  -10.386 -16.052 1.00 57.76  ?  254 VAL A O   1 
ATOM   779 C  CB  . VAL A 1 119 ? -2.209  -7.688  -17.027 1.00 50.95  ?  254 VAL A CB  1 
ATOM   780 C  CG1 . VAL A 1 119 ? -2.479  -8.343  -18.339 1.00 52.16  ?  254 VAL A CG1 1 
ATOM   781 C  CG2 . VAL A 1 119 ? -2.200  -6.202  -17.177 1.00 51.11  ?  254 VAL A CG2 1 
ATOM   782 N  N   . ALA A 1 120 ? -4.782  -9.923  -16.302 1.00 49.89  ?  255 ALA A N   1 
ATOM   783 C  CA  . ALA A 1 120 ? -5.220  -11.303 -16.246 1.00 50.01  ?  255 ALA A CA  1 
ATOM   784 C  C   . ALA A 1 120 ? -4.513  -12.152 -17.272 1.00 51.22  ?  255 ALA A C   1 
ATOM   785 O  O   . ALA A 1 120 ? -4.068  -11.648 -18.282 1.00 52.12  ?  255 ALA A O   1 
ATOM   786 C  CB  . ALA A 1 120 ? -6.699  -11.365 -16.442 1.00 49.99  ?  255 ALA A CB  1 
ATOM   787 N  N   . PRO A 1 121 ? -4.396  -13.446 -17.007 1.00 51.38  ?  256 PRO A N   1 
ATOM   788 C  CA  . PRO A 1 121 ? -3.747  -14.348 -17.943 1.00 52.68  ?  256 PRO A CA  1 
ATOM   789 C  C   . PRO A 1 121 ? -4.489  -14.367 -19.250 1.00 53.75  ?  256 PRO A C   1 
ATOM   790 O  O   . PRO A 1 121 ? -5.659  -14.021 -19.275 1.00 77.63  ?  256 PRO A O   1 
ATOM   791 C  CB  . PRO A 1 121 ? -3.849  -15.701 -17.260 1.00 52.58  ?  256 PRO A CB  1 
ATOM   792 C  CG  . PRO A 1 121 ? -4.178  -15.415 -15.883 1.00 51.23  ?  256 PRO A CG  1 
ATOM   793 C  CD  . PRO A 1 121 ? -4.915  -14.155 -15.838 1.00 50.56  ?  256 PRO A CD  1 
ATOM   794 N  N   . PRO A 1 122 ? -3.828  -14.772 -20.330 1.00 55.17  ?  257 PRO A N   1 
ATOM   795 C  CA  . PRO A 1 122 ? -4.542  -14.844 -21.596 1.00 56.34  ?  257 PRO A CA  1 
ATOM   796 C  C   . PRO A 1 122 ? -5.610  -15.918 -21.526 1.00 56.40  ?  257 PRO A C   1 
ATOM   797 O  O   . PRO A 1 122 ? -5.519  -16.792 -20.672 1.00 55.93  ?  257 PRO A O   1 
ATOM   798 C  CB  . PRO A 1 122 ? -3.446  -15.187 -22.591 1.00 57.97  ?  257 PRO A CB  1 
ATOM   799 C  CG  . PRO A 1 122 ? -2.384  -15.799 -21.790 1.00 57.70  ?  257 PRO A CG  1 
ATOM   800 C  CD  . PRO A 1 122 ? -2.428  -15.185 -20.457 1.00 55.94  ?  257 PRO A CD  1 
ATOM   801 N  N   . SER A 1 123 ? -6.614  -15.845 -22.390 1.00 57.05  ?  258 SER A N   1 
ATOM   802 C  CA  . SER A 1 123 ? -7.805  -16.655 -22.213 1.00 56.97  ?  258 SER A CA  1 
ATOM   803 C  C   . SER A 1 123 ? -7.547  -18.091 -22.561 1.00 58.11  ?  258 SER A C   1 
ATOM   804 O  O   . SER A 1 123 ? -6.626  -18.395 -23.303 1.00 59.31  ?  258 SER A O   1 
ATOM   805 C  CB  . SER A 1 123 ? -8.923  -16.125 -23.064 1.00 57.43  ?  258 SER A CB  1 
ATOM   806 O  OG  . SER A 1 123 ? -8.499  -16.139 -24.404 1.00 59.01  ?  258 SER A OG  1 
ATOM   807 N  N   . TYR A 1 124 ? -8.358  -18.986 -22.026 1.00 57.91  ?  259 TYR A N   1 
ATOM   808 C  CA  . TYR A 1 124 ? -8.158  -20.387 -22.305 1.00 59.10  ?  259 TYR A CA  1 
ATOM   809 C  C   . TYR A 1 124 ? -8.455  -20.632 -23.773 1.00 60.78  ?  259 TYR A C   1 
ATOM   810 O  O   . TYR A 1 124 ? -7.886  -21.516 -24.400 1.00 62.22  ?  259 TYR A O   1 
ATOM   811 C  CB  . TYR A 1 124 ? -9.039  -21.235 -21.404 1.00 58.65  ?  259 TYR A CB  1 
ATOM   812 C  CG  . TYR A 1 124 ? -8.961  -22.706 -21.679 1.00 60.02  ?  259 TYR A CG  1 
ATOM   813 C  CD1 . TYR A 1 124 ? -8.185  -23.539 -20.912 1.00 60.06  ?  259 TYR A CD1 1 
ATOM   814 C  CD2 . TYR A 1 124 ? -9.674  -23.265 -22.698 1.00 61.39  ?  259 TYR A CD2 1 
ATOM   815 C  CE1 . TYR A 1 124 ? -8.124  -24.889 -21.173 1.00 61.47  ?  259 TYR A CE1 1 
ATOM   816 C  CE2 . TYR A 1 124 ? -9.618  -24.595 -22.962 1.00 62.78  ?  259 TYR A CE2 1 
ATOM   817 C  CZ  . TYR A 1 124 ? -8.852  -25.408 -22.201 1.00 62.84  ?  259 TYR A CZ  1 
ATOM   818 O  OH  . TYR A 1 124 ? -8.829  -26.748 -22.506 1.00 64.43  ?  259 TYR A OH  1 
ATOM   819 N  N   . GLU A 1 125 ? -9.336  -19.812 -24.325 1.00 60.71  ?  260 GLU A N   1 
ATOM   820 C  CA  . GLU A 1 125 ? -9.808  -19.999 -25.682 1.00 62.30  ?  260 GLU A CA  1 
ATOM   821 C  C   . GLU A 1 125 ? -8.926  -19.298 -26.670 1.00 63.26  ?  260 GLU A C   1 
ATOM   822 O  O   . GLU A 1 125 ? -9.321  -19.079 -27.799 1.00 64.48  ?  260 GLU A O   1 
ATOM   823 C  CB  . GLU A 1 125 ? -11.237 -19.481 -25.846 1.00 74.44  ?  260 GLU A CB  1 
ATOM   824 C  CG  . GLU A 1 125 ? -12.283 -20.214 -25.040 1.00 76.77  ?  260 GLU A CG  1 
ATOM   825 C  CD  . GLU A 1 125 ? -12.402 -19.677 -23.634 1.00 85.00  ?  260 GLU A CD  1 
ATOM   826 O  OE1 . GLU A 1 125 ? -11.893 -18.563 -23.373 1.00 91.28  ?  260 GLU A OE1 1 
ATOM   827 O  OE2 . GLU A 1 125 ? -13.003 -20.369 -22.788 1.00 91.32  -1 260 GLU A OE2 1 
ATOM   828 N  N   . GLY A 1 126 ? -7.731  -18.934 -26.256 1.00 62.84  ?  261 GLY A N   1 
ATOM   829 C  CA  . GLY A 1 126 ? -6.909  -18.096 -27.092 1.00 63.71  ?  261 GLY A CA  1 
ATOM   830 C  C   . GLY A 1 126 ? -5.942  -18.877 -27.929 1.00 65.61  ?  261 GLY A C   1 
ATOM   831 O  O   . GLY A 1 126 ? -5.702  -20.048 -27.680 1.00 66.06  ?  261 GLY A O   1 
ATOM   832 N  N   . PRO A 1 127 ? -5.393  -18.223 -28.945 1.00 66.92  ?  262 PRO A N   1 
ATOM   833 C  CA  . PRO A 1 127 ? -4.350  -18.759 -29.801 1.00 68.96  ?  262 PRO A CA  1 
ATOM   834 C  C   . PRO A 1 127 ? -3.023  -18.792 -29.092 1.00 68.59  ?  262 PRO A C   1 
ATOM   835 O  O   . PRO A 1 127 ? -2.559  -17.766 -28.617 1.00 67.58  ?  262 PRO A O   1 
ATOM   836 C  CB  . PRO A 1 127 ? -4.325  -17.780 -30.967 1.00 70.28  ?  262 PRO A CB  1 
ATOM   837 C  CG  . PRO A 1 127 ? -4.862  -16.568 -30.446 1.00 68.63  ?  262 PRO A CG  1 
ATOM   838 C  CD  . PRO A 1 127 ? -5.881  -16.937 -29.443 1.00 66.81  ?  262 PRO A CD  1 
ATOM   839 N  N   . HIS A 1 128 ? -2.413  -19.964 -29.033 1.00 69.50  ?  263 HIS A N   1 
ATOM   840 C  CA  . HIS A 1 128 ? -1.157  -20.105 -28.344 1.00 69.26  ?  263 HIS A CA  1 
ATOM   841 C  C   . HIS A 1 128 ? -0.268  -21.126 -28.999 1.00 71.47  ?  263 HIS A C   1 
ATOM   842 O  O   . HIS A 1 128 ? -0.675  -21.789 -29.927 1.00 81.41  ?  263 HIS A O   1 
ATOM   843 C  CB  . HIS A 1 128 ? -1.403  -20.509 -26.918 1.00 67.29  ?  263 HIS A CB  1 
ATOM   844 C  CG  . HIS A 1 128 ? -2.168  -21.777 -26.786 1.00 67.56  ?  263 HIS A CG  1 
ATOM   845 N  ND1 . HIS A 1 128 ? -3.540  -21.811 -26.734 1.00 66.85  ?  263 HIS A ND1 1 
ATOM   846 C  CD2 . HIS A 1 128 ? -1.755  -23.060 -26.689 1.00 68.59  ?  263 HIS A CD2 1 
ATOM   847 C  CE1 . HIS A 1 128 ? -3.940  -23.061 -26.606 1.00 67.43  ?  263 HIS A CE1 1 
ATOM   848 N  NE2 . HIS A 1 128 ? -2.879  -23.838 -26.579 1.00 68.50  ?  263 HIS A NE2 1 
ATOM   849 N  N   . ARG A 1 129 ? 0.948   -21.256 -28.493 1.00 71.56  ?  264 ARG A N   1 
ATOM   850 C  CA  . ARG A 1 129 ? 1.907   -22.217 -28.992 1.00 73.69  ?  264 ARG A CA  1 
ATOM   851 C  C   . ARG A 1 129 ? 2.320   -23.076 -27.814 1.00 72.78  ?  264 ARG A C   1 
ATOM   852 O  O   . ARG A 1 129 ? 2.278   -22.618 -26.699 1.00 70.71  ?  264 ARG A O   1 
ATOM   853 C  CB  . ARG A 1 129 ? 3.086   -21.491 -29.611 1.00 106.16 ?  264 ARG A CB  1 
ATOM   854 C  CG  . ARG A 1 129 ? 3.846   -22.255 -30.667 1.00 107.98 ?  264 ARG A CG  1 
ATOM   855 C  CD  . ARG A 1 129 ? 4.377   -21.304 -31.736 1.00 113.44 ?  264 ARG A CD  1 
ATOM   856 N  NE  . ARG A 1 129 ? 4.586   -19.959 -31.209 1.00 116.37 ?  264 ARG A NE  1 
ATOM   857 C  CZ  . ARG A 1 129 ? 3.952   -18.869 -31.638 1.00 112.91 ?  264 ARG A CZ  1 
ATOM   858 N  NH1 . ARG A 1 129 ? 3.063   -18.952 -32.620 1.00 103.01 1  264 ARG A NH1 1 
ATOM   859 N  NH2 . ARG A 1 129 ? 4.213   -17.689 -31.085 1.00 105.73 ?  264 ARG A NH2 1 
ATOM   860 N  N   . THR A 1 130 ? 2.694   -24.322 -28.033 1.00 74.39  ?  265 THR A N   1 
ATOM   861 C  CA  . THR A 1 130 ? 2.975   -25.202 -26.912 1.00 73.63  ?  265 THR A CA  1 
ATOM   862 C  C   . THR A 1 130 ? 4.461   -25.428 -26.705 1.00 74.62  ?  265 THR A C   1 
ATOM   863 O  O   . THR A 1 130 ? 5.210   -25.604 -27.665 1.00 76.87  ?  265 THR A O   1 
ATOM   864 C  CB  . THR A 1 130 ? 2.318   -26.544 -27.099 1.00 74.68  ?  265 THR A CB  1 
ATOM   865 O  OG1 . THR A 1 130 ? 1.028   -26.347 -27.670 1.00 86.82  ?  265 THR A OG1 1 
ATOM   866 C  CG2 . THR A 1 130 ? 2.174   -27.252 -25.788 1.00 73.36  ?  265 THR A CG2 1 
ATOM   867 N  N   . LEU A 1 131 ? 4.872   -25.431 -25.437 1.00 79.19  ?  266 LEU A N   1 
ATOM   868 C  CA  . LEU A 1 131 ? 6.260   -25.623 -25.060 1.00 73.74  ?  266 LEU A CA  1 
ATOM   869 C  C   . LEU A 1 131 ? 6.438   -26.856 -24.196 1.00 91.61  ?  266 LEU A C   1 
ATOM   870 O  O   . LEU A 1 131 ? 7.382   -27.609 -24.365 1.00 75.55  ?  266 LEU A O   1 
ATOM   871 C  CB  . LEU A 1 131 ? 6.761   -24.397 -24.333 1.00 72.00  ?  266 LEU A CB  1 
ATOM   872 C  CG  . LEU A 1 131 ? 6.367   -23.100 -25.023 1.00 71.64  ?  266 LEU A CG  1 
ATOM   873 C  CD1 . LEU A 1 131 ? 6.704   -21.926 -24.172 1.00 69.77  ?  266 LEU A CD1 1 
ATOM   874 C  CD2 . LEU A 1 131 ? 7.075   -22.982 -26.321 1.00 74.13  ?  266 LEU A CD2 1 
ATOM   875 N  N   . GLY A 1 132 ? 5.517   -27.061 -23.268 1.00 95.82  ?  267 GLY A N   1 
ATOM   876 C  CA  . GLY A 1 132 ? 5.552   -28.241 -22.428 1.00 105.51 ?  267 GLY A CA  1 
ATOM   877 C  C   . GLY A 1 132 ? 4.188   -28.551 -21.849 1.00 108.47 ?  267 GLY A C   1 
ATOM   878 O  O   . GLY A 1 132 ? 3.835   -29.705 -21.600 1.00 112.86 ?  267 GLY A O   1 
ATOM   879 O  OXT . GLY A 1 132 ? 3.398   -27.636 -21.621 1.00 109.37 ?  267 GLY A OXT 1 
HETATM 880 CA CA  . CA  B 2 .   ? -10.160 8.815   8.026   1.00 52.19  ?  301 CA  A CA  1 
HETATM 881 CA CA  . CA  C 2 .   ? -11.165 4.265   9.082   1.00 50.62  ?  302 CA  A CA  1 
HETATM 882 O  O   . HOH D 3 .   ? -12.881 13.944  -10.166 1.00 57.16  ?  401 HOH A O   1 
HETATM 883 O  O   . HOH D 3 .   ? 27.111  11.577  6.847   1.00 61.58  ?  402 HOH A O   1 
HETATM 884 O  O   . HOH D 3 .   ? 0.987   6.250   4.436   1.00 46.14  ?  403 HOH A O   1 
HETATM 885 O  O   . HOH D 3 .   ? -8.207  16.604  -3.785  1.00 57.01  ?  404 HOH A O   1 
HETATM 886 O  O   . HOH D 3 .   ? -16.870 7.422   13.976  1.00 60.67  ?  405 HOH A O   1 
# 
loop_
_atom_site_anisotrop.id 
_atom_site_anisotrop.type_symbol 
_atom_site_anisotrop.pdbx_label_atom_id 
_atom_site_anisotrop.pdbx_label_alt_id 
_atom_site_anisotrop.pdbx_label_comp_id 
_atom_site_anisotrop.pdbx_label_asym_id 
_atom_site_anisotrop.pdbx_label_seq_id 
_atom_site_anisotrop.pdbx_PDB_ins_code 
_atom_site_anisotrop.U[1][1] 
_atom_site_anisotrop.U[2][2] 
_atom_site_anisotrop.U[3][3] 
_atom_site_anisotrop.U[1][2] 
_atom_site_anisotrop.U[1][3] 
_atom_site_anisotrop.U[2][3] 
_atom_site_anisotrop.pdbx_auth_seq_id 
_atom_site_anisotrop.pdbx_auth_comp_id 
_atom_site_anisotrop.pdbx_auth_asym_id 
_atom_site_anisotrop.pdbx_auth_atom_id 
1   N  N   . HIS A 5   ? 1.1181 1.9268 1.9049 -0.0619 -0.1720 -0.3285 140 HIS A N   
2   C  CA  . HIS A 5   ? 1.0789 1.9026 1.8373 -0.0779 -0.1496 -0.3080 140 HIS A CA  
3   C  C   . HIS A 5   ? 1.1698 1.9331 1.8755 -0.0690 -0.1505 -0.2997 140 HIS A C   
4   O  O   . HIS A 5   ? 1.1427 1.8807 1.8385 -0.0478 -0.1589 -0.3180 140 HIS A O   
5   C  CB  . HIS A 5   ? 1.0877 1.9935 1.8692 -0.0798 -0.1265 -0.3225 140 HIS A CB  
6   C  CG  . HIS A 5   ? 1.1130 2.0361 1.8641 -0.0952 -0.1039 -0.3031 140 HIS A CG  
7   N  ND1 . HIS A 5   ? 1.0564 2.0214 1.8157 -0.1216 -0.0889 -0.2809 140 HIS A ND1 
8   C  CD2 . HIS A 5   ? 1.0503 1.9534 1.7629 -0.0881 -0.0950 -0.3016 140 HIS A CD2 
9   C  CE1 . HIS A 5   ? 1.0592 2.0284 1.7852 -0.1299 -0.0721 -0.2669 140 HIS A CE1 
10  N  NE2 . HIS A 5   ? 1.0593 1.9917 1.7569 -0.1097 -0.0752 -0.2796 140 HIS A NE2 
11  N  N   . HIS A 6   ? 1.2063 1.9486 1.8803 -0.0861 -0.1421 -0.2719 141 HIS A N   
12  C  CA  . HIS A 6   ? 1.2957 1.9861 1.9201 -0.0819 -0.1400 -0.2599 141 HIS A CA  
13  C  C   . HIS A 6   ? 1.3244 2.0015 1.9255 -0.1048 -0.1326 -0.2282 141 HIS A C   
14  O  O   . HIS A 6   ? 1.4246 2.1367 2.0486 -0.1241 -0.1279 -0.2161 141 HIS A O   
15  C  CB  . HIS A 6   ? 1.3496 1.9691 1.9539 -0.0639 -0.1623 -0.2653 141 HIS A CB  
16  C  CG  . HIS A 6   ? 1.4142 1.9820 1.9699 -0.0597 -0.1605 -0.2531 141 HIS A CG  
17  N  ND1 . HIS A 6   ? 1.4640 2.0449 2.0021 -0.0541 -0.1461 -0.2581 141 HIS A ND1 
18  C  CD2 . HIS A 6   ? 1.4824 1.9886 2.0045 -0.0610 -0.1709 -0.2359 141 HIS A CD2 
19  C  CE1 . HIS A 6   ? 1.4956 2.0244 1.9924 -0.0522 -0.1477 -0.2442 141 HIS A CE1 
20  N  NE2 . HIS A 6   ? 1.5115 1.9956 1.9978 -0.0562 -0.1621 -0.2308 141 HIS A NE2 
21  N  N   . HIS A 7   ? 1.3642 1.9926 1.9219 -0.1030 -0.1319 -0.2149 142 HIS A N   
22  C  CA  . HIS A 7   ? 1.7173 2.3168 2.2509 -0.1208 -0.1317 -0.1863 142 HIS A CA  
23  C  C   . HIS A 7   ? 0.5823 1.1110 1.0732 -0.1092 -0.1414 -0.1802 142 HIS A C   
24  O  O   . HIS A 7   ? 0.8413 1.3561 1.3151 -0.0930 -0.1393 -0.1926 142 HIS A O   
25  C  CB  . HIS A 7   ? 0.5756 1.2180 1.1028 -0.1386 -0.1101 -0.1718 142 HIS A CB  
26  C  CG  . HIS A 7   ? 0.6914 1.3865 1.2513 -0.1610 -0.1037 -0.1608 142 HIS A CG  
27  N  ND1 . HIS A 7   ? 0.7598 1.5057 1.3633 -0.1603 -0.1032 -0.1771 142 HIS A ND1 
28  C  CD2 . HIS A 7   ? 0.7356 1.4417 1.2922 -0.1854 -0.0982 -0.1344 142 HIS A CD2 
29  C  CE1 . HIS A 7   ? 0.7589 1.5464 1.3847 -0.1840 -0.0966 -0.1605 142 HIS A CE1 
30  N  NE2 . HIS A 7   ? 0.8074 1.5705 1.4049 -0.2002 -0.0940 -0.1338 142 HIS A NE2 
31  N  N   . SER A 8   ? 0.5930 1.0782 1.0671 -0.1175 -0.1524 -0.1614 143 SER A N   
32  C  CA  . SER A 8   ? 0.5984 1.0190 1.0333 -0.1059 -0.1619 -0.1569 143 SER A CA  
33  C  C   . SER A 8   ? 0.5953 1.0108 0.9991 -0.1119 -0.1474 -0.1430 143 SER A C   
34  O  O   . SER A 8   ? 0.5936 1.0462 1.0045 -0.1287 -0.1343 -0.1314 143 SER A O   
35  C  CB  . SER A 8   ? 0.6130 0.9886 1.0427 -0.1097 -0.1812 -0.1455 143 SER A CB  
36  O  OG  . SER A 8   ? 0.7746 1.1662 1.2401 -0.1110 -0.1932 -0.1540 143 SER A OG  
37  N  N   . SER A 9   ? 0.5960 0.9663 0.9658 -0.0989 -0.1502 -0.1433 144 SER A N   
38  C  CA  . SER A 9   ? 0.5925 0.9577 0.9336 -0.1027 -0.1369 -0.1322 144 SER A CA  
39  C  C   . SER A 9   ? 0.6026 0.9436 0.9269 -0.1170 -0.1399 -0.1094 144 SER A C   
40  O  O   . SER A 9   ? 0.6132 0.9087 0.9244 -0.1132 -0.1546 -0.1043 144 SER A O   
41  C  CB  . SER A 9   ? 0.6244 0.9522 0.9372 -0.0844 -0.1388 -0.1401 144 SER A CB  
42  O  OG  . SER A 9   ? 0.5865 0.9107 0.8737 -0.0883 -0.1263 -0.1295 144 SER A OG  
43  N  N   . GLY A 10  ? 0.6009 0.9717 0.9243 -0.1329 -0.1263 -0.0961 145 GLY A N   
44  C  CA  . GLY A 10  ? 0.6123 0.9634 0.9229 -0.1485 -0.1300 -0.0734 145 GLY A CA  
45  C  C   . GLY A 10  ? 0.6139 0.9264 0.8872 -0.1427 -0.1280 -0.0656 145 GLY A C   
46  O  O   . GLY A 10  ? 0.6224 0.9230 0.8834 -0.1550 -0.1287 -0.0476 145 GLY A O   
47  N  N   . LEU A 11  ? 0.6068 0.8986 0.8634 -0.1238 -0.1269 -0.0792 146 LEU A N   
48  C  CA  . LEU A 11  ? 0.6049 0.8710 0.8295 -0.1174 -0.1211 -0.0748 146 LEU A CA  
49  C  C   . LEU A 11  ? 0.6172 0.8305 0.8179 -0.1144 -0.1335 -0.0645 146 LEU A C   
50  O  O   . LEU A 11  ? 0.6239 0.8057 0.8213 -0.1042 -0.1468 -0.0706 146 LEU A O   
51  C  CB  . LEU A 11  ? 0.5945 0.8585 0.8128 -0.0988 -0.1170 -0.0928 146 LEU A CB  
52  C  CG  . LEU A 11  ? 0.5898 0.8365 0.7802 -0.0911 -0.1090 -0.0914 146 LEU A CG  
53  C  CD1 . LEU A 11  ? 0.7564 1.0326 0.9439 -0.1050 -0.0953 -0.0804 146 LEU A CD1 
54  C  CD2 . LEU A 11  ? 0.5807 0.8331 0.7734 -0.0754 -0.1064 -0.1096 146 LEU A CD2 
55  N  N   . GLU A 12  ? 0.6214 0.8255 0.8051 -0.1228 -0.1295 -0.0496 147 GLU A N   
56  C  CA  . GLU A 12  ? 0.6328 0.7881 0.7923 -0.1173 -0.1402 -0.0426 147 GLU A CA  
57  C  C   . GLU A 12  ? 0.6262 0.7706 0.7603 -0.1093 -0.1300 -0.0425 147 GLU A C   
58  O  O   . GLU A 12  ? 0.6192 0.7900 0.7526 -0.1168 -0.1173 -0.0378 147 GLU A O   
59  C  CB  . GLU A 12  ? 0.6472 0.7947 0.8104 -0.1337 -0.1489 -0.0249 147 GLU A CB  
60  C  CG  . GLU A 12  ? 0.6525 0.8238 0.8459 -0.1475 -0.1555 -0.0212 147 GLU A CG  
61  C  CD  . GLU A 12  ? 0.6936 0.8517 0.8900 -0.1639 -0.1670 -0.0023 147 GLU A CD  
62  O  OE1 . GLU A 12  ? 0.7238 0.8391 0.9009 -0.1580 -0.1785 0.0018  147 GLU A OE1 
63  O  OE2 . GLU A 12  ? 0.6994 0.8907 0.9181 -0.1829 -0.1652 0.0086  147 GLU A OE2 
64  N  N   . VAL A 13  ? 0.6294 0.7362 0.7428 -0.0941 -0.1355 -0.0477 148 VAL A N   
65  C  CA  . VAL A 13  ? 0.6216 0.7206 0.7143 -0.0846 -0.1256 -0.0503 148 VAL A CA  
66  C  C   . VAL A 13  ? 0.6318 0.6873 0.6996 -0.0744 -0.1332 -0.0481 148 VAL A C   
67  O  O   . VAL A 13  ? 0.6407 0.6720 0.7045 -0.0656 -0.1444 -0.0536 148 VAL A O   
68  C  CB  . VAL A 13  ? 0.6101 0.7220 0.7075 -0.0731 -0.1200 -0.0655 148 VAL A CB  
69  C  CG1 . VAL A 13  ? 0.6066 0.6986 0.6816 -0.0614 -0.1150 -0.0678 148 VAL A CG1 
70  C  CG2 . VAL A 13  ? 0.5988 0.7568 0.7155 -0.0808 -0.1085 -0.0694 148 VAL A CG2 
71  N  N   . LEU A 14  ? 0.6315 0.6787 0.6828 -0.0751 -0.1274 -0.0405 149 LEU A N   
72  C  CA  . LEU A 14  ? 0.6412 0.6514 0.6698 -0.0648 -0.1332 -0.0394 149 LEU A CA  
73  C  C   . LEU A 14  ? 0.6325 0.6377 0.6454 -0.0525 -0.1238 -0.0455 149 LEU A C   
74  O  O   . LEU A 14  ? 0.6208 0.6459 0.6350 -0.0551 -0.1123 -0.0449 149 LEU A O   
75  C  CB  . LEU A 14  ? 0.6500 0.6505 0.6721 -0.0732 -0.1361 -0.0267 149 LEU A CB  
76  C  CG  . LEU A 14  ? 0.6600 0.6262 0.6599 -0.0614 -0.1412 -0.0273 149 LEU A CG  
77  C  CD1 . LEU A 14  ? 0.6726 0.6131 0.6669 -0.0507 -0.1538 -0.0350 149 LEU A CD1 
78  C  CD2 . LEU A 14  ? 0.6707 0.6267 0.6681 -0.0697 -0.1473 -0.0159 149 LEU A CD2 
79  N  N   . PHE A 15  ? 0.6399 0.6186 0.6380 -0.0396 -0.1293 -0.0511 150 PHE A N   
80  C  CA  . PHE A 15  ? 0.6345 0.6065 0.6175 -0.0290 -0.1216 -0.0549 150 PHE A CA  
81  C  C   . PHE A 15  ? 0.6450 0.5911 0.6069 -0.0223 -0.1236 -0.0511 150 PHE A C   
82  O  O   . PHE A 15  ? 0.6598 0.5834 0.6126 -0.0164 -0.1340 -0.0531 150 PHE A O   
83  C  CB  . PHE A 15  ? 0.6355 0.6019 0.6184 -0.0196 -0.1254 -0.0646 150 PHE A CB  
84  C  CG  . PHE A 15  ? 0.6359 0.5886 0.6006 -0.0088 -0.1208 -0.0664 150 PHE A CG  
85  C  CD1 . PHE A 15  ? 0.6238 0.5912 0.5932 -0.0072 -0.1125 -0.0696 150 PHE A CD1 
86  C  CD2 . PHE A 15  ? 0.6500 0.5764 0.5937 -0.0003 -0.1255 -0.0652 150 PHE A CD2 
87  C  CE1 . PHE A 15  ? 0.6255 0.5807 0.5802 0.0011  -0.1094 -0.0695 150 PHE A CE1 
88  C  CE2 . PHE A 15  ? 0.6515 0.5687 0.5793 0.0080  -0.1204 -0.0654 150 PHE A CE2 
89  C  CZ  . PHE A 15  ? 0.6393 0.5703 0.5732 0.0079  -0.1127 -0.0666 150 PHE A CZ  
90  N  N   . GLN A 16  ? 0.6385 0.5881 0.5925 -0.0222 -0.1142 -0.0469 151 GLN A N   
91  C  CA  . GLN A 16  ? 0.6480 0.5758 0.5831 -0.0142 -0.1150 -0.0450 151 GLN A CA  
92  C  C   . GLN A 16  ? 0.6413 0.5695 0.5656 -0.0059 -0.1052 -0.0472 151 GLN A C   
93  O  O   . GLN A 16  ? 0.6281 0.5730 0.5580 -0.0094 -0.0957 -0.0456 151 GLN A O   
94  C  CB  . GLN A 16  ? 0.6497 0.5781 0.5858 -0.0214 -0.1150 -0.0369 151 GLN A CB  
95  C  CG  . GLN A 16  ? 0.6425 0.5934 0.5962 -0.0361 -0.1136 -0.0311 151 GLN A CG  
96  C  CD  . GLN A 16  ? 0.6502 0.5962 0.6041 -0.0441 -0.1183 -0.0216 151 GLN A CD  
97  O  OE1 . GLN A 16  ? 0.6619 0.5854 0.6045 -0.0376 -0.1247 -0.0212 151 GLN A OE1 
98  N  NE2 . GLN A 16  ? 0.7013 0.6685 0.6676 -0.0583 -0.1158 -0.0140 151 GLN A NE2 
99  N  N   . GLY A 17  ? 0.6521 0.5624 0.5608 0.0048  -0.1081 -0.0508 152 GLY A N   
100 C  CA  . GLY A 17  ? 0.6484 0.5588 0.5473 0.0115  -0.1000 -0.0514 152 GLY A CA  
101 C  C   . GLY A 17  ? 0.6452 0.5567 0.5371 0.0126  -0.0917 -0.0468 152 GLY A C   
102 O  O   . GLY A 17  ? 0.6505 0.5564 0.5403 0.0115  -0.0943 -0.0444 152 GLY A O   
103 N  N   . PRO A 18  ? 0.6377 0.5557 0.5271 0.0150  -0.0830 -0.0456 153 PRO A N   
104 C  CA  . PRO A 18  ? 0.6342 0.5546 0.5184 0.0167  -0.0748 -0.0416 153 PRO A CA  
105 C  C   . PRO A 18  ? 0.6498 0.5551 0.5173 0.0255  -0.0768 -0.0424 153 PRO A C   
106 O  O   . PRO A 18  ? 1.1093 1.0064 0.9650 0.0321  -0.0781 -0.0444 153 PRO A O   
107 C  CB  . PRO A 18  ? 0.6270 0.5544 0.5123 0.0181  -0.0682 -0.0410 153 PRO A CB  
108 C  CG  . PRO A 18  ? 0.6259 0.5552 0.5185 0.0168  -0.0738 -0.0453 153 PRO A CG  
109 C  CD  . PRO A 18  ? 0.6369 0.5556 0.5262 0.0179  -0.0830 -0.0483 153 PRO A CD  
110 N  N   . GLY A 19  ? 0.6665 0.5681 0.5325 0.0262  -0.0778 -0.0414 154 GLY A N   
111 C  CA  . GLY A 19  ? 0.7062 0.5947 0.5570 0.0364  -0.0808 -0.0448 154 GLY A CA  
112 C  C   . GLY A 19  ? 0.6821 0.5578 0.5339 0.0363  -0.0936 -0.0480 154 GLY A C   
113 O  O   . GLY A 19  ? 0.7797 0.6429 0.6206 0.0452  -0.0995 -0.0530 154 GLY A O   
114 N  N   . SER A 20  ? 0.6745 0.5549 0.5407 0.0261  -0.0983 -0.0454 155 SER A N   
115 C  CA  . SER A 20  ? 0.6843 0.5546 0.5562 0.0223  -0.1109 -0.0455 155 SER A CA  
116 C  C   . SER A 20  ? 0.6753 0.5550 0.5594 0.0119  -0.1094 -0.0382 155 SER A C   
117 O  O   . SER A 20  ? 0.6824 0.5562 0.5741 0.0053  -0.1196 -0.0350 155 SER A O   
118 C  CB  . SER A 20  ? 0.6861 0.5552 0.5654 0.0174  -0.1188 -0.0471 155 SER A CB  
119 O  OG  . SER A 20  ? 0.7145 0.6032 0.6087 0.0065  -0.1126 -0.0429 155 SER A OG  
120 N  N   . VAL A 21  ? 0.6612 0.5551 0.5471 0.0100  -0.0973 -0.0351 156 VAL A N   
121 C  CA  . VAL A 21  ? 0.6501 0.5579 0.5470 -0.0009 -0.0936 -0.0281 156 VAL A CA  
122 C  C   . VAL A 21  ? 0.6469 0.5561 0.5392 0.0040  -0.0864 -0.0268 156 VAL A C   
123 O  O   . VAL A 21  ? 0.6458 0.5546 0.5301 0.0129  -0.0796 -0.0304 156 VAL A O   
124 C  CB  . VAL A 21  ? 0.6351 0.5624 0.5416 -0.0082 -0.0865 -0.0276 156 VAL A CB  
125 C  CG1 . VAL A 21  ? 0.6277 0.5592 0.5289 -0.0008 -0.0776 -0.0315 156 VAL A CG1 
126 C  CG2 . VAL A 21  ? 0.6466 0.5911 0.5628 -0.0195 -0.0827 -0.0212 156 VAL A CG2 
127 N  N   . PRO A 22  ? 0.6472 0.5578 0.5445 -0.0019 -0.0888 -0.0211 157 PRO A N   
128 C  CA  . PRO A 22  ? 0.6478 0.5562 0.5408 0.0051  -0.0847 -0.0217 157 PRO A CA  
129 C  C   . PRO A 22  ? 0.6318 0.5567 0.5271 0.0044  -0.0716 -0.0204 157 PRO A C   
130 O  O   . PRO A 22  ? 0.6648 0.6026 0.5656 -0.0022 -0.0670 -0.0192 157 PRO A O   
131 C  CB  . PRO A 22  ? 0.6547 0.5579 0.5533 -0.0019 -0.0936 -0.0155 157 PRO A CB  
132 C  CG  . PRO A 22  ? 0.6491 0.5635 0.5555 -0.0160 -0.0946 -0.0089 157 PRO A CG  
133 C  CD  . PRO A 22  ? 0.6487 0.5633 0.5551 -0.0151 -0.0953 -0.0133 157 PRO A CD  
134 N  N   . LEU A 23  ? 0.6315 0.5563 0.5239 0.0116  -0.0665 -0.0216 158 LEU A N   
135 C  CA  . LEU A 23  ? 0.6182 0.5567 0.5137 0.0116  -0.0555 -0.0205 158 LEU A CA  
136 C  C   . LEU A 23  ? 0.6087 0.5588 0.5129 0.0014  -0.0544 -0.0153 158 LEU A C   
137 O  O   . LEU A 23  ? 0.6143 0.5608 0.5206 -0.0047 -0.0616 -0.0113 158 LEU A O   
138 C  CB  . LEU A 23  ? 0.6213 0.5588 0.5139 0.0209  -0.0507 -0.0224 158 LEU A CB  
139 C  CG  . LEU A 23  ? 0.6294 0.5626 0.5117 0.0308  -0.0475 -0.0271 158 LEU A CG  
140 C  CD1 . LEU A 23  ? 0.6368 0.5700 0.5163 0.0402  -0.0447 -0.0300 158 LEU A CD1 
141 C  CD2 . LEU A 23  ? 0.6199 0.5627 0.5031 0.0289  -0.0394 -0.0253 158 LEU A CD2 
142 N  N   . PRO A 24  ? 0.5960 0.5601 0.5051 -0.0011 -0.0466 -0.0152 159 PRO A N   
143 C  CA  . PRO A 24  ? 0.5893 0.5654 0.5048 -0.0098 -0.0459 -0.0114 159 PRO A CA  
144 C  C   . PRO A 24  ? 0.5924 0.5649 0.5083 -0.0082 -0.0471 -0.0081 159 PRO A C   
145 O  O   . PRO A 24  ? 0.5978 0.5614 0.5111 0.0003  -0.0471 -0.0101 159 PRO A O   
146 C  CB  . PRO A 24  ? 0.5773 0.5670 0.4979 -0.0100 -0.0388 -0.0144 159 PRO A CB  
147 C  CG  . PRO A 24  ? 0.5785 0.5621 0.4961 -0.0035 -0.0373 -0.0182 159 PRO A CG  
148 C  CD  . PRO A 24  ? 0.5896 0.5585 0.4987 0.0035  -0.0397 -0.0181 159 PRO A CD  
149 N  N   . ALA A 25  ? 0.5902 0.5709 0.5094 -0.0159 -0.0484 -0.0037 160 ALA A N   
150 C  CA  . ALA A 25  ? 0.5955 0.5705 0.5155 -0.0148 -0.0521 -0.0003 160 ALA A CA  
151 C  C   . ALA A 25  ? 0.5886 0.5672 0.5126 -0.0070 -0.0453 -0.0033 160 ALA A C   
152 O  O   . ALA A 25  ? 0.6190 0.6079 0.5463 -0.0067 -0.0384 -0.0056 160 ALA A O   
153 C  CB  . ALA A 25  ? 0.5965 0.5799 0.5175 -0.0254 -0.0554 0.0060  160 ALA A CB  
154 N  N   . GLY A 26  ? 0.5950 0.5656 0.5204 -0.0007 -0.0481 -0.0036 161 GLY A N   
155 C  CA  . GLY A 26  ? 0.5894 0.5657 0.5211 0.0055  -0.0419 -0.0054 161 GLY A CA  
156 C  C   . GLY A 26  ? 0.5891 0.5655 0.5192 0.0142  -0.0351 -0.0096 161 GLY A C   
157 O  O   . GLY A 26  ? 0.7825 0.7650 0.7184 0.0192  -0.0295 -0.0104 161 GLY A O   
158 N  N   . TRP A 27  ? 0.5932 0.5639 0.5155 0.0153  -0.0357 -0.0118 162 TRP A N   
159 C  CA  . TRP A 27  ? 0.5956 0.5663 0.5134 0.0228  -0.0297 -0.0149 162 TRP A CA  
160 C  C   . TRP A 27  ? 0.6095 0.5709 0.5208 0.0320  -0.0333 -0.0195 162 TRP A C   
161 O  O   . TRP A 27  ? 0.6181 0.5688 0.5274 0.0320  -0.0427 -0.0208 162 TRP A O   
162 C  CB  . TRP A 27  ? 0.5933 0.5634 0.5058 0.0197  -0.0289 -0.0154 162 TRP A CB  
163 C  CG  . TRP A 27  ? 0.5816 0.5618 0.5008 0.0138  -0.0252 -0.0136 162 TRP A CG  
164 C  CD1 . TRP A 27  ? 0.5747 0.5612 0.4990 0.0060  -0.0275 -0.0126 162 TRP A CD1 
165 C  CD2 . TRP A 27  ? 0.5776 0.5628 0.4988 0.0151  -0.0195 -0.0131 162 TRP A CD2 
166 N  NE1 . TRP A 27  ? 0.5661 0.5613 0.4963 0.0040  -0.0240 -0.0135 162 TRP A NE1 
167 C  CE2 . TRP A 27  ? 0.5678 0.5610 0.4970 0.0091  -0.0199 -0.0132 162 TRP A CE2 
168 C  CE3 . TRP A 27  ? 0.5832 0.5675 0.4998 0.0206  -0.0148 -0.0123 162 TRP A CE3 
169 C  CZ2 . TRP A 27  ? 0.5637 0.5612 0.4982 0.0089  -0.0175 -0.0128 162 TRP A CZ2 
170 C  CZ3 . TRP A 27  ? 0.5791 0.5682 0.5004 0.0187  -0.0117 -0.0097 162 TRP A CZ3 
171 C  CH2 . TRP A 27  ? 0.5696 0.5639 0.5004 0.0131  -0.0140 -0.0102 162 TRP A CH2 
172 N  N   . GLU A 28  ? 0.6132 0.5796 0.5215 0.0399  -0.0262 -0.0221 163 GLU A N   
173 C  CA  . GLU A 28  ? 0.6279 0.5887 0.5294 0.0506  -0.0286 -0.0287 163 GLU A CA  
174 C  C   . GLU A 28  ? 0.6332 0.5981 0.5239 0.0555  -0.0212 -0.0301 163 GLU A C   
175 O  O   . GLU A 28  ? 0.6253 0.5994 0.5179 0.0512  -0.0134 -0.0249 163 GLU A O   
176 C  CB  . GLU A 28  ? 0.6301 0.5978 0.5408 0.0570  -0.0272 -0.0312 163 GLU A CB  
177 C  CG  . GLU A 28  ? 0.7821 0.7480 0.6876 0.0702  -0.0291 -0.0405 163 GLU A CG  
178 C  CD  . GLU A 28  ? 0.8300 0.8051 0.7479 0.0768  -0.0280 -0.0441 163 GLU A CD  
179 O  OE1 . GLU A 28  ? 0.7672 0.7467 0.6971 0.0704  -0.0277 -0.0386 163 GLU A OE1 
180 O  OE2 . GLU A 28  ? 0.9679 0.9466 0.8837 0.0891  -0.0280 -0.0534 163 GLU A OE2 
181 N  N   . MET A 29  ? 0.6484 0.6059 0.5276 0.0642  -0.0250 -0.0369 164 MET A N   
182 C  CA  . MET A 29  ? 0.6566 0.6171 0.5223 0.0684  -0.0192 -0.0378 164 MET A CA  
183 C  C   . MET A 29  ? 0.6693 0.6404 0.5300 0.0800  -0.0129 -0.0436 164 MET A C   
184 O  O   . MET A 29  ? 0.6871 0.6559 0.5508 0.0881  -0.0181 -0.0514 164 MET A O   
185 C  CB  . MET A 29  ? 0.6660 0.6107 0.5204 0.0692  -0.0285 -0.0416 164 MET A CB  
186 C  CG  . MET A 29  ? 0.6727 0.6178 0.5133 0.0703  -0.0244 -0.0404 164 MET A CG  
187 S  SD  . MET A 29  ? 0.6859 0.6118 0.5143 0.0730  -0.0373 -0.0466 164 MET A SD  
188 C  CE  . MET A 29  ? 1.1180 1.0451 0.9291 0.0890  -0.0364 -0.0567 164 MET A CE  
189 N  N   . ALA A 30  ? 0.6731 0.6566 0.5261 0.0810  -0.0024 -0.0400 165 ALA A N   
190 C  CA  . ALA A 30  ? 0.6861 0.6851 0.5342 0.0916  0.0054  -0.0452 165 ALA A CA  
191 C  C   . ALA A 30  ? 0.6992 0.7054 0.5292 0.0936  0.0128  -0.0425 165 ALA A C   
192 O  O   . ALA A 30  ? 0.7315 0.7295 0.5548 0.0863  0.0112  -0.0358 165 ALA A O   
193 C  CB  . ALA A 30  ? 0.6759 0.6926 0.5410 0.0893  0.0139  -0.0409 165 ALA A CB  
194 N  N   . LYS A 31  ? 0.7143 0.7372 0.5366 0.1036  0.0206  -0.0480 166 LYS A N   
195 C  CA  . LYS A 31  ? 0.7303 0.7629 0.5329 0.1052  0.0284  -0.0444 166 LYS A CA  
196 C  C   . LYS A 31  ? 0.7341 0.7961 0.5404 0.1054  0.0439  -0.0388 166 LYS A C   
197 O  O   . LYS A 31  ? 0.7338 0.8112 0.5517 0.1125  0.0481  -0.0457 166 LYS A O   
198 C  CB  . LYS A 31  ? 1.0725 1.0984 0.8544 0.1186  0.0226  -0.0578 166 LYS A CB  
199 C  CG  . LYS A 31  ? 1.0409 1.0392 0.8206 0.1203  0.0061  -0.0652 166 LYS A CG  
200 C  CD  . LYS A 31  ? 1.0505 1.0428 0.8065 0.1323  0.0007  -0.0763 166 LYS A CD  
201 C  CE  . LYS A 31  ? 1.0609 1.0267 0.8167 0.1359  -0.0172 -0.0857 166 LYS A CE  
202 N  NZ  . LYS A 31  ? 0.9872 0.9507 0.7519 0.1476  -0.0251 -0.0998 166 LYS A NZ  
203 N  N   . THR A 32  ? 0.7393 0.8099 0.5364 0.0975  0.0515  -0.0260 167 THR A N   
204 C  CA  . THR A 32  ? 0.7469 0.8475 0.5453 0.0964  0.0665  -0.0189 167 THR A CA  
205 C  C   . THR A 32  ? 0.8994 1.0171 0.6800 0.1110  0.0724  -0.0310 167 THR A C   
206 O  O   . THR A 32  ? 0.9668 1.0707 0.7354 0.1224  0.0634  -0.0454 167 THR A O   
207 C  CB  . THR A 32  ? 0.7513 0.8548 0.5421 0.0836  0.0711  -0.0011 167 THR A CB  
208 O  OG1 . THR A 32  ? 0.9639 1.0626 0.7261 0.0877  0.0698  -0.0022 167 THR A OG1 
209 C  CG2 . THR A 32  ? 0.7326 0.8135 0.5355 0.0720  0.0614  0.0068  167 THR A CG2 
210 N  N   . SER A 33  ? 0.8660 1.0154 0.6457 0.1108  0.0873  -0.0254 168 SER A N   
211 C  CA  . SER A 33  ? 0.8404 1.0121 0.6018 0.1247  0.0950  -0.0368 168 SER A CA  
212 C  C   . SER A 33  ? 0.8703 1.0272 0.6003 0.1275  0.0895  -0.0377 168 SER A C   
213 O  O   . SER A 33  ? 0.9219 1.0747 0.6355 0.1423  0.0843  -0.0546 168 SER A O   
214 C  CB  . SER A 33  ? 0.8725 1.0837 0.6378 0.1205  0.1134  -0.0265 168 SER A CB  
215 O  OG  . SER A 33  ? 0.9117 1.1217 0.6709 0.1036  0.1170  -0.0044 168 SER A OG  
216 N  N   . SER A 34  ? 0.8257 0.9723 0.5477 0.1132  0.0887  -0.0200 169 SER A N   
217 C  CA  . SER A 34  ? 0.8461 0.9785 0.5383 0.1139  0.0830  -0.0183 169 SER A CA  
218 C  C   . SER A 34  ? 0.8383 0.9340 0.5287 0.1169  0.0651  -0.0275 169 SER A C   
219 O  O   . SER A 34  ? 0.9093 0.9867 0.5832 0.1127  0.0574  -0.0223 169 SER A O   
220 C  CB  . SER A 34  ? 0.8500 0.9847 0.5366 0.0971  0.0871  0.0047  169 SER A CB  
221 O  OG  . SER A 34  ? 0.8272 0.9665 0.5424 0.0845  0.0905  0.0171  169 SER A OG  
222 N  N   . GLY A 35  ? 0.8768 0.9622 0.5854 0.1233  0.0579  -0.0403 170 GLY A N   
223 C  CA  . GLY A 35  ? 0.8272 0.8808 0.5356 0.1260  0.0410  -0.0492 170 GLY A CA  
224 C  C   . GLY A 35  ? 0.8674 0.8996 0.5853 0.1116  0.0333  -0.0370 170 GLY A C   
225 O  O   . GLY A 35  ? 0.7938 0.8018 0.5125 0.1119  0.0201  -0.0427 170 GLY A O   
226 N  N   . GLN A 36  ? 0.9391 0.9807 0.6651 0.0988  0.0410  -0.0207 171 GLN A N   
227 C  CA  . GLN A 36  ? 0.9372 0.9609 0.6753 0.0861  0.0336  -0.0107 171 GLN A CA  
228 C  C   . GLN A 36  ? 0.8367 0.8511 0.5989 0.0847  0.0276  -0.0165 171 GLN A C   
229 O  O   . GLN A 36  ? 0.8882 0.9152 0.6636 0.0885  0.0328  -0.0210 171 GLN A O   
230 C  CB  . GLN A 36  ? 1.1406 1.1770 0.8852 0.0735  0.0417  0.0071  171 GLN A CB  
231 C  CG  . GLN A 36  ? 1.3848 1.4187 1.1071 0.0690  0.0411  0.0177  171 GLN A CG  
232 C  CD  . GLN A 36  ? 1.5303 1.5715 1.2632 0.0546  0.0451  0.0367  171 GLN A CD  
233 O  OE1 . GLN A 36  ? 1.5416 1.6045 1.2869 0.0508  0.0560  0.0435  171 GLN A OE1 
234 N  NE2 . GLN A 36  ? 1.5660 1.5882 1.2959 0.0465  0.0349  0.0450  171 GLN A NE2 
235 N  N   . ARG A 37  ? 0.7370 0.7307 0.5049 0.0790  0.0167  -0.0163 172 ARG A N   
236 C  CA  . ARG A 37  ? 0.7176 0.7023 0.5048 0.0773  0.0101  -0.0217 172 ARG A CA  
237 C  C   . ARG A 37  ? 0.6968 0.6840 0.5044 0.0656  0.0117  -0.0122 172 ARG A C   
238 O  O   . ARG A 37  ? 0.6957 0.6800 0.5028 0.0580  0.0109  -0.0035 172 ARG A O   
239 C  CB  . ARG A 37  ? 0.7198 0.6828 0.5010 0.0790  -0.0032 -0.0290 172 ARG A CB  
240 C  CG  . ARG A 37  ? 0.7019 0.6556 0.5012 0.0747  -0.0108 -0.0321 172 ARG A CG  
241 C  CD  . ARG A 37  ? 0.7021 0.6379 0.4985 0.0719  -0.0227 -0.0349 172 ARG A CD  
242 N  NE  . ARG A 37  ? 0.7410 0.6649 0.5276 0.0808  -0.0318 -0.0453 172 ARG A NE  
243 C  CZ  . ARG A 37  ? 0.7908 0.6993 0.5772 0.0790  -0.0434 -0.0489 172 ARG A CZ  
244 N  NH1 . ARG A 37  ? 0.7469 0.6523 0.5424 0.0694  -0.0462 -0.0438 172 ARG A NH1 
245 N  NH2 . ARG A 37  ? 0.8470 0.7441 0.6258 0.0872  -0.0530 -0.0583 172 ARG A NH2 
246 N  N   . TYR A 38  ? 0.6819 0.6736 0.5073 0.0646  0.0125  -0.0143 173 TYR A N   
247 C  CA  . TYR A 38  ? 0.6633 0.6571 0.5076 0.0545  0.0128  -0.0071 173 TYR A CA  
248 C  C   . TYR A 38  ? 0.6497 0.6407 0.5085 0.0542  0.0085  -0.0125 173 TYR A C   
249 O  O   . TYR A 38  ? 0.6553 0.6423 0.5108 0.0615  0.0050  -0.0206 173 TYR A O   
250 C  CB  . TYR A 38  ? 0.6627 0.6742 0.5146 0.0506  0.0229  0.0024  173 TYR A CB  
251 C  CG  . TYR A 38  ? 0.6631 0.6909 0.5225 0.0564  0.0305  -0.0009 173 TYR A CG  
252 C  CD1 . TYR A 38  ? 0.7527 0.7890 0.5990 0.0669  0.0352  -0.0075 173 TYR A CD1 
253 C  CD2 . TYR A 38  ? 0.6483 0.6836 0.5284 0.0524  0.0322  0.0014  173 TYR A CD2 
254 C  CE1 . TYR A 38  ? 0.7243 0.7769 0.5793 0.0734  0.0414  -0.0123 173 TYR A CE1 
255 C  CE2 . TYR A 38  ? 0.6489 0.6991 0.5379 0.0582  0.0380  -0.0022 173 TYR A CE2 
256 C  CZ  . TYR A 38  ? 0.7381 0.7974 0.6153 0.0688  0.0427  -0.0093 173 TYR A CZ  
257 O  OH  . TYR A 38  ? 0.9132 0.9890 0.8011 0.0756  0.0480  -0.0147 173 TYR A OH  
258 N  N   . PHE A 39  ? 0.6338 0.6262 0.5083 0.0460  0.0075  -0.0079 174 PHE A N   
259 C  CA  . PHE A 39  ? 0.6224 0.6106 0.5079 0.0439  0.0018  -0.0117 174 PHE A CA  
260 C  C   . PHE A 39  ? 0.6107 0.6095 0.5132 0.0402  0.0053  -0.0082 174 PHE A C   
261 O  O   . PHE A 39  ? 0.6056 0.6118 0.5159 0.0353  0.0093  -0.0018 174 PHE A O   
262 C  CB  . PHE A 39  ? 0.6153 0.5937 0.5017 0.0375  -0.0056 -0.0121 174 PHE A CB  
263 C  CG  . PHE A 39  ? 0.6259 0.5934 0.4981 0.0404  -0.0105 -0.0155 174 PHE A CG  
264 C  CD1 . PHE A 39  ? 0.6310 0.5886 0.4985 0.0432  -0.0177 -0.0216 174 PHE A CD1 
265 C  CD2 . PHE A 39  ? 0.6327 0.5987 0.4969 0.0399  -0.0093 -0.0121 174 PHE A CD2 
266 C  CE1 . PHE A 39  ? 0.6416 0.5887 0.4970 0.0461  -0.0233 -0.0251 174 PHE A CE1 
267 C  CE2 . PHE A 39  ? 0.6438 0.5989 0.4946 0.0429  -0.0148 -0.0156 174 PHE A CE2 
268 C  CZ  . PHE A 39  ? 0.6478 0.5937 0.4945 0.0462  -0.0217 -0.0225 174 PHE A CZ  
269 N  N   . LEU A 40  ? 0.6079 0.6055 0.5165 0.0423  0.0019  -0.0123 175 LEU A N   
270 C  CA  . LEU A 40  ? 0.5980 0.6041 0.5225 0.0392  0.0034  -0.0097 175 LEU A CA  
271 C  C   . LEU A 40  ? 0.5885 0.5886 0.5185 0.0326  -0.0039 -0.0100 175 LEU A C   
272 O  O   . LEU A 40  ? 0.5921 0.5824 0.5161 0.0326  -0.0107 -0.0132 175 LEU A O   
273 C  CB  . LEU A 40  ? 0.6040 0.6155 0.5325 0.0471  0.0047  -0.0141 175 LEU A CB  
274 C  CG  . LEU A 40  ? 0.6191 0.6326 0.5367 0.0574  0.0077  -0.0198 175 LEU A CG  
275 C  CD1 . LEU A 40  ? 0.6242 0.6374 0.5479 0.0650  0.0032  -0.0270 175 LEU A CD1 
276 C  CD2 . LEU A 40  ? 0.6228 0.6530 0.5406 0.0586  0.0191  -0.0154 175 LEU A CD2 
277 N  N   . ASN A 41  ? 0.5780 0.5848 0.5196 0.0266  -0.0029 -0.0063 176 ASN A N   
278 C  CA  . ASN A 41  ? 0.5703 0.5752 0.5165 0.0204  -0.0088 -0.0067 176 ASN A CA  
279 C  C   . ASN A 41  ? 0.5671 0.5770 0.5239 0.0202  -0.0100 -0.0059 176 ASN A C   
280 O  O   . ASN A 41  ? 0.7270 0.7451 0.6949 0.0189  -0.0068 -0.0034 176 ASN A O   
281 C  CB  . ASN A 41  ? 0.5627 0.5711 0.5132 0.0148  -0.0087 -0.0055 176 ASN A CB  
282 C  CG  . ASN A 41  ? 0.5564 0.5665 0.5097 0.0091  -0.0139 -0.0075 176 ASN A CG  
283 O  OD1 . ASN A 41  ? 0.5585 0.5661 0.5088 0.0077  -0.0177 -0.0079 176 ASN A OD1 
284 N  ND2 . ASN A 41  ? 0.5506 0.5653 0.5093 0.0056  -0.0149 -0.0087 176 ASN A ND2 
285 N  N   . HIS A 42  ? 0.5717 0.5754 0.5260 0.0210  -0.0159 -0.0076 177 HIS A N   
286 C  CA  . HIS A 42  ? 0.5709 0.5776 0.5350 0.0215  -0.0187 -0.0069 177 HIS A CA  
287 C  C   . HIS A 42  ? 0.5638 0.5740 0.5323 0.0137  -0.0224 -0.0047 177 HIS A C   
288 O  O   . HIS A 42  ? 0.5633 0.5758 0.5394 0.0131  -0.0257 -0.0037 177 HIS A O   
289 C  CB  . HIS A 42  ? 0.5813 0.5783 0.5417 0.0254  -0.0261 -0.0092 177 HIS A CB  
290 C  CG  . HIS A 42  ? 0.5906 0.5853 0.5468 0.0350  -0.0236 -0.0139 177 HIS A CG  
291 N  ND1 . HIS A 42  ? 0.5902 0.5962 0.5510 0.0408  -0.0144 -0.0149 177 HIS A ND1 
292 C  CD2 . HIS A 42  ? 0.6023 0.5856 0.5498 0.0398  -0.0297 -0.0180 177 HIS A CD2 
293 C  CE1 . HIS A 42  ? 0.6013 0.6048 0.5550 0.0496  -0.0138 -0.0204 177 HIS A CE1 
294 N  NE2 . HIS A 42  ? 0.6087 0.5974 0.5547 0.0497  -0.0238 -0.0231 177 HIS A NE2 
295 N  N   . ASN A 43  ? 0.5594 0.5708 0.5231 0.0084  -0.0223 -0.0048 178 ASN A N   
296 C  CA  . ASN A 43  ? 0.5544 0.5719 0.5214 0.0022  -0.0255 -0.0045 178 ASN A CA  
297 C  C   . ASN A 43  ? 0.5475 0.5731 0.5266 0.0028  -0.0225 -0.0048 178 ASN A C   
298 O  O   . ASN A 43  ? 0.5446 0.5754 0.5288 -0.0003 -0.0257 -0.0054 178 ASN A O   
299 C  CB  . ASN A 43  ? 0.5529 0.5725 0.5123 -0.0033 -0.0267 -0.0063 178 ASN A CB  
300 C  CG  . ASN A 43  ? 0.5602 0.5720 0.5094 -0.0050 -0.0301 -0.0050 178 ASN A CG  
301 O  OD1 . ASN A 43  ? 0.5652 0.5762 0.5102 -0.0104 -0.0355 -0.0023 178 ASN A OD1 
302 N  ND2 . ASN A 43  ? 0.5627 0.5681 0.5075 -0.0010 -0.0279 -0.0065 178 ASN A ND2 
303 N  N   . ASP A 44  ? 0.5465 0.5728 0.5298 0.0064  -0.0170 -0.0039 179 ASP A N   
304 C  CA  . ASP A 44  ? 0.5416 0.5747 0.5383 0.0056  -0.0156 -0.0026 179 ASP A CA  
305 C  C   . ASP A 44  ? 0.5440 0.5804 0.5478 0.0096  -0.0096 0.0013  179 ASP A C   
306 O  O   . ASP A 44  ? 0.5417 0.5839 0.5578 0.0083  -0.0080 0.0045  179 ASP A O   
307 C  CB  . ASP A 44  ? 0.5384 0.5723 0.5353 0.0029  -0.0166 -0.0045 179 ASP A CB  
308 C  CG  . ASP A 44  ? 0.5419 0.5715 0.5327 0.0047  -0.0127 -0.0027 179 ASP A CG  
309 O  OD1 . ASP A 44  ? 0.5410 0.5690 0.5306 0.0030  -0.0151 -0.0051 179 ASP A OD1 
310 O  OD2 . ASP A 44  ? 0.7520 0.7801 0.7390 0.0083  -0.0078 0.0003  179 ASP A OD2 
311 N  N   . GLN A 45  ? 0.5500 0.5837 0.5466 0.0144  -0.0069 0.0008  180 GLN A N   
312 C  CA  . GLN A 45  ? 0.5542 0.5948 0.5564 0.0193  -0.0002 0.0031  180 GLN A CA  
313 C  C   . GLN A 45  ? 0.5556 0.6003 0.5577 0.0177  0.0055  0.0076  180 GLN A C   
314 O  O   . GLN A 45  ? 0.5552 0.6098 0.5701 0.0164  0.0096  0.0126  180 GLN A O   
315 C  CB  . GLN A 45  ? 0.5513 0.6006 0.5707 0.0197  -0.0007 0.0043  180 GLN A CB  
316 C  CG  . GLN A 45  ? 0.6026 0.6488 0.6224 0.0240  -0.0054 0.0004  180 GLN A CG  
317 C  CD  . GLN A 45  ? 0.6911 0.7423 0.7269 0.0224  -0.0097 0.0011  180 GLN A CD  
318 O  OE1 . GLN A 45  ? 0.8106 0.8579 0.8461 0.0174  -0.0161 0.0012  180 GLN A OE1 
319 N  NE2 . GLN A 45  ? 0.5526 0.6140 0.6026 0.0271  -0.0064 0.0011  180 GLN A NE2 
320 N  N   . THR A 46  ? 0.5583 0.5954 0.5471 0.0170  0.0050  0.0068  181 THR A N   
321 C  CA  . THR A 46  ? 0.5632 0.6015 0.5486 0.0155  0.0090  0.0118  181 THR A CA  
322 C  C   . THR A 46  ? 0.5729 0.6065 0.5409 0.0204  0.0122  0.0100  181 THR A C   
323 O  O   . THR A 46  ? 0.5924 0.6198 0.5519 0.0244  0.0096  0.0042  181 THR A O   
324 C  CB  . THR A 46  ? 0.5593 0.5916 0.5462 0.0102  0.0033  0.0121  181 THR A CB  
325 O  OG1 . THR A 46  ? 0.5572 0.5813 0.5338 0.0106  -0.0015 0.0056  181 THR A OG1 
326 C  CG2 . THR A 46  ? 0.5520 0.5886 0.5558 0.0061  -0.0009 0.0129  181 THR A CG2 
327 N  N   . THR A 47  ? 0.5806 0.6164 0.5432 0.0198  0.0163  0.0154  182 THR A N   
328 C  CA  . THR A 47  ? 0.5917 0.6217 0.5354 0.0241  0.0178  0.0135  182 THR A CA  
329 C  C   . THR A 47  ? 0.5960 0.6193 0.5340 0.0195  0.0151  0.0184  182 THR A C   
330 O  O   . THR A 47  ? 0.5962 0.6240 0.5438 0.0140  0.0157  0.0261  182 THR A O   
331 C  CB  . THR A 47  ? 0.6029 0.6448 0.5413 0.0300  0.0267  0.0148  182 THR A CB  
332 O  OG1 . THR A 47  ? 0.6063 0.6601 0.5525 0.0249  0.0326  0.0250  182 THR A OG1 
333 C  CG2 . THR A 47  ? 0.5996 0.6484 0.5469 0.0353  0.0281  0.0092  182 THR A CG2 
334 N  N   . THR A 48  ? 0.6005 0.6123 0.5246 0.0214  0.0107  0.0140  183 THR A N   
335 C  CA  . THR A 48  ? 0.6092 0.6146 0.5253 0.0187  0.0081  0.0188  183 THR A CA  
336 C  C   . THR A 48  ? 0.6222 0.6208 0.5181 0.0242  0.0082  0.0158  183 THR A C   
337 O  O   . THR A 48  ? 0.6243 0.6218 0.5129 0.0304  0.0092  0.0089  183 THR A O   
338 C  CB  . THR A 48  ? 0.6016 0.5982 0.5247 0.0143  -0.0011 0.0162  183 THR A CB  
339 O  OG1 . THR A 48  ? 0.5941 0.5862 0.5154 0.0164  -0.0049 0.0071  183 THR A OG1 
340 C  CG2 . THR A 48  ? 0.7083 0.7101 0.6507 0.0087  -0.0032 0.0199  183 THR A CG2 
341 N  N   . TRP A 49  ? 0.6328 0.6254 0.5198 0.0219  0.0055  0.0209  184 TRP A N   
342 C  CA  . TRP A 49  ? 0.6470 0.6308 0.5137 0.0268  0.0034  0.0181  184 TRP A CA  
343 C  C   . TRP A 49  ? 0.6414 0.6118 0.5073 0.0274  -0.0064 0.0097  184 TRP A C   
344 O  O   . TRP A 49  ? 0.6506 0.6130 0.5022 0.0324  -0.0093 0.0045  184 TRP A O   
345 C  CB  . TRP A 49  ? 0.6632 0.6452 0.5196 0.0235  0.0031  0.0280  184 TRP A CB  
346 C  CG  . TRP A 49  ? 0.6744 0.6716 0.5273 0.0220  0.0131  0.0383  184 TRP A CG  
347 C  CD1 . TRP A 49  ? 0.6770 0.6802 0.5398 0.0135  0.0142  0.0510  184 TRP A CD1 
348 C  CD2 . TRP A 49  ? 0.6869 0.6964 0.5255 0.0288  0.0228  0.0370  184 TRP A CD2 
349 N  NE1 . TRP A 49  ? 0.6895 0.7100 0.5458 0.0135  0.0252  0.0590  184 TRP A NE1 
350 C  CE2 . TRP A 49  ? 0.6956 0.7216 0.5367 0.0235  0.0312  0.0496  184 TRP A CE2 
351 C  CE3 . TRP A 49  ? 0.6926 0.7020 0.5178 0.0391  0.0246  0.0257  184 TRP A CE3 
352 C  CZ2 . TRP A 49  ? 0.7091 0.7540 0.5392 0.0284  0.0428  0.0507  184 TRP A CZ2 
353 C  CZ3 . TRP A 49  ? 0.7487 0.7746 0.5632 0.0453  0.0346  0.0254  184 TRP A CZ3 
354 C  CH2 . TRP A 49  ? 0.8156 0.8606 0.6323 0.0401  0.0444  0.0374  184 TRP A CH2 
355 N  N   . GLN A 50  ? 0.6275 0.5966 0.5092 0.0224  -0.0116 0.0079  185 GLN A N   
356 C  CA  . GLN A 50  ? 0.6235 0.5837 0.5063 0.0218  -0.0203 0.0009  185 GLN A CA  
357 C  C   . GLN A 50  ? 0.6144 0.5756 0.5000 0.0232  -0.0211 -0.0069 185 GLN A C   
358 O  O   . GLN A 50  ? 0.6022 0.5705 0.5001 0.0204  -0.0198 -0.0082 185 GLN A O   
359 C  CB  . GLN A 50  ? 0.6152 0.5758 0.5139 0.0166  -0.0261 0.0012  185 GLN A CB  
360 C  CG  . GLN A 50  ? 0.6086 0.5659 0.5130 0.0162  -0.0340 -0.0078 185 GLN A CG  
361 C  CD  . GLN A 50  ? 0.6008 0.5613 0.5224 0.0127  -0.0399 -0.0103 185 GLN A CD  
362 O  OE1 . GLN A 50  ? 0.6299 0.5939 0.5604 0.0103  -0.0388 -0.0053 185 GLN A OE1 
363 N  NE2 . GLN A 50  ? 0.5967 0.5571 0.5246 0.0129  -0.0468 -0.0188 185 GLN A NE2 
364 N  N   . ASP A 51  ? 0.6226 0.5754 0.4963 0.0272  -0.0245 -0.0115 186 ASP A N   
365 C  CA  . ASP A 51  ? 0.6179 0.5690 0.4934 0.0275  -0.0277 -0.0175 186 ASP A CA  
366 C  C   . ASP A 51  ? 0.6036 0.5608 0.4942 0.0211  -0.0308 -0.0200 186 ASP A C   
367 O  O   . ASP A 51  ? 0.6019 0.5584 0.4970 0.0189  -0.0353 -0.0221 186 ASP A O   
368 C  CB  . ASP A 51  ? 0.6303 0.5697 0.4931 0.0315  -0.0341 -0.0218 186 ASP A CB  
369 C  CG  . ASP A 51  ? 0.6302 0.5658 0.4937 0.0319  -0.0385 -0.0264 186 ASP A CG  
370 O  OD1 . ASP A 51  ? 0.6436 0.5702 0.4952 0.0381  -0.0418 -0.0297 186 ASP A OD1 
371 O  OD2 . ASP A 51  ? 0.6187 0.5600 0.4943 0.0260  -0.0398 -0.0269 186 ASP A OD2 
372 N  N   . PRO A 52  ? 0.5948 0.5591 0.4931 0.0183  -0.0288 -0.0202 187 PRO A N   
373 C  CA  . PRO A 52  ? 0.5829 0.5563 0.4936 0.0122  -0.0304 -0.0226 187 PRO A CA  
374 C  C   . PRO A 52  ? 0.5827 0.5560 0.4946 0.0091  -0.0361 -0.0269 187 PRO A C   
375 O  O   . PRO A 52  ? 0.5744 0.5584 0.4963 0.0044  -0.0372 -0.0299 187 PRO A O   
376 C  CB  . PRO A 52  ? 0.5797 0.5571 0.4925 0.0111  -0.0276 -0.0203 187 PRO A CB  
377 C  CG  . PRO A 52  ? 0.5905 0.5587 0.4928 0.0166  -0.0277 -0.0197 187 PRO A CG  
378 C  CD  . PRO A 52  ? 0.5981 0.5622 0.4928 0.0216  -0.0252 -0.0186 187 PRO A CD  
379 N  N   . ARG A 53  ? 0.7776 0.7402 0.6799 0.0118  -0.0400 -0.0276 188 ARG A N   
380 C  CA  . ARG A 53  ? 0.5939 0.5561 0.4987 0.0079  -0.0460 -0.0304 188 ARG A CA  
381 C  C   . ARG A 53  ? 0.5922 0.5572 0.5025 0.0067  -0.0498 -0.0349 188 ARG A C   
382 O  O   . ARG A 53  ? 0.5958 0.5556 0.5030 0.0109  -0.0506 -0.0360 188 ARG A O   
383 C  CB  . ARG A 53  ? 0.6072 0.5550 0.5012 0.0120  -0.0509 -0.0305 188 ARG A CB  
384 C  CG  . ARG A 53  ? 0.6103 0.5551 0.5014 0.0134  -0.0497 -0.0277 188 ARG A CG  
385 C  CD  . ARG A 53  ? 0.6255 0.5554 0.5067 0.0194  -0.0563 -0.0301 188 ARG A CD  
386 N  NE  . ARG A 53  ? 0.6351 0.5585 0.5038 0.0287  -0.0537 -0.0325 188 ARG A NE  
387 C  CZ  . ARG A 53  ? 0.6506 0.5625 0.5080 0.0366  -0.0584 -0.0364 188 ARG A CZ  
388 N  NH1 . ARG A 53  ? 0.6579 0.5608 0.5169 0.0363  -0.0674 -0.0384 188 ARG A NH1 
389 N  NH2 . ARG A 53  ? 0.6607 0.5701 0.5052 0.0447  -0.0550 -0.0383 188 ARG A NH2 
390 N  N   . LYS A 54  ? 0.5880 0.5623 0.5072 0.0005  -0.0528 -0.0373 189 LYS A N   
391 C  CA  . LYS A 54  ? 0.5857 0.5663 0.5137 -0.0005 -0.0569 -0.0432 189 LYS A CA  
392 C  C   . LYS A 54  ? 0.5919 0.5695 0.5209 -0.0038 -0.0633 -0.0441 189 LYS A C   
393 O  O   . LYS A 54  ? 0.5944 0.5717 0.5224 -0.0085 -0.0642 -0.0399 189 LYS A O   
394 C  CB  . LYS A 54  ? 0.5737 0.5756 0.5158 -0.0051 -0.0534 -0.0470 189 LYS A CB  
395 C  CG  . LYS A 54  ? 0.5680 0.5732 0.5121 -0.0024 -0.0491 -0.0470 189 LYS A CG  
396 C  CD  . LYS A 54  ? 0.5585 0.5853 0.5164 -0.0058 -0.0476 -0.0533 189 LYS A CD  
397 C  CE  . LYS A 54  ? 0.5530 0.5846 0.5130 -0.0049 -0.0435 -0.0522 189 LYS A CE  
398 N  NZ  . LYS A 54  ? 0.5477 0.5979 0.5114 -0.0111 -0.0398 -0.0527 189 LYS A NZ  
399 N  N   . ALA A 55  ? 0.5954 0.5704 0.5279 -0.0016 -0.0691 -0.0494 190 ALA A N   
400 C  CA  . ALA A 55  ? 0.6012 0.5744 0.5381 -0.0049 -0.0764 -0.0509 190 ALA A CA  
401 C  C   . ALA A 55  ? 0.5933 0.5885 0.5446 -0.0151 -0.0745 -0.0503 190 ALA A C   
402 O  O   . ALA A 55  ? 0.5829 0.5974 0.5429 -0.0179 -0.0685 -0.0526 190 ALA A O   
403 C  CB  . ALA A 55  ? 0.6055 0.5739 0.5453 -0.0004 -0.0830 -0.0573 190 ALA A CB  
404 N  N   . MET A 56  ? 0.6000 0.5929 0.5539 -0.0209 -0.0802 -0.0472 191 MET A N   
405 C  CA  . MET A 56  ? 0.5959 0.6103 0.5626 -0.0328 -0.0788 -0.0438 191 MET A CA  
406 C  C   . MET A 56  ? 0.5984 0.6222 0.5793 -0.0377 -0.0851 -0.0471 191 MET A C   
407 O  O   . MET A 56  ? 0.6094 0.6164 0.5881 -0.0375 -0.0944 -0.0453 191 MET A O   
408 C  CB  . MET A 56  ? 0.6156 0.6208 0.5756 -0.0388 -0.0812 -0.0338 191 MET A CB  
409 C  CG  . MET A 56  ? 0.6563 0.6685 0.6115 -0.0414 -0.0737 -0.0286 191 MET A CG  
410 S  SD  . MET A 56  ? 1.4957 1.5242 1.4580 -0.0578 -0.0748 -0.0177 191 MET A SD  
411 C  CE  . MET A 56  ? 0.7915 0.8580 0.7700 -0.0646 -0.0672 -0.0236 191 MET A CE  
412 N  N   . LEU A 57  ? 0.6236 0.6755 0.6203 -0.0421 -0.0807 -0.0525 192 LEU A N   
413 C  CA  . LEU A 57  ? 0.5906 0.6588 0.6046 -0.0493 -0.0852 -0.0546 192 LEU A CA  
414 C  C   . LEU A 57  ? 0.7315 0.8211 0.7526 -0.0640 -0.0819 -0.0454 192 LEU A C   
415 O  O   . LEU A 57  ? 0.8411 0.9469 0.8597 -0.0683 -0.0732 -0.0423 192 LEU A O   
416 C  CB  . LEU A 57  ? 0.5819 0.6722 0.6114 -0.0453 -0.0829 -0.0673 192 LEU A CB  
417 C  CG  . LEU A 57  ? 0.5856 0.6557 0.6131 -0.0333 -0.0908 -0.0759 192 LEU A CG  
418 C  CD1 . LEU A 57  ? 0.5851 0.6716 0.6336 -0.0341 -0.0965 -0.0850 192 LEU A CD1 
419 C  CD2 . LEU A 57  ? 0.7811 0.8173 0.7917 -0.0293 -0.0985 -0.0698 192 LEU A CD2 
420 N  N   . SER A 58  ? 0.6640 0.7537 0.6941 -0.0725 -0.0894 -0.0402 193 SER A N   
421 C  CA  . SER A 58  ? 0.6230 0.7342 0.6608 -0.0887 -0.0871 -0.0292 193 SER A CA  
422 C  C   . SER A 58  ? 0.6095 0.7363 0.6675 -0.0978 -0.0930 -0.0287 193 SER A C   
423 O  O   . SER A 58  ? 0.7154 0.8195 0.7751 -0.0957 -0.1050 -0.0284 193 SER A O   
424 C  CB  . SER A 58  ? 0.6138 0.7002 0.6373 -0.0929 -0.0925 -0.0161 193 SER A CB  
425 O  OG  . SER A 58  ? 0.6153 0.6701 0.6219 -0.0787 -0.0952 -0.0203 193 SER A OG  
426 N  N   . GLN A 59  ? 0.6010 0.7684 0.6747 -0.1073 -0.0846 -0.0296 194 GLN A N   
427 C  CA  . GLN A 59  ? 0.6045 0.7955 0.7005 -0.1184 -0.0880 -0.0282 194 GLN A CA  
428 C  C   . GLN A 59  ? 0.6190 0.8012 0.7153 -0.1342 -0.0959 -0.0099 194 GLN A C   
429 O  O   . GLN A 59  ? 0.6241 0.7952 0.7053 -0.1387 -0.0949 0.0011  194 GLN A O   
430 C  CB  . GLN A 59  ? 0.5951 0.8360 0.7059 -0.1241 -0.0749 -0.0343 194 GLN A CB  
431 C  CG  . GLN A 59  ? 0.5966 0.8687 0.7338 -0.1337 -0.0763 -0.0359 194 GLN A CG  
432 C  CD  . GLN A 59  ? 0.5862 0.9077 0.7382 -0.1333 -0.0633 -0.0484 194 GLN A CD  
433 O  OE1 . GLN A 59  ? 0.5786 0.9084 0.7204 -0.1256 -0.0543 -0.0557 194 GLN A OE1 
434 N  NE2 . GLN A 59  ? 0.5867 0.9420 0.7642 -0.1410 -0.0628 -0.0517 194 GLN A NE2 
435 N  N   . LEU A 60  ? 0.6270 0.8130 0.7411 -0.1428 -0.1051 -0.0064 195 LEU A N   
436 C  CA  . LEU A 60  ? 0.6436 0.8166 0.7600 -0.1580 -0.1164 0.0114  195 LEU A CA  
437 C  C   . LEU A 60  ? 0.8963 1.1075 1.0367 -0.1784 -0.1152 0.0216  195 LEU A C   
438 O  O   . LEU A 60  ? 1.0260 1.2314 1.1690 -0.1943 -0.1236 0.0392  195 LEU A O   
439 C  CB  . LEU A 60  ? 0.6546 0.7845 0.7680 -0.1493 -0.1341 0.0091  195 LEU A CB  
440 C  CG  . LEU A 60  ? 0.6545 0.7457 0.7426 -0.1316 -0.1363 0.0026  195 LEU A CG  
441 C  CD1 . LEU A 60  ? 0.6690 0.7205 0.7528 -0.1241 -0.1541 0.0008  195 LEU A CD1 
442 C  CD2 . LEU A 60  ? 0.6582 0.7440 0.7316 -0.1373 -0.1328 0.0144  195 LEU A CD2 
443 N  N   . ASN A 61  ? 0.9242 1.1750 1.0832 -0.1784 -0.1057 0.0106  196 ASN A N   
444 C  CA  . ASN A 61  ? 1.0182 1.3115 1.2018 -0.1979 -0.1028 0.0194  196 ASN A CA  
445 C  C   . ASN A 61  ? 1.0678 1.4092 1.2506 -0.2088 -0.0846 0.0240  196 ASN A C   
446 O  O   . ASN A 61  ? 1.1043 1.4398 1.2654 -0.2046 -0.0773 0.0254  196 ASN A O   
447 C  CB  . ASN A 61  ? 1.0388 1.3503 1.2479 -0.1921 -0.1049 0.0042  196 ASN A CB  
448 C  CG  . ASN A 61  ? 1.0107 1.3219 1.2152 -0.1703 -0.0984 -0.0187 196 ASN A CG  
449 O  OD1 . ASN A 61  ? 1.0040 1.2750 1.1879 -0.1546 -0.1033 -0.0248 196 ASN A OD1 
450 N  ND2 . ASN A 61  ? 0.9575 1.3145 1.1817 -0.1694 -0.0878 -0.0315 196 ASN A ND2 
451 N  N   . VAL A 62  ? 0.9247 1.3154 1.1314 -0.2229 -0.0778 0.0262  197 VAL A N   
452 C  CA  . VAL A 62  ? 0.8920 1.3356 1.0994 -0.2333 -0.0597 0.0289  197 VAL A CA  
453 C  C   . VAL A 62  ? 0.8072 1.3061 1.0441 -0.2358 -0.0504 0.0163  197 VAL A C   
454 O  O   . VAL A 62  ? 0.7236 1.2350 0.9666 -0.2181 -0.0445 -0.0069 197 VAL A O   
455 C  CB  . VAL A 62  ? 0.9474 1.3998 1.1487 -0.2583 -0.0606 0.0568  197 VAL A CB  
456 C  CG1 . VAL A 62  ? 0.8911 1.3078 1.0611 -0.2548 -0.0626 0.0655  197 VAL A CG1 
457 C  CG2 . VAL A 62  ? 0.9428 1.3780 1.1613 -0.2735 -0.0775 0.0730  197 VAL A CG2 
458 N  N   . SER A 79  ? 1.2571 1.1163 1.1803 -0.0563 -0.1728 0.0590  214 SER A N   
459 C  CA  . SER A 79  ? 1.2878 1.1263 1.2134 -0.0625 -0.1947 0.0689  214 SER A CA  
460 C  C   . SER A 79  ? 1.2820 1.1313 1.2012 -0.0776 -0.1948 0.0834  214 SER A C   
461 O  O   . SER A 79  ? 1.2926 1.1667 1.2056 -0.0838 -0.1783 0.0853  214 SER A O   
462 C  CB  . SER A 79  ? 1.3224 1.1430 1.2499 -0.0708 -0.2114 0.0762  214 SER A CB  
463 O  OG  . SER A 79  ? 1.3342 1.1701 1.2561 -0.0902 -0.2069 0.0905  214 SER A OG  
464 N  N   . GLY A 80  ? 1.1853 1.0160 1.1058 -0.0831 -0.2148 0.0933  215 GLY A N   
465 C  CA  . GLY A 80  ? 1.0941 0.9327 1.0074 -0.0954 -0.2172 0.1063  215 GLY A CA  
466 C  C   . GLY A 80  ? 1.0458 0.8747 0.9649 -0.0832 -0.2234 0.0994  215 GLY A C   
467 O  O   . GLY A 80  ? 1.1002 0.9179 1.0298 -0.0655 -0.2258 0.0848  215 GLY A O   
468 N  N   . PRO A 81  ? 0.8928 0.7274 0.8051 -0.0921 -0.2263 0.1095  216 PRO A N   
469 C  CA  . PRO A 81  ? 0.8047 0.6303 0.7234 -0.0819 -0.2339 0.1042  216 PRO A CA  
470 C  C   . PRO A 81  ? 0.8360 0.6842 0.7556 -0.0724 -0.2134 0.0927  216 PRO A C   
471 O  O   . PRO A 81  ? 0.8512 0.7220 0.7610 -0.0808 -0.1984 0.0963  216 PRO A O   
472 C  CB  . PRO A 81  ? 0.8290 0.6478 0.7377 -0.0993 -0.2498 0.1237  216 PRO A CB  
473 C  CG  . PRO A 81  ? 0.8233 0.6666 0.7173 -0.1162 -0.2359 0.1346  216 PRO A CG  
474 C  CD  . PRO A 81  ? 0.8351 0.6839 0.7331 -0.1135 -0.2252 0.1276  216 PRO A CD  
475 N  N   . LEU A 82  ? 0.7985 0.6418 0.7313 -0.0551 -0.2132 0.0789  217 LEU A N   
476 C  CA  . LEU A 82  ? 0.7490 0.6124 0.6857 -0.0464 -0.1954 0.0686  217 LEU A CA  
477 C  C   . LEU A 82  ? 0.7513 0.6253 0.6792 -0.0565 -0.1952 0.0777  217 LEU A C   
478 O  O   . LEU A 82  ? 0.8920 0.7524 0.8163 -0.0635 -0.2128 0.0880  217 LEU A O   
479 C  CB  . LEU A 82  ? 0.7459 0.6023 0.6997 -0.0277 -0.1982 0.0545  217 LEU A CB  
480 C  CG  . LEU A 82  ? 0.7395 0.5931 0.7002 -0.0153 -0.1926 0.0423  217 LEU A CG  
481 C  CD1 . LEU A 82  ? 0.8337 0.6796 0.8112 0.0021  -0.1996 0.0293  217 LEU A CD1 
482 C  CD2 . LEU A 82  ? 0.7146 0.5908 0.6725 -0.0133 -0.1692 0.0364  217 LEU A CD2 
483 N  N   . PRO A 83  ? 0.7311 0.6286 0.6551 -0.0568 -0.1766 0.0734  218 PRO A N   
484 C  CA  . PRO A 83  ? 0.7320 0.6427 0.6471 -0.0646 -0.1747 0.0789  218 PRO A CA  
485 C  C   . PRO A 83  ? 0.7799 0.6803 0.7037 -0.0579 -0.1866 0.0772  218 PRO A C   
486 O  O   . PRO A 83  ? 0.8206 0.7076 0.7599 -0.0456 -0.1935 0.0696  218 PRO A O   
487 C  CB  . PRO A 83  ? 0.7065 0.6407 0.6230 -0.0597 -0.1536 0.0687  218 PRO A CB  
488 C  CG  . PRO A 83  ? 0.6957 0.6301 0.6160 -0.0552 -0.1447 0.0628  218 PRO A CG  
489 C  CD  . PRO A 83  ? 0.7073 0.6191 0.6366 -0.0480 -0.1576 0.0615  218 PRO A CD  
490 N  N   . ASP A 84  ? 0.8128 0.7213 0.7272 -0.0652 -0.1890 0.0833  219 ASP A N   
491 C  CA  . ASP A 84  ? 0.8835 0.7810 0.8052 -0.0605 -0.2030 0.0833  219 ASP A CA  
492 C  C   . ASP A 84  ? 0.8217 0.7261 0.7637 -0.0442 -0.1940 0.0678  219 ASP A C   
493 O  O   . ASP A 84  ? 0.7472 0.6708 0.6905 -0.0418 -0.1783 0.0610  219 ASP A O   
494 C  CB  . ASP A 84  ? 1.0374 0.9427 0.9416 -0.0727 -0.2078 0.0936  219 ASP A CB  
495 C  CG  . ASP A 84  ? 1.1491 1.0351 1.0549 -0.0736 -0.2299 0.1005  219 ASP A CG  
496 O  OD1 . ASP A 84  ? 1.1460 1.0118 1.0478 -0.0803 -0.2469 0.1115  219 ASP A OD1 
497 O  OD2 . ASP A 84  ? 1.2152 1.1050 1.1272 -0.0675 -0.2316 0.0950  219 ASP A OD2 
498 N  N   . GLY A 85  ? 0.7430 0.6324 0.7022 -0.0332 -0.2051 0.0622  220 GLY A N   
499 C  CA  . GLY A 85  ? 0.7269 0.6244 0.7073 -0.0186 -0.1979 0.0487  220 GLY A CA  
500 C  C   . GLY A 85  ? 0.7117 0.6136 0.7048 -0.0070 -0.1857 0.0374  220 GLY A C   
501 O  O   . GLY A 85  ? 0.7005 0.6101 0.7126 0.0052  -0.1799 0.0267  220 GLY A O   
502 N  N   . TRP A 86  ? 0.7125 0.6109 0.6949 -0.0114 -0.1820 0.0402  221 TRP A N   
503 C  CA  . TRP A 86  ? 0.7000 0.6028 0.6902 -0.0012 -0.1703 0.0301  221 TRP A CA  
504 C  C   . TRP A 86  ? 0.7152 0.5996 0.7138 0.0075  -0.1839 0.0255  221 TRP A C   
505 O  O   . TRP A 86  ? 0.7364 0.6017 0.7299 0.0016  -0.2026 0.0333  221 TRP A O   
506 C  CB  . TRP A 86  ? 0.6914 0.6019 0.6668 -0.0096 -0.1582 0.0339  221 TRP A CB  
507 C  CG  . TRP A 86  ? 0.6724 0.6035 0.6449 -0.0123 -0.1416 0.0321  221 TRP A CG  
508 C  CD1 . TRP A 86  ? 0.6720 0.6123 0.6323 -0.0233 -0.1396 0.0389  221 TRP A CD1 
509 C  CD2 . TRP A 86  ? 0.6529 0.5981 0.6352 -0.0037 -0.1253 0.0227  221 TRP A CD2 
510 N  NE1 . TRP A 86  ? 0.6529 0.6111 0.6163 -0.0210 -0.1242 0.0329  221 TRP A NE1 
511 C  CE2 . TRP A 86  ? 0.6412 0.6016 0.6182 -0.0097 -0.1156 0.0240  221 TRP A CE2 
512 C  CE3 . TRP A 86  ? 0.6459 0.5932 0.6407 0.0086  -0.1185 0.0134  221 TRP A CE3 
513 C  CZ2 . TRP A 86  ? 0.6235 0.5981 0.6084 -0.0047 -0.1012 0.0174  221 TRP A CZ2 
514 C  CZ3 . TRP A 86  ? 0.6286 0.5918 0.6292 0.0126  -0.1028 0.0081  221 TRP A CZ3 
515 C  CH2 . TRP A 86  ? 0.6177 0.5930 0.6141 0.0057  -0.0951 0.0106  221 TRP A CH2 
516 N  N   . GLU A 87  ? 0.7057 0.5967 0.7172 0.0216  -0.1750 0.0126  222 GLU A N   
517 C  CA  . GLU A 87  ? 0.7200 0.5964 0.7409 0.0330  -0.1872 0.0044  222 GLU A CA  
518 C  C   . GLU A 87  ? 0.7107 0.5945 0.7303 0.0410  -0.1737 -0.0048 222 GLU A C   
519 O  O   . GLU A 87  ? 0.6917 0.5953 0.7126 0.0437  -0.1543 -0.0089 222 GLU A O   
520 C  CB  . GLU A 87  ? 0.7243 0.6020 0.7667 0.0463  -0.1946 -0.0056 222 GLU A CB  
521 C  CG  . GLU A 87  ? 0.7359 0.6058 0.7913 0.0626  -0.2030 -0.0194 222 GLU A CG  
522 C  CD  . GLU A 87  ? 0.7383 0.6151 0.8178 0.0771  -0.2078 -0.0314 222 GLU A CD  
523 O  OE1 . GLU A 87  ? 0.7349 0.6166 0.8212 0.0732  -0.2099 -0.0270 222 GLU A OE1 
524 O  OE2 . GLU A 87  ? 0.7699 0.6485 0.8618 0.0928  -0.2101 -0.0461 222 GLU A OE2 
525 N  N   . GLN A 88  ? 0.7262 0.5930 0.7429 0.0446  -0.1852 -0.0075 223 GLN A N   
526 C  CA  . GLN A 88  ? 0.7208 0.5934 0.7364 0.0541  -0.1747 -0.0178 223 GLN A CA  
527 C  C   . GLN A 88  ? 0.7298 0.6021 0.7620 0.0727  -0.1806 -0.0336 223 GLN A C   
528 O  O   . GLN A 88  ? 0.7499 0.6034 0.7896 0.0772  -0.2017 -0.0360 223 GLN A O   
529 C  CB  . GLN A 88  ? 0.7321 0.5879 0.7339 0.0467  -0.1830 -0.0122 223 GLN A CB  
530 C  CG  . GLN A 88  ? 0.8513 0.7017 0.8558 0.0610  -0.1851 -0.0258 223 GLN A CG  
531 C  CD  . GLN A 88  ? 0.7468 0.5846 0.7378 0.0535  -0.1891 -0.0209 223 GLN A CD  
532 O  OE1 . GLN A 88  ? 0.7334 0.5831 0.7160 0.0528  -0.1732 -0.0224 223 GLN A OE1 
533 N  NE2 . GLN A 88  ? 0.7685 0.5820 0.7588 0.0474  -0.2116 -0.0144 223 GLN A NE2 
534 N  N   . ALA A 89  ? 0.7167 0.6103 0.7549 0.0838  -0.1627 -0.0444 224 ALA A N   
535 C  CA  . ALA A 89  ? 0.7242 0.6248 0.7800 0.1023  -0.1656 -0.0607 224 ALA A CA  
536 C  C   . ALA A 89  ? 0.7202 0.6363 0.7731 0.1140  -0.1505 -0.0727 224 ALA A C   
537 O  O   . ALA A 89  ? 0.7077 0.6322 0.7471 0.1075  -0.1352 -0.0676 224 ALA A O   
538 C  CB  . ALA A 89  ? 0.7145 0.6322 0.7872 0.1047  -0.1601 -0.0618 224 ALA A CB  
539 N  N   . MET A 90  ? 0.7319 0.6533 0.7980 0.1319  -0.1552 -0.0893 225 MET A N   
540 C  CA  . MET A 90  ? 0.7333 0.6696 0.7955 0.1448  -0.1430 -0.1024 225 MET A CA  
541 C  C   . MET A 90  ? 0.7303 0.6960 0.8106 0.1596  -0.1314 -0.1158 225 MET A C   
542 O  O   . MET A 90  ? 0.7669 0.7321 0.8661 0.1692  -0.1436 -0.1247 225 MET A O   
543 C  CB  . MET A 90  ? 0.7565 0.6700 0.8139 0.1541  -0.1619 -0.1125 225 MET A CB  
544 C  CG  . MET A 90  ? 0.7659 0.6955 0.8259 0.1741  -0.1556 -0.1325 225 MET A CG  
545 S  SD  . MET A 90  ? 0.7902 0.6918 0.8370 0.1812  -0.1745 -0.1416 225 MET A SD  
546 C  CE  . MET A 90  ? 1.3029 1.2143 1.3682 0.2095  -0.1847 -0.1699 225 MET A CE  
547 N  N   . THR A 91  ? 0.7185 0.7106 0.7939 0.1615  -0.1085 -0.1173 226 THR A N   
548 C  CA  . THR A 91  ? 0.7157 0.7403 0.8087 0.1736  -0.0953 -0.1282 226 THR A CA  
549 C  C   . THR A 91  ? 0.7363 0.7660 0.8368 0.1949  -0.1032 -0.1499 226 THR A C   
550 O  O   . THR A 91  ? 0.7533 0.7586 0.8452 0.2004  -0.1202 -0.1567 226 THR A O   
551 C  CB  . THR A 91  ? 0.7010 0.7526 0.7857 0.1689  -0.0696 -0.1225 226 THR A CB  
552 O  OG1 . THR A 91  ? 0.7123 0.7690 0.7820 0.1789  -0.0641 -0.1326 226 THR A OG1 
553 C  CG2 . THR A 91  ? 0.6848 0.7253 0.7559 0.1493  -0.0646 -0.1035 226 THR A CG2 
554 N  N   . GLN A 92  ? 0.7358 0.7986 0.8536 0.2072  -0.0913 -0.1615 227 GLN A N   
555 C  CA  . GLN A 92  ? 0.7557 0.8304 0.8805 0.2293  -0.0956 -0.1847 227 GLN A CA  
556 C  C   . GLN A 92  ? 0.7637 0.8380 0.8635 0.2332  -0.0882 -0.1891 227 GLN A C   
557 O  O   . GLN A 92  ? 0.7844 0.8443 0.8792 0.2467  -0.1029 -0.2044 227 GLN A O   
558 C  CB  . GLN A 92  ? 0.7518 0.8694 0.8994 0.2398  -0.0797 -0.1947 227 GLN A CB  
559 N  N   . ASP A 93  ? 0.7485 0.8367 0.8327 0.2210  -0.0670 -0.1755 228 ASP A N   
560 C  CA  . ASP A 93  ? 0.7550 0.8438 0.8138 0.2227  -0.0586 -0.1771 228 ASP A CA  
561 C  C   . ASP A 93  ? 0.7624 0.8113 0.8038 0.2169  -0.0766 -0.1731 228 ASP A C   
562 O  O   . ASP A 93  ? 0.7718 0.8158 0.7934 0.2206  -0.0749 -0.1773 228 ASP A O   
563 C  CB  . ASP A 93  ? 0.8650 0.9740 0.9128 0.2086  -0.0345 -0.1608 228 ASP A CB  
564 C  CG  . ASP A 93  ? 1.0402 1.1931 1.0978 0.2162  -0.0139 -0.1666 228 ASP A CG  
565 O  OD1 . ASP A 93  ? 0.9693 1.1394 1.0340 0.2352  -0.0152 -0.1866 228 ASP A OD1 
566 O  OD2 . ASP A 93  ? 1.1250 1.2962 1.1843 0.2032  0.0032  -0.1514 228 ASP A OD2 
567 N  N   . GLY A 94  ? 0.7589 0.7801 0.8071 0.2069  -0.0938 -0.1637 229 GLY A N   
568 C  CA  . GLY A 94  ? 0.7678 0.7526 0.8019 0.2004  -0.1120 -0.1589 229 GLY A CA  
569 C  C   . GLY A 94  ? 0.7505 0.7247 0.7689 0.1793  -0.1050 -0.1380 229 GLY A C   
570 O  O   . GLY A 94  ? 0.7567 0.7043 0.7637 0.1723  -0.1180 -0.1326 229 GLY A O   
571 N  N   . GLU A 95  ? 0.7300 0.7252 0.7492 0.1692  -0.0852 -0.1266 230 GLU A N   
572 C  CA  . GLU A 95  ? 0.7134 0.7006 0.7204 0.1502  -0.0789 -0.1083 230 GLU A CA  
573 C  C   . GLU A 95  ? 0.7079 0.6764 0.7217 0.1374  -0.0919 -0.0966 230 GLU A C   
574 O  O   . GLU A 95  ? 0.7086 0.6799 0.7395 0.1402  -0.0982 -0.0986 230 GLU A O   
575 C  CB  . GLU A 95  ? 0.6959 0.7104 0.7032 0.1442  -0.0559 -0.1005 230 GLU A CB  
576 C  CG  . GLU A 95  ? 0.7017 0.7383 0.7006 0.1543  -0.0409 -0.1088 230 GLU A CG  
577 C  CD  . GLU A 95  ? 0.7663 0.8275 0.7665 0.1457  -0.0205 -0.0980 230 GLU A CD  
578 O  OE1 . GLU A 95  ? 0.7692 0.8536 0.7872 0.1488  -0.0123 -0.0994 230 GLU A OE1 
579 O  OE2 . GLU A 95  ? 0.8062 0.8632 0.7913 0.1355  -0.0136 -0.0878 230 GLU A OE2 
580 N  N   . VAL A 96  ? 0.7026 0.6546 0.7035 0.1231  -0.0954 -0.0844 231 VAL A N   
581 C  CA  . VAL A 96  ? 0.7002 0.6357 0.7043 0.1101  -0.1077 -0.0727 231 VAL A CA  
582 C  C   . VAL A 96  ? 0.6793 0.6279 0.6836 0.0966  -0.0943 -0.0600 231 VAL A C   
583 O  O   . VAL A 96  ? 0.6677 0.6266 0.6625 0.0918  -0.0798 -0.0558 231 VAL A O   
584 C  CB  . VAL A 96  ? 0.7102 0.6209 0.7012 0.1022  -0.1214 -0.0673 231 VAL A CB  
585 C  CG1 . VAL A 96  ? 0.7082 0.6060 0.6995 0.0866  -0.1316 -0.0531 231 VAL A CG1 
586 C  CG2 . VAL A 96  ? 0.7332 0.6278 0.7271 0.1156  -0.1388 -0.0801 231 VAL A CG2 
587 N  N   . TYR A 97  ? 0.6761 0.6236 0.6914 0.0914  -0.1003 -0.0544 232 TYR A N   
588 C  CA  . TYR A 97  ? 0.6585 0.6168 0.6744 0.0793  -0.0902 -0.0437 232 TYR A CA  
589 C  C   . TYR A 97  ? 0.6611 0.6078 0.6801 0.0699  -0.1033 -0.0352 232 TYR A C   
590 O  O   . TYR A 97  ? 0.6771 0.6061 0.6981 0.0716  -0.1210 -0.0361 232 TYR A O   
591 C  CB  . TYR A 97  ? 0.6475 0.6308 0.6773 0.0854  -0.0753 -0.0475 232 TYR A CB  
592 C  CG  . TYR A 97  ? 0.6532 0.6417 0.7030 0.0941  -0.0825 -0.0541 232 TYR A CG  
593 C  CD1 . TYR A 97  ? 0.6673 0.6567 0.7253 0.1094  -0.0883 -0.0675 232 TYR A CD1 
594 C  CD2 . TYR A 97  ? 0.6452 0.6386 0.7068 0.0879  -0.0839 -0.0480 232 TYR A CD2 
595 C  CE1 . TYR A 97  ? 0.6726 0.6682 0.7515 0.1181  -0.0953 -0.0748 232 TYR A CE1 
596 C  CE2 . TYR A 97  ? 0.6506 0.6488 0.7320 0.0960  -0.0911 -0.0543 232 TYR A CE2 
597 C  CZ  . TYR A 97  ? 0.6638 0.6637 0.7547 0.1111  -0.0966 -0.0676 232 TYR A CZ  
598 O  OH  . TYR A 97  ? 0.6693 0.6754 0.7823 0.1198  -0.1044 -0.0750 232 TYR A OH  
599 N  N   . TYR A 98  ? 0.6472 0.6034 0.6663 0.0600  -0.0958 -0.0269 233 TYR A N   
600 C  CA  . TYR A 98  ? 0.6505 0.5971 0.6681 0.0494  -0.1072 -0.0178 233 TYR A CA  
601 C  C   . TYR A 98  ? 0.6423 0.6009 0.6736 0.0490  -0.1045 -0.0168 233 TYR A C   
602 O  O   . TYR A 98  ? 0.6287 0.6052 0.6679 0.0514  -0.0904 -0.0191 233 TYR A O   
603 C  CB  . TYR A 98  ? 0.6453 0.5892 0.6457 0.0356  -0.1040 -0.0083 233 TYR A CB  
604 C  CG  . TYR A 98  ? 0.6552 0.5857 0.6444 0.0353  -0.1093 -0.0087 233 TYR A CG  
605 C  CD1 . TYR A 98  ? 0.6726 0.5837 0.6573 0.0303  -0.1269 -0.0037 233 TYR A CD1 
606 C  CD2 . TYR A 98  ? 0.6493 0.5856 0.6333 0.0401  -0.0981 -0.0139 233 TYR A CD2 
607 C  CE1 . TYR A 98  ? 0.6830 0.5810 0.6596 0.0298  -0.1336 -0.0039 233 TYR A CE1 
608 C  CE2 . TYR A 98  ? 0.6595 0.5828 0.6342 0.0404  -0.1044 -0.0151 233 TYR A CE2 
609 C  CZ  . TYR A 98  ? 0.6760 0.5801 0.6479 0.0354  -0.1221 -0.0103 233 TYR A CZ  
610 O  OH  . TYR A 98  ? 0.6872 0.5776 0.6518 0.0351  -0.1299 -0.0111 233 TYR A OH  
611 N  N   . ILE A 99  ? 0.6524 0.6002 0.6867 0.0453  -0.1195 -0.0126 234 ILE A N   
612 C  CA  . ILE A 99  ? 0.6488 0.6051 0.6991 0.0474  -0.1212 -0.0134 234 ILE A CA  
613 C  C   . ILE A 99  ? 0.6508 0.6018 0.6922 0.0349  -0.1287 -0.0032 234 ILE A C   
614 O  O   . ILE A 99  ? 0.6648 0.5997 0.6936 0.0275  -0.1416 0.0038  234 ILE A O   
615 C  CB  . ILE A 99  ? 0.6627 0.6120 0.7291 0.0589  -0.1347 -0.0212 234 ILE A CB  
616 C  CG1 . ILE A 99  ? 0.6633 0.6203 0.7372 0.0726  -0.1274 -0.0332 234 ILE A CG1 
617 C  CG2 . ILE A 99  ? 0.6578 0.6182 0.7430 0.0618  -0.1352 -0.0230 234 ILE A CG2 
618 C  CD1 . ILE A 99  ? 0.6766 0.6308 0.7689 0.0864  -0.1395 -0.0440 234 ILE A CD1 
619 N  N   . ASN A 100 ? 0.6385 0.6035 0.6864 0.0320  -0.1210 -0.0021 235 ASN A N   
620 C  CA  . ASN A 100 ? 0.6419 0.6040 0.6811 0.0216  -0.1283 0.0058  235 ASN A CA  
621 C  C   . ASN A 100 ? 0.7099 0.6727 0.7659 0.0258  -0.1376 0.0039  235 ASN A C   
622 O  O   . ASN A 100 ? 0.7661 0.7434 0.8371 0.0290  -0.1297 0.0001  235 ASN A O   
623 C  CB  . ASN A 100 ? 0.6271 0.6029 0.6590 0.0147  -0.1152 0.0079  235 ASN A CB  
624 C  CG  . ASN A 100 ? 0.6335 0.6074 0.6519 0.0042  -0.1225 0.0148  235 ASN A CG  
625 O  OD1 . ASN A 100 ? 0.6498 0.6115 0.6620 0.0004  -0.1371 0.0201  235 ASN A OD1 
626 N  ND2 . ASN A 100 ? 0.6226 0.6088 0.6358 -0.0006 -0.1132 0.0146  235 ASN A ND2 
627 N  N   . HIS A 101 ? 0.7249 0.6709 0.7789 0.0251  -0.1559 0.0070  236 HIS A N   
628 C  CA  . HIS A 101 ? 0.6716 0.6157 0.7432 0.0305  -0.1676 0.0043  236 HIS A CA  
629 C  C   . HIS A 101 ? 0.6697 0.6189 0.7371 0.0226  -0.1696 0.0095  236 HIS A C   
630 O  O   . HIS A 101 ? 0.8344 0.7885 0.9192 0.0272  -0.1742 0.0060  236 HIS A O   
631 C  CB  . HIS A 101 ? 0.6949 0.6168 0.7652 0.0320  -0.1890 0.0065  236 HIS A CB  
632 C  CG  . HIS A 101 ? 0.6993 0.6161 0.7792 0.0432  -0.1904 -0.0021 236 HIS A CG  
633 N  ND1 . HIS A 101 ? 0.6905 0.6216 0.7937 0.0574  -0.1825 -0.0148 236 HIS A ND1 
634 C  CD2 . HIS A 101 ? 0.7134 0.6129 0.7830 0.0427  -0.1995 -0.0005 236 HIS A CD2 
635 C  CE1 . HIS A 101 ? 0.6992 0.6229 0.8048 0.0662  -0.1864 -0.0220 236 HIS A CE1 
636 N  NE2 . HIS A 101 ? 0.7131 0.6161 0.7990 0.0577  -0.1976 -0.0136 236 HIS A NE2 
637 N  N   . LYS A 102 ? 0.6699 0.6194 0.7144 0.0111  -0.1663 0.0170  237 LYS A N   
638 C  CA  . LYS A 102 ? 0.6695 0.6255 0.7079 0.0045  -0.1680 0.0202  237 LYS A CA  
639 C  C   . LYS A 102 ? 0.6484 0.6232 0.7004 0.0082  -0.1525 0.0135  237 LYS A C   
640 O  O   . LYS A 102 ? 0.7857 0.7674 0.8379 0.0053  -0.1535 0.0133  237 LYS A O   
641 C  CB  . LYS A 102 ? 0.6787 0.6321 0.6882 -0.0085 -0.1695 0.0295  237 LYS A CB  
642 N  N   . ASN A 103 ? 0.6348 0.6177 0.6980 0.0146  -0.1392 0.0082  238 ASN A N   
643 C  CA  . ASN A 103 ? 0.6168 0.6166 0.6926 0.0167  -0.1251 0.0038  238 ASN A CA  
644 C  C   . ASN A 103 ? 0.6093 0.6182 0.7110 0.0264  -0.1194 -0.0021 238 ASN A C   
645 O  O   . ASN A 103 ? 0.5970 0.6200 0.7138 0.0279  -0.1102 -0.0043 238 ASN A O   
646 C  CB  . ASN A 103 ? 0.9550 0.9598 1.0167 0.0127  -0.1118 0.0045  238 ASN A CB  
647 C  CG  . ASN A 103 ? 0.9516 0.9593 0.9969 0.0041  -0.1118 0.0072  238 ASN A CG  
648 O  OD1 . ASN A 103 ? 1.1149 1.1187 1.1526 -0.0001 -0.1226 0.0099  238 ASN A OD1 
649 N  ND2 . ASN A 103 ? 0.9436 0.9593 0.9833 0.0021  -0.1001 0.0057  238 ASN A ND2 
650 N  N   . LYS A 104 ? 0.6184 0.6198 0.7251 0.0332  -0.1254 -0.0047 239 LYS A N   
651 C  CA  . LYS A 104 ? 0.6128 0.6259 0.7417 0.0437  -0.1179 -0.0118 239 LYS A CA  
652 C  C   . LYS A 104 ? 0.6287 0.6550 0.7550 0.0435  -0.0992 -0.0124 239 LYS A C   
653 O  O   . LYS A 104 ? 0.6255 0.6693 0.7700 0.0462  -0.0889 -0.0144 239 LYS A O   
654 C  CB  . LYS A 104 ? 0.6099 0.6343 0.7660 0.0479  -0.1214 -0.0150 239 LYS A CB  
655 N  N   . THR A 105 ? 0.6001 0.6181 0.7040 0.0394  -0.0958 -0.0098 240 THR A N   
656 C  CA  . THR A 105 ? 0.5900 0.6172 0.6888 0.0395  -0.0801 -0.0103 240 THR A CA  
657 C  C   . THR A 105 ? 0.5974 0.6147 0.6816 0.0428  -0.0800 -0.0123 240 THR A C   
658 O  O   . THR A 105 ? 0.6328 0.6340 0.7074 0.0419  -0.0926 -0.0112 240 THR A O   
659 C  CB  . THR A 105 ? 0.5815 0.6105 0.6680 0.0301  -0.0748 -0.0055 240 THR A CB  
660 O  OG1 . THR A 105 ? 0.5898 0.6055 0.6579 0.0230  -0.0851 -0.0016 240 THR A OG1 
661 C  CG2 . THR A 105 ? 0.6806 0.7212 0.7839 0.0282  -0.0727 -0.0049 240 THR A CG2 
662 N  N   . THR A 106 ? 0.5913 0.6174 0.6735 0.0458  -0.0669 -0.0145 241 THR A N   
663 C  CA  . THR A 106 ? 0.5987 0.6168 0.6682 0.0503  -0.0664 -0.0178 241 THR A CA  
664 C  C   . THR A 106 ? 0.5918 0.6108 0.6455 0.0451  -0.0561 -0.0148 241 THR A C   
665 O  O   . THR A 106 ? 0.5808 0.6116 0.6381 0.0415  -0.0462 -0.0121 241 THR A O   
666 C  CB  . THR A 106 ? 0.6025 0.6313 0.6854 0.0628  -0.0617 -0.0263 241 THR A CB  
667 O  OG1 . THR A 106 ? 0.5914 0.6418 0.6865 0.0631  -0.0471 -0.0256 241 THR A OG1 
668 C  CG2 . THR A 106 ? 0.6119 0.6375 0.7103 0.0697  -0.0741 -0.0313 241 THR A CG2 
669 N  N   . SER A 107 ? 0.5993 0.6056 0.6370 0.0451  -0.0597 -0.0154 242 SER A N   
670 C  CA  . SER A 107 ? 0.5939 0.6008 0.6174 0.0411  -0.0510 -0.0135 242 SER A CA  
671 C  C   . SER A 107 ? 0.6037 0.6012 0.6164 0.0468  -0.0527 -0.0179 242 SER A C   
672 O  O   . SER A 107 ? 0.6163 0.6018 0.6289 0.0510  -0.0643 -0.0210 242 SER A O   
673 C  CB  . SER A 107 ? 0.5902 0.5913 0.6021 0.0294  -0.0543 -0.0070 242 SER A CB  
674 O  OG  . SER A 107 ? 0.5843 0.5875 0.5855 0.0263  -0.0461 -0.0062 242 SER A OG  
675 N  N   . TRP A 108 ? 0.5994 0.6015 0.6034 0.0468  -0.0426 -0.0182 243 TRP A N   
676 C  CA  . TRP A 108 ? 0.6089 0.6015 0.6005 0.0515  -0.0445 -0.0224 243 TRP A CA  
677 C  C   . TRP A 108 ? 0.6118 0.5895 0.5900 0.0424  -0.0528 -0.0175 243 TRP A C   
678 O  O   . TRP A 108 ? 0.6217 0.5879 0.5913 0.0448  -0.0586 -0.0202 243 TRP A O   
679 C  CB  . TRP A 108 ? 0.6053 0.6081 0.5913 0.0547  -0.0315 -0.0241 243 TRP A CB  
680 C  CG  . TRP A 108 ? 0.6074 0.6263 0.6026 0.0643  -0.0226 -0.0292 243 TRP A CG  
681 C  CD1 . TRP A 108 ? 0.5994 0.6358 0.6013 0.0629  -0.0102 -0.0255 243 TRP A CD1 
682 C  CD2 . TRP A 108 ? 0.6199 0.6407 0.6190 0.0769  -0.0254 -0.0388 243 TRP A CD2 
683 N  NE1 . TRP A 108 ? 0.6058 0.6575 0.6153 0.0728  -0.0036 -0.0314 243 TRP A NE1 
684 C  CE2 . TRP A 108 ? 0.6181 0.6614 0.6263 0.0825  -0.0126 -0.0408 243 TRP A CE2 
685 C  CE3 . TRP A 108 ? 0.6337 0.6399 0.6311 0.0841  -0.0386 -0.0462 243 TRP A CE3 
686 C  CZ2 . TRP A 108 ? 0.6291 0.6834 0.6435 0.0957  -0.0111 -0.0512 243 TRP A CZ2 
687 C  CZ3 . TRP A 108 ? 0.6449 0.6591 0.6492 0.0981  -0.0388 -0.0573 243 TRP A CZ3 
688 C  CH2 . TRP A 108 ? 0.6422 0.6817 0.6548 0.1042  -0.0244 -0.0605 243 TRP A CH2 
689 N  N   . LEU A 109 ? 0.6040 0.5835 0.5814 0.0319  -0.0535 -0.0109 244 LEU A N   
690 C  CA  . LEU A 109 ? 0.6054 0.5773 0.5711 0.0219  -0.0584 -0.0058 244 LEU A CA  
691 C  C   . LEU A 109 ? 0.6161 0.5769 0.5803 0.0160  -0.0724 -0.0008 244 LEU A C   
692 O  O   . LEU A 109 ? 0.7981 0.7622 0.7677 0.0128  -0.0756 0.0022  244 LEU A O   
693 C  CB  . LEU A 109 ? 0.5920 0.5756 0.5567 0.0143  -0.0504 -0.0025 244 LEU A CB  
694 C  CG  . LEU A 109 ? 0.5929 0.5750 0.5485 0.0031  -0.0551 0.0026  244 LEU A CG  
695 C  CD1 . LEU A 109 ? 0.5970 0.5725 0.5430 0.0016  -0.0558 0.0023  244 LEU A CD1 
696 C  CD2 . LEU A 109 ? 0.5814 0.5769 0.5388 -0.0021 -0.0489 0.0032  244 LEU A CD2 
697 N  N   . ASP A 110 ? 0.6283 0.5751 0.5850 0.0140  -0.0819 0.0007  245 ASP A N   
698 C  CA  . ASP A 110 ? 0.6411 0.5766 0.5948 0.0058  -0.0962 0.0081  245 ASP A CA  
699 C  C   . ASP A 110 ? 0.6346 0.5805 0.5834 -0.0065 -0.0933 0.0157  245 ASP A C   
700 O  O   . ASP A 110 ? 0.6272 0.5816 0.5692 -0.0127 -0.0862 0.0173  245 ASP A O   
701 C  CB  . ASP A 110 ? 0.6543 0.5749 0.6006 0.0027  -0.1059 0.0103  245 ASP A CB  
702 C  CG  . ASP A 110 ? 0.6708 0.5785 0.6141 -0.0076 -0.1223 0.0203  245 ASP A CG  
703 O  OD1 . ASP A 110 ? 0.6691 0.5843 0.6090 -0.0180 -0.1224 0.0284  245 ASP A OD1 
704 O  OD2 . ASP A 110 ? 0.6875 0.5770 0.6314 -0.0057 -0.1365 0.0204  245 ASP A OD2 
705 N  N   . PRO A 111 ? 0.6389 0.5848 0.5910 -0.0093 -0.0998 0.0196  246 PRO A N   
706 C  CA  . PRO A 111 ? 0.6363 0.5926 0.5823 -0.0201 -0.0988 0.0261  246 PRO A CA  
707 C  C   . PRO A 111 ? 0.6420 0.6003 0.5752 -0.0329 -0.1006 0.0338  246 PRO A C   
708 O  O   . PRO A 111 ? 0.6362 0.6094 0.5636 -0.0401 -0.0946 0.0358  246 PRO A O   
709 C  CB  . PRO A 111 ? 0.6488 0.5966 0.5984 -0.0208 -0.1117 0.0303  246 PRO A CB  
710 C  CG  . PRO A 111 ? 0.6609 0.5912 0.6169 -0.0129 -0.1222 0.0275  246 PRO A CG  
711 C  CD  . PRO A 111 ? 0.6500 0.5845 0.6114 -0.0021 -0.1111 0.0177  246 PRO A CD  
712 N  N   . ARG A 112 ? 0.6662 0.6105 0.5961 -0.0353 -0.1095 0.0375  247 ARG A N   
713 C  CA  . ARG A 112 ? 0.6630 0.6090 0.5824 -0.0492 -0.1132 0.0470  247 ARG A CA  
714 C  C   . ARG A 112 ? 0.6493 0.6090 0.5665 -0.0502 -0.1002 0.0425  247 ARG A C   
715 O  O   . ARG A 112 ? 0.6505 0.6218 0.5608 -0.0615 -0.0980 0.0482  247 ARG A O   
716 C  CB  . ARG A 112 ? 0.6827 0.6070 0.6019 -0.0518 -0.1293 0.0531  247 ARG A CB  
717 C  CG  . ARG A 112 ? 0.6999 0.6098 0.6210 -0.0532 -0.1453 0.0593  247 ARG A CG  
718 C  CD  . ARG A 112 ? 0.7206 0.6056 0.6447 -0.0527 -0.1636 0.0626  247 ARG A CD  
719 N  NE  . ARG A 112 ? 0.7168 0.5923 0.6507 -0.0357 -0.1630 0.0489  247 ARG A NE  
720 C  CZ  . ARG A 112 ? 0.8591 0.7124 0.7981 -0.0302 -0.1794 0.0468  247 ARG A CZ  
721 N  NH1 . ARG A 112 ? 0.9711 0.8075 0.9080 -0.0411 -0.1987 0.0589  247 ARG A NH1 
722 N  NH2 . ARG A 112 ? 0.7316 0.5802 0.6779 -0.0138 -0.1773 0.0326  247 ARG A NH2 
723 N  N   . ASP A 113 ? 0.6372 0.5970 0.5604 -0.0383 -0.0917 0.0323  248 ASP A N   
724 C  CA  . ASP A 113 ? 0.6252 0.5956 0.5471 -0.0378 -0.0810 0.0273  248 ASP A CA  
725 C  C   . ASP A 113 ? 0.6111 0.6012 0.5339 -0.0390 -0.0701 0.0239  248 ASP A C   
726 O  O   . ASP A 113 ? 0.6437 0.6442 0.5664 -0.0389 -0.0621 0.0194  248 ASP A O   
727 C  CB  . ASP A 113 ? 0.6213 0.5830 0.5474 -0.0252 -0.0774 0.0189  248 ASP A CB  
728 C  CG  . ASP A 113 ? 0.6362 0.5792 0.5608 -0.0231 -0.0886 0.0198  248 ASP A CG  
729 O  OD1 . ASP A 113 ? 0.6374 0.5724 0.5645 -0.0114 -0.0879 0.0121  248 ASP A OD1 
730 O  OD2 . ASP A 113 ? 0.6835 0.6203 0.6046 -0.0333 -0.0987 0.0280  248 ASP A OD2 
731 N  N   . ARG A 114 ? 0.6186 0.6132 0.5432 -0.0394 -0.0714 0.0252  249 ARG A N   
732 C  CA  . ARG A 114 ? 0.5991 0.6111 0.5258 -0.0392 -0.0630 0.0205  249 ARG A CA  
733 C  C   . ARG A 114 ? 0.6186 0.6465 0.5369 -0.0500 -0.0613 0.0232  249 ARG A C   
734 O  O   . ARG A 114 ? 0.6380 0.6647 0.5488 -0.0596 -0.0677 0.0318  249 ARG A O   
735 C  CB  . ARG A 114 ? 0.6001 0.6122 0.5312 -0.0366 -0.0662 0.0206  249 ARG A CB  
736 C  CG  . ARG A 114 ? 0.5974 0.5990 0.5394 -0.0258 -0.0665 0.0170  249 ARG A CG  
737 C  CD  . ARG A 114 ? 0.6018 0.6021 0.5491 -0.0248 -0.0728 0.0187  249 ARG A CD  
738 N  NE  . ARG A 114 ? 0.6174 0.6122 0.5549 -0.0337 -0.0838 0.0273  249 ARG A NE  
739 C  CZ  . ARG A 114 ? 0.6593 0.6544 0.5962 -0.0364 -0.0910 0.0306  249 ARG A CZ  
740 N  NH1 . ARG A 114 ? 0.6167 0.6174 0.5639 -0.0303 -0.0884 0.0253  249 ARG A NH1 
741 N  NH2 . ARG A 114 ? 0.7698 0.7593 0.6959 -0.0458 -0.1015 0.0401  249 ARG A NH2 
742 N  N   . PRO A 115 ? 0.6411 0.6851 0.5620 -0.0483 -0.0529 0.0156  250 PRO A N   
743 C  CA  . PRO A 115 ? 0.5909 0.6559 0.5057 -0.0565 -0.0502 0.0152  250 PRO A CA  
744 C  C   . PRO A 115 ? 0.5940 0.6683 0.5062 -0.0577 -0.0520 0.0146  250 PRO A C   
745 O  O   . PRO A 115 ? 0.6664 0.7301 0.5839 -0.0517 -0.0552 0.0141  250 PRO A O   
746 C  CB  . PRO A 115 ? 0.5781 0.6526 0.4995 -0.0510 -0.0424 0.0046  250 PRO A CB  
747 C  CG  . PRO A 115 ? 0.6518 0.7109 0.5817 -0.0407 -0.0410 0.0011  250 PRO A CG  
748 C  CD  . PRO A 115 ? 0.7317 0.7759 0.6621 -0.0385 -0.0463 0.0068  250 PRO A CD  
749 N  N   . PRO A 116 ? 0.5990 0.6942 0.5031 -0.0651 -0.0503 0.0143  251 PRO A N   
750 C  CA  . PRO A 116 ? 0.6040 0.7079 0.5039 -0.0654 -0.0529 0.0130  251 PRO A CA  
751 C  C   . PRO A 116 ? 0.5916 0.6963 0.5033 -0.0543 -0.0503 0.0010  251 PRO A C   
752 O  O   . PRO A 116 ? 0.5800 0.6842 0.5011 -0.0483 -0.0453 -0.0063 251 PRO A O   
753 C  CB  . PRO A 116 ? 0.6117 0.7421 0.5004 -0.0746 -0.0498 0.0129  251 PRO A CB  
754 C  CG  . PRO A 116 ? 0.6159 0.7460 0.5015 -0.0829 -0.0488 0.0209  251 PRO A CG  
755 C  CD  . PRO A 116 ? 0.6030 0.7161 0.5008 -0.0741 -0.0467 0.0161  251 PRO A CD  
756 N  N   . PRO A 117 ? 0.5955 0.7004 0.5071 -0.0523 -0.0550 -0.0001 252 PRO A N   
757 C  CA  . PRO A 117 ? 0.5849 0.6866 0.5107 -0.0424 -0.0545 -0.0094 252 PRO A CA  
758 C  C   . PRO A 117 ? 0.5806 0.7015 0.5085 -0.0395 -0.0511 -0.0218 252 PRO A C   
759 O  O   . PRO A 117 ? 0.5873 0.7272 0.5042 -0.0450 -0.0492 -0.0238 252 PRO A O   
760 C  CB  . PRO A 117 ? 0.5929 0.6882 0.5180 -0.0421 -0.0623 -0.0057 252 PRO A CB  
761 C  CG  . PRO A 117 ? 0.6069 0.6959 0.5188 -0.0508 -0.0674 0.0067  252 PRO A CG  
762 C  CD  . PRO A 117 ? 0.6108 0.7146 0.5112 -0.0587 -0.0626 0.0083  252 PRO A CD  
763 N  N   . TYR A 118 ? 0.5706 0.6877 0.5133 -0.0312 -0.0508 -0.0302 253 TYR A N   
764 C  CA  . TYR A 118 ? 0.5680 0.7007 0.5154 -0.0269 -0.0504 -0.0436 253 TYR A CA  
765 C  C   . TYR A 118 ? 0.5776 0.7214 0.5194 -0.0268 -0.0562 -0.0485 253 TYR A C   
766 O  O   . TYR A 118 ? 0.5797 0.7130 0.5261 -0.0249 -0.0619 -0.0454 253 TYR A O   
767 C  CB  . TYR A 118 ? 0.5574 0.6797 0.5233 -0.0190 -0.0511 -0.0492 253 TYR A CB  
768 C  CG  . TYR A 118 ? 0.5554 0.6904 0.5287 -0.0138 -0.0527 -0.0637 253 TYR A CG  
769 C  CD1 . TYR A 118 ? 0.5509 0.6910 0.5261 -0.0128 -0.0487 -0.0686 253 TYR A CD1 
770 C  CD2 . TYR A 118 ? 0.5593 0.7002 0.5388 -0.0090 -0.0596 -0.0734 253 TYR A CD2 
771 C  CE1 . TYR A 118 ? 0.5503 0.7016 0.5341 -0.0070 -0.0518 -0.0831 253 TYR A CE1 
772 C  CE2 . TYR A 118 ? 0.5592 0.7107 0.5469 -0.0031 -0.0630 -0.0881 253 TYR A CE2 
773 C  CZ  . TYR A 118 ? 0.5548 0.7115 0.5449 -0.0019 -0.0592 -0.0931 253 TYR A CZ  
774 O  OH  . TYR A 118 ? 0.5561 0.7229 0.5562 0.0052  -0.0645 -0.1094 253 TYR A OH  
775 N  N   . VAL A 119 ? 0.5845 0.7513 0.5164 -0.0286 -0.0549 -0.0564 254 VAL A N   
776 C  CA  . VAL A 119 ? 0.5959 0.7754 0.5202 -0.0276 -0.0605 -0.0627 254 VAL A CA  
777 C  C   . VAL A 119 ? 0.5920 0.7742 0.5315 -0.0172 -0.0658 -0.0789 254 VAL A C   
778 O  O   . VAL A 119 ? 0.6848 0.8806 0.6294 -0.0126 -0.0639 -0.0917 254 VAL A O   
779 C  CB  . VAL A 119 ? 0.6080 0.8145 0.5135 -0.0343 -0.0565 -0.0644 254 VAL A CB  
780 C  CG1 . VAL A 119 ? 0.6202 0.8436 0.5183 -0.0307 -0.0619 -0.0755 254 VAL A CG1 
781 C  CG2 . VAL A 119 ? 0.6168 0.8183 0.5069 -0.0461 -0.0552 -0.0463 254 VAL A CG2 
782 N  N   . ALA A 120 ? 0.5929 0.7614 0.5411 -0.0133 -0.0736 -0.0784 255 ALA A N   
783 C  CA  . ALA A 120 ? 0.5895 0.7546 0.5561 -0.0042 -0.0809 -0.0910 255 ALA A CA  
784 C  C   . ALA A 120 ? 0.5988 0.7867 0.5605 0.0011  -0.0846 -0.1091 255 ALA A C   
785 O  O   . ALA A 120 ? 0.6104 0.8172 0.5528 -0.0026 -0.0825 -0.1105 255 ALA A O   
786 C  CB  . ALA A 120 ? 0.5913 0.7410 0.5669 -0.0026 -0.0891 -0.0862 255 ALA A CB  
787 N  N   . PRO A 121 ? 0.5954 0.7822 0.5748 0.0099  -0.0907 -0.1230 256 PRO A N   
788 C  CA  . PRO A 121 ? 0.6052 0.8137 0.5829 0.0173  -0.0960 -0.1434 256 PRO A CA  
789 C  C   . PRO A 121 ? 0.6198 0.8351 0.5871 0.0189  -0.1038 -0.1481 256 PRO A C   
790 O  O   . PRO A 121 ? 0.9272 1.1251 0.8971 0.0162  -0.1083 -0.1373 256 PRO A O   
791 C  CB  . PRO A 121 ? 0.5995 0.7958 0.6027 0.0262  -0.1051 -0.1542 256 PRO A CB  
792 C  CG  . PRO A 121 ? 0.5862 0.7601 0.6002 0.0217  -0.1005 -0.1386 256 PRO A CG  
793 C  CD  . PRO A 121 ? 0.5844 0.7499 0.5869 0.0133  -0.0944 -0.1204 256 PRO A CD  
794 N  N   . PRO A 122 ? 0.6330 0.8744 0.5890 0.0237  -0.1058 -0.1647 257 PRO A N   
795 C  CA  . PRO A 122 ? 0.6494 0.8973 0.5940 0.0259  -0.1145 -0.1703 257 PRO A CA  
796 C  C   . PRO A 122 ? 0.6492 0.8771 0.6165 0.0346  -0.1298 -0.1781 257 PRO A C   
797 O  O   . PRO A 122 ? 0.6395 0.8558 0.6298 0.0400  -0.1340 -0.1836 257 PRO A O   
798 C  CB  . PRO A 122 ? 0.6632 0.9465 0.5930 0.0308  -0.1122 -0.1891 257 PRO A CB  
799 C  CG  . PRO A 122 ? 0.6526 0.9425 0.5971 0.0357  -0.1081 -0.1994 257 PRO A CG  
800 C  CD  . PRO A 122 ? 0.6348 0.9023 0.5882 0.0278  -0.1005 -0.1802 257 PRO A CD  
801 N  N   . SER A 123 ? 0.6608 0.8842 0.6226 0.0352  -0.1392 -0.1774 258 SER A N   
802 C  CA  . SER A 123 ? 0.6594 0.8603 0.6448 0.0406  -0.1535 -0.1795 258 SER A CA  
803 C  C   . SER A 123 ? 0.6671 0.8736 0.6673 0.0533  -0.1667 -0.2034 258 SER A C   
804 O  O   . SER A 123 ? 0.6783 0.9096 0.6655 0.0592  -0.1663 -0.2209 258 SER A O   
805 C  CB  . SER A 123 ? 0.6706 0.8653 0.6462 0.0378  -0.1606 -0.1725 258 SER A CB  
806 O  OG  . SER A 123 ? 0.6906 0.9089 0.6427 0.0413  -0.1637 -0.1857 258 SER A OG  
807 N  N   . TYR A 124 ? 0.6625 0.8470 0.6909 0.0572  -0.1791 -0.2044 259 TYR A N   
808 C  CA  . TYR A 124 ? 0.6714 0.8572 0.7171 0.0693  -0.1948 -0.2268 259 TYR A CA  
809 C  C   . TYR A 124 ? 0.6927 0.8919 0.7249 0.0767  -0.2063 -0.2431 259 TYR A C   
810 O  O   . TYR A 124 ? 0.7057 0.9193 0.7389 0.0881  -0.2159 -0.2671 259 TYR A O   
811 C  CB  . TYR A 124 ? 0.6638 0.8215 0.7432 0.0697  -0.2067 -0.2209 259 TYR A CB  
812 C  CG  . TYR A 124 ? 0.6752 0.8293 0.7760 0.0816  -0.2268 -0.2427 259 TYR A CG  
813 C  CD1 . TYR A 124 ? 0.6714 0.8216 0.7889 0.0860  -0.2304 -0.2506 259 TYR A CD1 
814 C  CD2 . TYR A 124 ? 0.6917 0.8446 0.7963 0.0888  -0.2441 -0.2557 259 TYR A CD2 
815 C  CE1 . TYR A 124 ? 0.6841 0.8289 0.8227 0.0974  -0.2515 -0.2711 259 TYR A CE1 
816 C  CE2 . TYR A 124 ? 0.7041 0.8522 0.8292 0.1003  -0.2646 -0.2765 259 TYR A CE2 
817 C  CZ  . TYR A 124 ? 0.7005 0.8441 0.8431 0.1046  -0.2688 -0.2842 259 TYR A CZ  
818 O  OH  . TYR A 124 ? 0.7155 0.8522 0.8802 0.1167  -0.2923 -0.3058 259 TYR A OH  
819 N  N   . GLU A 125 ? 0.6975 0.8928 0.7162 0.0705  -0.2057 -0.2308 260 GLU A N   
820 C  CA  . GLU A 125 ? 0.7191 0.9233 0.7246 0.0767  -0.2182 -0.2437 260 GLU A CA  
821 C  C   . GLU A 125 ? 0.7330 0.9685 0.7020 0.0756  -0.2079 -0.2496 260 GLU A C   
822 O  O   . GLU A 125 ? 0.7519 0.9963 0.7016 0.0772  -0.2143 -0.2543 260 GLU A O   
823 C  CB  . GLU A 125 ? 0.8782 1.0625 0.8876 0.0707  -0.2247 -0.2277 260 GLU A CB  
824 C  CG  . GLU A 125 ? 0.9046 1.0612 0.9510 0.0712  -0.2365 -0.2220 260 GLU A CG  
825 C  CD  . GLU A 125 ? 1.0091 1.1517 1.0689 0.0614  -0.2228 -0.2001 260 GLU A CD  
826 O  OE1 . GLU A 125 ? 1.0927 1.2431 1.1323 0.0536  -0.2059 -0.1876 260 GLU A OE1 
827 O  OE2 . GLU A 125 ? 1.0850 1.2091 1.1756 0.0611  -0.2296 -0.1954 260 GLU A OE2 
828 N  N   . GLY A 126 ? 0.7251 0.9779 0.6845 0.0724  -0.1922 -0.2486 261 GLY A N   
829 C  CA  . GLY A 126 ? 0.7373 1.0210 0.6623 0.0678  -0.1799 -0.2487 261 GLY A CA  
830 C  C   . GLY A 126 ? 0.7537 1.0698 0.6696 0.0798  -0.1827 -0.2767 261 GLY A C   
831 O  O   . GLY A 126 ? 0.7527 1.0663 0.6909 0.0919  -0.1929 -0.2965 261 GLY A O   
832 N  N   . PRO A 127 ? 0.7708 1.1182 0.6537 0.0763  -0.1742 -0.2784 262 PRO A N   
833 C  CA  . PRO A 127 ? 0.7882 1.1750 0.6572 0.0863  -0.1726 -0.3041 262 PRO A CA  
834 C  C   . PRO A 127 ? 0.7747 1.1803 0.6509 0.0858  -0.1585 -0.3084 262 PRO A C   
835 O  O   . PRO A 127 ? 0.7640 1.1735 0.6301 0.0722  -0.1423 -0.2878 262 PRO A O   
836 C  CB  . PRO A 127 ? 0.8097 1.2212 0.6392 0.0776  -0.1654 -0.2958 262 PRO A CB  
837 C  CG  . PRO A 127 ? 0.7983 1.1874 0.6220 0.0609  -0.1579 -0.2639 262 PRO A CG  
838 C  CD  . PRO A 127 ? 0.7788 1.1252 0.6347 0.0626  -0.1679 -0.2558 262 PRO A CD  
839 N  N   . HIS A 128 ? 0.7767 1.1933 0.6709 0.1010  -0.1660 -0.3355 263 HIS A N   
840 C  CA  . HIS A 128 ? 0.7645 1.1981 0.6691 0.1023  -0.1550 -0.3420 263 HIS A CA  
841 C  C   . HIS A 128 ? 0.7801 1.2476 0.6878 0.1197  -0.1608 -0.3772 263 HIS A C   
842 O  O   . HIS A 128 ? 0.9050 1.3798 0.8084 0.1315  -0.1747 -0.3973 263 HIS A O   
843 C  CB  . HIS A 128 ? 0.7411 1.1374 0.6782 0.1018  -0.1597 -0.3329 263 HIS A CB  
844 C  CG  . HIS A 128 ? 0.7442 1.1142 0.7086 0.1147  -0.1823 -0.3480 263 HIS A CG  
845 N  ND1 . HIS A 128 ? 0.7435 1.0808 0.7156 0.1117  -0.1940 -0.3356 263 HIS A ND1 
846 C  CD2 . HIS A 128 ? 0.7491 1.1204 0.7366 0.1305  -0.1967 -0.3744 263 HIS A CD2 
847 C  CE1 . HIS A 128 ? 0.7478 1.0674 0.7469 0.1240  -0.2143 -0.3524 263 HIS A CE1 
848 N  NE2 . HIS A 128 ? 0.7519 1.0903 0.7605 0.1358  -0.2171 -0.3761 263 HIS A NE2 
849 N  N   . ARG A 129 ? 0.7714 1.2596 0.6881 0.1219  -0.1509 -0.3857 264 ARG A N   
850 C  CA  . ARG A 129 ? 0.7846 1.3071 0.7082 0.1393  -0.1557 -0.4207 264 ARG A CA  
851 C  C   . ARG A 129 ? 0.7681 1.2691 0.7280 0.1471  -0.1641 -0.4292 264 ARG A C   
852 O  O   . ARG A 129 ? 0.7470 1.2224 0.7172 0.1359  -0.1575 -0.4062 264 ARG A O   
853 C  CB  . ARG A 129 ? 1.1866 1.7620 1.0851 0.1338  -0.1349 -0.4234 264 ARG A CB  
854 C  CG  . ARG A 129 ? 1.1958 1.8188 1.0883 0.1512  -0.1382 -0.4603 264 ARG A CG  
855 C  CD  . ARG A 129 ? 1.2611 1.9338 1.1152 0.1414  -0.1192 -0.4551 264 ARG A CD  
856 N  NE  . ARG A 129 ? 1.3036 1.9729 1.1449 0.1183  -0.0998 -0.4194 264 ARG A NE  
857 C  CZ  . ARG A 129 ? 1.2713 1.9342 1.0844 0.1013  -0.0931 -0.3919 264 ARG A CZ  
858 N  NH1 . ARG A 129 ? 1.1533 1.8139 0.9468 0.1045  -0.1032 -0.3953 264 ARG A NH1 
859 N  NH2 . ARG A 129 ? 1.1846 1.8429 0.9897 0.0814  -0.0776 -0.3612 264 ARG A NH2 
860 N  N   . THR A 130 ? 0.7792 1.2887 0.7586 0.1666  -0.1802 -0.4619 265 THR A N   
861 C  CA  . THR A 130 ? 0.7664 1.2498 0.7813 0.1740  -0.1921 -0.4689 265 THR A CA  
862 C  C   . THR A 130 ? 0.7647 1.2825 0.7880 0.1814  -0.1840 -0.4879 265 THR A C   
863 O  O   . THR A 130 ? 0.7815 1.3454 0.7938 0.1918  -0.1803 -0.5133 265 THR A O   
864 C  CB  . THR A 130 ? 0.7796 1.2396 0.8182 0.1908  -0.2206 -0.4912 265 THR A CB  
865 O  OG1 . THR A 130 ? 0.9437 1.3845 0.9705 0.1864  -0.2280 -0.4802 265 THR A OG1 
866 C  CG2 . THR A 130 ? 0.7651 1.1835 0.8386 0.1915  -0.2340 -0.4849 265 THR A CG2 
867 N  N   . LEU A 131 ? 0.8229 1.3193 0.8665 0.1761  -0.1816 -0.4757 266 LEU A N   
868 C  CA  . LEU A 131 ? 0.7409 1.2646 0.7963 0.1820  -0.1750 -0.4911 266 LEU A CA  
869 C  C   . LEU A 131 ? 0.9644 1.4598 1.0565 0.1952  -0.1967 -0.5066 266 LEU A C   
870 O  O   . LEU A 131 ? 0.7478 1.2675 0.8554 0.2110  -0.2040 -0.5366 266 LEU A O   
871 C  CB  . LEU A 131 ? 0.7215 1.2487 0.7656 0.1631  -0.1518 -0.4621 266 LEU A CB  
872 C  CG  . LEU A 131 ? 0.7234 1.2661 0.7324 0.1467  -0.1334 -0.4394 266 LEU A CG  
873 C  CD1 . LEU A 131 ? 0.7044 1.2404 0.7062 0.1278  -0.1148 -0.4090 266 LEU A CD1 
874 C  CD2 . LEU A 131 ? 0.7428 1.3420 0.7316 0.1524  -0.1243 -0.4601 266 LEU A CD2 
875 N  N   . GLY A 132 ? 1.0298 1.4743 1.1365 0.1885  -0.2076 -0.4859 267 GLY A N   
876 C  CA  . GLY A 132 ? 1.1517 1.5645 1.2926 0.1987  -0.2305 -0.4966 267 GLY A CA  
877 C  C   . GLY A 132 ? 1.2026 1.5641 1.3550 0.1919  -0.2451 -0.4758 267 GLY A C   
878 O  O   . GLY A 132 ? 1.2582 1.5930 1.4371 0.2021  -0.2703 -0.4878 267 GLY A O   
879 O  OXT . GLY A 132 ? 1.2242 1.5707 1.3606 0.1757  -0.2323 -0.4462 267 GLY A OXT 
880 CA CA  . CA  B .   ? 0.6937 0.6443 0.6452 0.1114  -0.0716 -0.0758 301 CA  A CA  
881 CA CA  . CA  C .   ? 0.6510 0.6707 0.6016 0.0972  -0.0123 -0.0551 302 CA  A CA  
882 O  O   . HOH D .   ? 0.7937 0.6126 0.7656 -0.0241 -0.2493 0.0634  401 HOH A O   
883 O  O   . HOH D .   ? 0.7251 0.7481 0.8666 -0.1630 -0.2121 0.0290  402 HOH A O   
884 O  O   . HOH D .   ? 0.6439 0.5595 0.5496 0.0067  -0.0814 -0.0105 403 HOH A O   
885 O  O   . HOH D .   ? 0.8064 0.5814 0.7782 -0.0014 -0.2511 0.0331  404 HOH A O   
886 O  O   . HOH D .   ? 0.7300 0.8653 0.7100 0.1875  0.0129  -0.1341 405 HOH A O   
# 
loop_
_pdbx_poly_seq_scheme.asym_id 
_pdbx_poly_seq_scheme.entity_id 
_pdbx_poly_seq_scheme.seq_id 
_pdbx_poly_seq_scheme.mon_id 
_pdbx_poly_seq_scheme.ndb_seq_num 
_pdbx_poly_seq_scheme.pdb_seq_num 
_pdbx_poly_seq_scheme.auth_seq_num 
_pdbx_poly_seq_scheme.pdb_mon_id 
_pdbx_poly_seq_scheme.auth_mon_id 
_pdbx_poly_seq_scheme.pdb_strand_id 
_pdbx_poly_seq_scheme.pdb_ins_code 
_pdbx_poly_seq_scheme.hetero 
A 1 1   MET 1   136 ?   ?   ?   A . n 
A 1 2   HIS 2   137 ?   ?   ?   A . n 
A 1 3   HIS 3   138 ?   ?   ?   A . n 
A 1 4   HIS 4   139 ?   ?   ?   A . n 
A 1 5   HIS 5   140 140 HIS HIS A . n 
A 1 6   HIS 6   141 141 HIS HIS A . n 
A 1 7   HIS 7   142 142 HIS HIS A . n 
A 1 8   SER 8   143 143 SER SER A . n 
A 1 9   SER 9   144 144 SER SER A . n 
A 1 10  GLY 10  145 145 GLY GLY A . n 
A 1 11  LEU 11  146 146 LEU LEU A . n 
A 1 12  GLU 12  147 147 GLU GLU A . n 
A 1 13  VAL 13  148 148 VAL VAL A . n 
A 1 14  LEU 14  149 149 LEU LEU A . n 
A 1 15  PHE 15  150 150 PHE PHE A . n 
A 1 16  GLN 16  151 151 GLN GLN A . n 
A 1 17  GLY 17  152 152 GLY GLY A . n 
A 1 18  PRO 18  153 153 PRO PRO A . n 
A 1 19  GLY 19  154 154 GLY GLY A . n 
A 1 20  SER 20  155 155 SER SER A . n 
A 1 21  VAL 21  156 156 VAL VAL A . n 
A 1 22  PRO 22  157 157 PRO PRO A . n 
A 1 23  LEU 23  158 158 LEU LEU A . n 
A 1 24  PRO 24  159 159 PRO PRO A . n 
A 1 25  ALA 25  160 160 ALA ALA A . n 
A 1 26  GLY 26  161 161 GLY GLY A . n 
A 1 27  TRP 27  162 162 TRP TRP A . n 
A 1 28  GLU 28  163 163 GLU GLU A . n 
A 1 29  MET 29  164 164 MET MET A . n 
A 1 30  ALA 30  165 165 ALA ALA A . n 
A 1 31  LYS 31  166 166 LYS LYS A . n 
A 1 32  THR 32  167 167 THR THR A . n 
A 1 33  SER 33  168 168 SER SER A . n 
A 1 34  SER 34  169 169 SER SER A . n 
A 1 35  GLY 35  170 170 GLY GLY A . n 
A 1 36  GLN 36  171 171 GLN GLN A . n 
A 1 37  ARG 37  172 172 ARG ARG A . n 
A 1 38  TYR 38  173 173 TYR TYR A . n 
A 1 39  PHE 39  174 174 PHE PHE A . n 
A 1 40  LEU 40  175 175 LEU LEU A . n 
A 1 41  ASN 41  176 176 ASN ASN A . n 
A 1 42  HIS 42  177 177 HIS HIS A . n 
A 1 43  ASN 43  178 178 ASN ASN A . n 
A 1 44  ASP 44  179 179 ASP ASP A . n 
A 1 45  GLN 45  180 180 GLN GLN A . n 
A 1 46  THR 46  181 181 THR THR A . n 
A 1 47  THR 47  182 182 THR THR A . n 
A 1 48  THR 48  183 183 THR THR A . n 
A 1 49  TRP 49  184 184 TRP TRP A . n 
A 1 50  GLN 50  185 185 GLN GLN A . n 
A 1 51  ASP 51  186 186 ASP ASP A . n 
A 1 52  PRO 52  187 187 PRO PRO A . n 
A 1 53  ARG 53  188 188 ARG ARG A . n 
A 1 54  LYS 54  189 189 LYS LYS A . n 
A 1 55  ALA 55  190 190 ALA ALA A . n 
A 1 56  MET 56  191 191 MET MET A . n 
A 1 57  LEU 57  192 192 LEU LEU A . n 
A 1 58  SER 58  193 193 SER SER A . n 
A 1 59  GLN 59  194 194 GLN GLN A . n 
A 1 60  LEU 60  195 195 LEU LEU A . n 
A 1 61  ASN 61  196 196 ASN ASN A . n 
A 1 62  VAL 62  197 197 VAL VAL A . n 
A 1 63  PRO 63  198 ?   ?   ?   A . n 
A 1 64  ALA 64  199 ?   ?   ?   A . n 
A 1 65  PRO 65  200 ?   ?   ?   A . n 
A 1 66  ALA 66  201 ?   ?   ?   A . n 
A 1 67  SER 67  202 ?   ?   ?   A . n 
A 1 68  PRO 68  203 ?   ?   ?   A . n 
A 1 69  ALA 69  204 ?   ?   ?   A . n 
A 1 70  VAL 70  205 ?   ?   ?   A . n 
A 1 71  PRO 71  206 ?   ?   ?   A . n 
A 1 72  GLN 72  207 ?   ?   ?   A . n 
A 1 73  THR 73  208 ?   ?   ?   A . n 
A 1 74  LEU 74  209 ?   ?   ?   A . n 
A 1 75  MET 75  210 ?   ?   ?   A . n 
A 1 76  ASN 76  211 ?   ?   ?   A . n 
A 1 77  SER 77  212 ?   ?   ?   A . n 
A 1 78  ALA 78  213 ?   ?   ?   A . n 
A 1 79  SER 79  214 214 SER SER A . n 
A 1 80  GLY 80  215 215 GLY GLY A . n 
A 1 81  PRO 81  216 216 PRO PRO A . n 
A 1 82  LEU 82  217 217 LEU LEU A . n 
A 1 83  PRO 83  218 218 PRO PRO A . n 
A 1 84  ASP 84  219 219 ASP ASP A . n 
A 1 85  GLY 85  220 220 GLY GLY A . n 
A 1 86  TRP 86  221 221 TRP TRP A . n 
A 1 87  GLU 87  222 222 GLU GLU A . n 
A 1 88  GLN 88  223 223 GLN GLN A . n 
A 1 89  ALA 89  224 224 ALA ALA A . n 
A 1 90  MET 90  225 225 MET MET A . n 
A 1 91  THR 91  226 226 THR THR A . n 
A 1 92  GLN 92  227 227 GLN GLN A . n 
A 1 93  ASP 93  228 228 ASP ASP A . n 
A 1 94  GLY 94  229 229 GLY GLY A . n 
A 1 95  GLU 95  230 230 GLU GLU A . n 
A 1 96  VAL 96  231 231 VAL VAL A . n 
A 1 97  TYR 97  232 232 TYR TYR A . n 
A 1 98  TYR 98  233 233 TYR TYR A . n 
A 1 99  ILE 99  234 234 ILE ILE A . n 
A 1 100 ASN 100 235 235 ASN ASN A . n 
A 1 101 HIS 101 236 236 HIS HIS A . n 
A 1 102 LYS 102 237 237 LYS LYS A . n 
A 1 103 ASN 103 238 238 ASN ASN A . n 
A 1 104 LYS 104 239 239 LYS LYS A . n 
A 1 105 THR 105 240 240 THR THR A . n 
A 1 106 THR 106 241 241 THR THR A . n 
A 1 107 SER 107 242 242 SER SER A . n 
A 1 108 TRP 108 243 243 TRP TRP A . n 
A 1 109 LEU 109 244 244 LEU LEU A . n 
A 1 110 ASP 110 245 245 ASP ASP A . n 
A 1 111 PRO 111 246 246 PRO PRO A . n 
A 1 112 ARG 112 247 247 ARG ARG A . n 
A 1 113 ASP 113 248 248 ASP ASP A . n 
A 1 114 ARG 114 249 249 ARG ARG A . n 
A 1 115 PRO 115 250 250 PRO PRO A . n 
A 1 116 PRO 116 251 251 PRO PRO A . n 
A 1 117 PRO 117 252 252 PRO PRO A . n 
A 1 118 TYR 118 253 253 TYR TYR A . n 
A 1 119 VAL 119 254 254 VAL VAL A . n 
A 1 120 ALA 120 255 255 ALA ALA A . n 
A 1 121 PRO 121 256 256 PRO PRO A . n 
A 1 122 PRO 122 257 257 PRO PRO A . n 
A 1 123 SER 123 258 258 SER SER A . n 
A 1 124 TYR 124 259 259 TYR TYR A . n 
A 1 125 GLU 125 260 260 GLU GLU A . n 
A 1 126 GLY 126 261 261 GLY GLY A . n 
A 1 127 PRO 127 262 262 PRO PRO A . n 
A 1 128 HIS 128 263 263 HIS HIS A . n 
A 1 129 ARG 129 264 264 ARG ARG A . n 
A 1 130 THR 130 265 265 THR THR A . n 
A 1 131 LEU 131 266 266 LEU LEU A . n 
A 1 132 GLY 132 267 267 GLY GLY A . n 
# 
loop_
_pdbx_nonpoly_scheme.asym_id 
_pdbx_nonpoly_scheme.entity_id 
_pdbx_nonpoly_scheme.mon_id 
_pdbx_nonpoly_scheme.ndb_seq_num 
_pdbx_nonpoly_scheme.pdb_seq_num 
_pdbx_nonpoly_scheme.auth_seq_num 
_pdbx_nonpoly_scheme.pdb_mon_id 
_pdbx_nonpoly_scheme.auth_mon_id 
_pdbx_nonpoly_scheme.pdb_strand_id 
_pdbx_nonpoly_scheme.pdb_ins_code 
B 2 CA  1 301 1 CA  CA  A . 
C 2 CA  1 302 2 CA  CA  A . 
D 3 HOH 1 401 2 HOH HOH A . 
D 3 HOH 2 402 4 HOH HOH A . 
D 3 HOH 3 403 5 HOH HOH A . 
D 3 HOH 4 404 1 HOH HOH A . 
D 3 HOH 5 405 3 HOH HOH A . 
# 
_pdbx_struct_assembly.id                   1 
_pdbx_struct_assembly.details              author_and_software_defined_assembly 
_pdbx_struct_assembly.method_details       PISA 
_pdbx_struct_assembly.oligomeric_details   monomeric 
_pdbx_struct_assembly.oligomeric_count     1 
# 
_pdbx_struct_assembly_gen.assembly_id       1 
_pdbx_struct_assembly_gen.oper_expression   1 
_pdbx_struct_assembly_gen.asym_id_list      A,B,C,D 
# 
loop_
_pdbx_struct_assembly_prop.biol_id 
_pdbx_struct_assembly_prop.type 
_pdbx_struct_assembly_prop.value 
_pdbx_struct_assembly_prop.details 
1 'ABSA (A^2)' 100  ? 
1 MORE         -8   ? 
1 'SSA (A^2)'  9620 ? 
# 
_pdbx_struct_oper_list.id                   1 
_pdbx_struct_oper_list.type                 'identity operation' 
_pdbx_struct_oper_list.name                 1_555 
_pdbx_struct_oper_list.symmetry_operation   x,y,z 
_pdbx_struct_oper_list.matrix[1][1]         1.0000000000 
_pdbx_struct_oper_list.matrix[1][2]         0.0000000000 
_pdbx_struct_oper_list.matrix[1][3]         0.0000000000 
_pdbx_struct_oper_list.vector[1]            0.0000000000 
_pdbx_struct_oper_list.matrix[2][1]         0.0000000000 
_pdbx_struct_oper_list.matrix[2][2]         1.0000000000 
_pdbx_struct_oper_list.matrix[2][3]         0.0000000000 
_pdbx_struct_oper_list.vector[2]            0.0000000000 
_pdbx_struct_oper_list.matrix[3][1]         0.0000000000 
_pdbx_struct_oper_list.matrix[3][2]         0.0000000000 
_pdbx_struct_oper_list.matrix[3][3]         1.0000000000 
_pdbx_struct_oper_list.vector[3]            0.0000000000 
# 
loop_
_pdbx_audit_revision_history.ordinal 
_pdbx_audit_revision_history.data_content_type 
_pdbx_audit_revision_history.major_revision 
_pdbx_audit_revision_history.minor_revision 
_pdbx_audit_revision_history.revision_date 
1 'Structure model' 1 0 2019-09-25 
2 'Structure model' 1 1 2023-11-22 
# 
_pdbx_audit_revision_details.ordinal             1 
_pdbx_audit_revision_details.revision_ordinal    1 
_pdbx_audit_revision_details.data_content_type   'Structure model' 
_pdbx_audit_revision_details.provider            repository 
_pdbx_audit_revision_details.type                'Initial release' 
_pdbx_audit_revision_details.description         ? 
_pdbx_audit_revision_details.details             ? 
# 
loop_
_pdbx_audit_revision_group.ordinal 
_pdbx_audit_revision_group.revision_ordinal 
_pdbx_audit_revision_group.data_content_type 
_pdbx_audit_revision_group.group 
1 2 'Structure model' 'Data collection'        
2 2 'Structure model' 'Database references'    
3 2 'Structure model' 'Refinement description' 
# 
loop_
_pdbx_audit_revision_category.ordinal 
_pdbx_audit_revision_category.revision_ordinal 
_pdbx_audit_revision_category.data_content_type 
_pdbx_audit_revision_category.category 
1 2 'Structure model' chem_comp_atom                
2 2 'Structure model' chem_comp_bond                
3 2 'Structure model' database_2                    
4 2 'Structure model' pdbx_initial_refinement_model 
# 
loop_
_pdbx_audit_revision_item.ordinal 
_pdbx_audit_revision_item.revision_ordinal 
_pdbx_audit_revision_item.data_content_type 
_pdbx_audit_revision_item.item 
1 2 'Structure model' '_database_2.pdbx_DOI'                
2 2 'Structure model' '_database_2.pdbx_database_accession' 
# 
_pdbx_refine_tls.pdbx_refine_id   'X-RAY DIFFRACTION' 
_pdbx_refine_tls.id               1 
_pdbx_refine_tls.details          ? 
_pdbx_refine_tls.method           refined 
_pdbx_refine_tls.origin_x         -0.1579 
_pdbx_refine_tls.origin_y         -0.0987 
_pdbx_refine_tls.origin_z         0.2429 
_pdbx_refine_tls.T[1][1]          0.5725 
_pdbx_refine_tls.T[2][2]          0.5724 
_pdbx_refine_tls.T[3][3]          0.5021 
_pdbx_refine_tls.T[1][2]          -0.0128 
_pdbx_refine_tls.T[1][3]          -0.0369 
_pdbx_refine_tls.T[2][3]          -0.0055 
_pdbx_refine_tls.L[1][1]          1.9930 
_pdbx_refine_tls.L[2][2]          1.2831 
_pdbx_refine_tls.L[3][3]          1.1926 
_pdbx_refine_tls.L[1][2]          -0.0258 
_pdbx_refine_tls.L[1][3]          1.3702 
_pdbx_refine_tls.L[2][3]          0.2269 
_pdbx_refine_tls.S[1][1]          -0.1784 
_pdbx_refine_tls.S[1][2]          0.1589 
_pdbx_refine_tls.S[1][3]          0.1184 
_pdbx_refine_tls.S[2][1]          0.0491 
_pdbx_refine_tls.S[2][2]          0.1148 
_pdbx_refine_tls.S[2][3]          0.0642 
_pdbx_refine_tls.S[3][1]          -0.2062 
_pdbx_refine_tls.S[3][2]          0.0699 
_pdbx_refine_tls.S[3][3]          0.0796 
# 
_pdbx_refine_tls_group.pdbx_refine_id      'X-RAY DIFFRACTION' 
_pdbx_refine_tls_group.id                  1 
_pdbx_refine_tls_group.refine_tls_id       1 
_pdbx_refine_tls_group.beg_auth_asym_id    ? 
_pdbx_refine_tls_group.beg_auth_seq_id     ? 
_pdbx_refine_tls_group.beg_label_asym_id   ? 
_pdbx_refine_tls_group.beg_label_seq_id    ? 
_pdbx_refine_tls_group.end_auth_asym_id    ? 
_pdbx_refine_tls_group.end_auth_seq_id     ? 
_pdbx_refine_tls_group.end_label_asym_id   ? 
_pdbx_refine_tls_group.end_label_seq_id    ? 
_pdbx_refine_tls_group.selection           ? 
_pdbx_refine_tls_group.selection_details   all 
# 
loop_
_software.citation_id 
_software.classification 
_software.compiler_name 
_software.compiler_version 
_software.contact_author 
_software.contact_author_email 
_software.date 
_software.description 
_software.dependencies 
_software.hardware 
_software.language 
_software.location 
_software.mods 
_software.name 
_software.os 
_software.os_version 
_software.type 
_software.version 
_software.pdbx_ordinal 
? refinement       ? ? ? ? ? ? ? ? ? ? ? PHENIX   ? ? ? 1.9_1692 1 
? 'data reduction' ? ? ? ? ? ? ? ? ? ? ? HKL-3000 ? ? ? .        2 
? 'data scaling'   ? ? ? ? ? ? ? ? ? ? ? HKL-3000 ? ? ? .        3 
? phasing          ? ? ? ? ? ? ? ? ? ? ? PHASER   ? ? ? .        4 
# 
_pdbx_validate_close_contact.id               1 
_pdbx_validate_close_contact.PDB_model_num    1 
_pdbx_validate_close_contact.auth_atom_id_1   O 
_pdbx_validate_close_contact.auth_asym_id_1   A 
_pdbx_validate_close_contact.auth_comp_id_1   GLY 
_pdbx_validate_close_contact.auth_seq_id_1    215 
_pdbx_validate_close_contact.PDB_ins_code_1   ? 
_pdbx_validate_close_contact.label_alt_id_1   ? 
_pdbx_validate_close_contact.auth_atom_id_2   NH1 
_pdbx_validate_close_contact.auth_asym_id_2   A 
_pdbx_validate_close_contact.auth_comp_id_2   ARG 
_pdbx_validate_close_contact.auth_seq_id_2    247 
_pdbx_validate_close_contact.PDB_ins_code_2   ? 
_pdbx_validate_close_contact.label_alt_id_2   ? 
_pdbx_validate_close_contact.dist             2.14 
# 
loop_
_pdbx_validate_torsion.id 
_pdbx_validate_torsion.PDB_model_num 
_pdbx_validate_torsion.auth_comp_id 
_pdbx_validate_torsion.auth_asym_id 
_pdbx_validate_torsion.auth_seq_id 
_pdbx_validate_torsion.PDB_ins_code 
_pdbx_validate_torsion.label_alt_id 
_pdbx_validate_torsion.phi 
_pdbx_validate_torsion.psi 
1 1 HIS A 141 ? ? 177.42 -174.30 
2 1 THR A 167 ? ? -68.28 -178.09 
3 1 SER A 169 ? ? -79.80 23.75   
4 1 PRO A 218 ? ? -57.82 171.44  
# 
loop_
_pdbx_unobs_or_zero_occ_atoms.id 
_pdbx_unobs_or_zero_occ_atoms.PDB_model_num 
_pdbx_unobs_or_zero_occ_atoms.polymer_flag 
_pdbx_unobs_or_zero_occ_atoms.occupancy_flag 
_pdbx_unobs_or_zero_occ_atoms.auth_asym_id 
_pdbx_unobs_or_zero_occ_atoms.auth_comp_id 
_pdbx_unobs_or_zero_occ_atoms.auth_seq_id 
_pdbx_unobs_or_zero_occ_atoms.PDB_ins_code 
_pdbx_unobs_or_zero_occ_atoms.auth_atom_id 
_pdbx_unobs_or_zero_occ_atoms.label_alt_id 
_pdbx_unobs_or_zero_occ_atoms.label_asym_id 
_pdbx_unobs_or_zero_occ_atoms.label_comp_id 
_pdbx_unobs_or_zero_occ_atoms.label_seq_id 
_pdbx_unobs_or_zero_occ_atoms.label_atom_id 
1  1 Y 1 A GLN 227 ? CG  ? A GLN 92  CG  
2  1 Y 1 A GLN 227 ? CD  ? A GLN 92  CD  
3  1 Y 1 A GLN 227 ? OE1 ? A GLN 92  OE1 
4  1 Y 1 A GLN 227 ? NE2 ? A GLN 92  NE2 
5  1 Y 1 A LYS 237 ? CG  ? A LYS 102 CG  
6  1 Y 1 A LYS 237 ? CD  ? A LYS 102 CD  
7  1 Y 1 A LYS 237 ? CE  ? A LYS 102 CE  
8  1 Y 1 A LYS 237 ? NZ  ? A LYS 102 NZ  
9  1 Y 1 A LYS 239 ? CG  ? A LYS 104 CG  
10 1 Y 1 A LYS 239 ? CD  ? A LYS 104 CD  
11 1 Y 1 A LYS 239 ? CE  ? A LYS 104 CE  
12 1 Y 1 A LYS 239 ? NZ  ? A LYS 104 NZ  
# 
loop_
_pdbx_unobs_or_zero_occ_residues.id 
_pdbx_unobs_or_zero_occ_residues.PDB_model_num 
_pdbx_unobs_or_zero_occ_residues.polymer_flag 
_pdbx_unobs_or_zero_occ_residues.occupancy_flag 
_pdbx_unobs_or_zero_occ_residues.auth_asym_id 
_pdbx_unobs_or_zero_occ_residues.auth_comp_id 
_pdbx_unobs_or_zero_occ_residues.auth_seq_id 
_pdbx_unobs_or_zero_occ_residues.PDB_ins_code 
_pdbx_unobs_or_zero_occ_residues.label_asym_id 
_pdbx_unobs_or_zero_occ_residues.label_comp_id 
_pdbx_unobs_or_zero_occ_residues.label_seq_id 
1  1 Y 1 A MET 136 ? A MET 1  
2  1 Y 1 A HIS 137 ? A HIS 2  
3  1 Y 1 A HIS 138 ? A HIS 3  
4  1 Y 1 A HIS 139 ? A HIS 4  
5  1 Y 1 A PRO 198 ? A PRO 63 
6  1 Y 1 A ALA 199 ? A ALA 64 
7  1 Y 1 A PRO 200 ? A PRO 65 
8  1 Y 1 A ALA 201 ? A ALA 66 
9  1 Y 1 A SER 202 ? A SER 67 
10 1 Y 1 A PRO 203 ? A PRO 68 
11 1 Y 1 A ALA 204 ? A ALA 69 
12 1 Y 1 A VAL 205 ? A VAL 70 
13 1 Y 1 A PRO 206 ? A PRO 71 
14 1 Y 1 A GLN 207 ? A GLN 72 
15 1 Y 1 A THR 208 ? A THR 73 
16 1 Y 1 A LEU 209 ? A LEU 74 
17 1 Y 1 A MET 210 ? A MET 75 
18 1 Y 1 A ASN 211 ? A ASN 76 
19 1 Y 1 A SER 212 ? A SER 77 
20 1 Y 1 A ALA 213 ? A ALA 78 
# 
loop_
_chem_comp_atom.comp_id 
_chem_comp_atom.atom_id 
_chem_comp_atom.type_symbol 
_chem_comp_atom.pdbx_aromatic_flag 
_chem_comp_atom.pdbx_stereo_config 
_chem_comp_atom.pdbx_ordinal 
ALA N    N  N N 1   
ALA CA   C  N S 2   
ALA C    C  N N 3   
ALA O    O  N N 4   
ALA CB   C  N N 5   
ALA OXT  O  N N 6   
ALA H    H  N N 7   
ALA H2   H  N N 8   
ALA HA   H  N N 9   
ALA HB1  H  N N 10  
ALA HB2  H  N N 11  
ALA HB3  H  N N 12  
ALA HXT  H  N N 13  
ARG N    N  N N 14  
ARG CA   C  N S 15  
ARG C    C  N N 16  
ARG O    O  N N 17  
ARG CB   C  N N 18  
ARG CG   C  N N 19  
ARG CD   C  N N 20  
ARG NE   N  N N 21  
ARG CZ   C  N N 22  
ARG NH1  N  N N 23  
ARG NH2  N  N N 24  
ARG OXT  O  N N 25  
ARG H    H  N N 26  
ARG H2   H  N N 27  
ARG HA   H  N N 28  
ARG HB2  H  N N 29  
ARG HB3  H  N N 30  
ARG HG2  H  N N 31  
ARG HG3  H  N N 32  
ARG HD2  H  N N 33  
ARG HD3  H  N N 34  
ARG HE   H  N N 35  
ARG HH11 H  N N 36  
ARG HH12 H  N N 37  
ARG HH21 H  N N 38  
ARG HH22 H  N N 39  
ARG HXT  H  N N 40  
ASN N    N  N N 41  
ASN CA   C  N S 42  
ASN C    C  N N 43  
ASN O    O  N N 44  
ASN CB   C  N N 45  
ASN CG   C  N N 46  
ASN OD1  O  N N 47  
ASN ND2  N  N N 48  
ASN OXT  O  N N 49  
ASN H    H  N N 50  
ASN H2   H  N N 51  
ASN HA   H  N N 52  
ASN HB2  H  N N 53  
ASN HB3  H  N N 54  
ASN HD21 H  N N 55  
ASN HD22 H  N N 56  
ASN HXT  H  N N 57  
ASP N    N  N N 58  
ASP CA   C  N S 59  
ASP C    C  N N 60  
ASP O    O  N N 61  
ASP CB   C  N N 62  
ASP CG   C  N N 63  
ASP OD1  O  N N 64  
ASP OD2  O  N N 65  
ASP OXT  O  N N 66  
ASP H    H  N N 67  
ASP H2   H  N N 68  
ASP HA   H  N N 69  
ASP HB2  H  N N 70  
ASP HB3  H  N N 71  
ASP HD2  H  N N 72  
ASP HXT  H  N N 73  
CA  CA   CA N N 74  
GLN N    N  N N 75  
GLN CA   C  N S 76  
GLN C    C  N N 77  
GLN O    O  N N 78  
GLN CB   C  N N 79  
GLN CG   C  N N 80  
GLN CD   C  N N 81  
GLN OE1  O  N N 82  
GLN NE2  N  N N 83  
GLN OXT  O  N N 84  
GLN H    H  N N 85  
GLN H2   H  N N 86  
GLN HA   H  N N 87  
GLN HB2  H  N N 88  
GLN HB3  H  N N 89  
GLN HG2  H  N N 90  
GLN HG3  H  N N 91  
GLN HE21 H  N N 92  
GLN HE22 H  N N 93  
GLN HXT  H  N N 94  
GLU N    N  N N 95  
GLU CA   C  N S 96  
GLU C    C  N N 97  
GLU O    O  N N 98  
GLU CB   C  N N 99  
GLU CG   C  N N 100 
GLU CD   C  N N 101 
GLU OE1  O  N N 102 
GLU OE2  O  N N 103 
GLU OXT  O  N N 104 
GLU H    H  N N 105 
GLU H2   H  N N 106 
GLU HA   H  N N 107 
GLU HB2  H  N N 108 
GLU HB3  H  N N 109 
GLU HG2  H  N N 110 
GLU HG3  H  N N 111 
GLU HE2  H  N N 112 
GLU HXT  H  N N 113 
GLY N    N  N N 114 
GLY CA   C  N N 115 
GLY C    C  N N 116 
GLY O    O  N N 117 
GLY OXT  O  N N 118 
GLY H    H  N N 119 
GLY H2   H  N N 120 
GLY HA2  H  N N 121 
GLY HA3  H  N N 122 
GLY HXT  H  N N 123 
HIS N    N  N N 124 
HIS CA   C  N S 125 
HIS C    C  N N 126 
HIS O    O  N N 127 
HIS CB   C  N N 128 
HIS CG   C  Y N 129 
HIS ND1  N  Y N 130 
HIS CD2  C  Y N 131 
HIS CE1  C  Y N 132 
HIS NE2  N  Y N 133 
HIS OXT  O  N N 134 
HIS H    H  N N 135 
HIS H2   H  N N 136 
HIS HA   H  N N 137 
HIS HB2  H  N N 138 
HIS HB3  H  N N 139 
HIS HD1  H  N N 140 
HIS HD2  H  N N 141 
HIS HE1  H  N N 142 
HIS HE2  H  N N 143 
HIS HXT  H  N N 144 
HOH O    O  N N 145 
HOH H1   H  N N 146 
HOH H2   H  N N 147 
ILE N    N  N N 148 
ILE CA   C  N S 149 
ILE C    C  N N 150 
ILE O    O  N N 151 
ILE CB   C  N S 152 
ILE CG1  C  N N 153 
ILE CG2  C  N N 154 
ILE CD1  C  N N 155 
ILE OXT  O  N N 156 
ILE H    H  N N 157 
ILE H2   H  N N 158 
ILE HA   H  N N 159 
ILE HB   H  N N 160 
ILE HG12 H  N N 161 
ILE HG13 H  N N 162 
ILE HG21 H  N N 163 
ILE HG22 H  N N 164 
ILE HG23 H  N N 165 
ILE HD11 H  N N 166 
ILE HD12 H  N N 167 
ILE HD13 H  N N 168 
ILE HXT  H  N N 169 
LEU N    N  N N 170 
LEU CA   C  N S 171 
LEU C    C  N N 172 
LEU O    O  N N 173 
LEU CB   C  N N 174 
LEU CG   C  N N 175 
LEU CD1  C  N N 176 
LEU CD2  C  N N 177 
LEU OXT  O  N N 178 
LEU H    H  N N 179 
LEU H2   H  N N 180 
LEU HA   H  N N 181 
LEU HB2  H  N N 182 
LEU HB3  H  N N 183 
LEU HG   H  N N 184 
LEU HD11 H  N N 185 
LEU HD12 H  N N 186 
LEU HD13 H  N N 187 
LEU HD21 H  N N 188 
LEU HD22 H  N N 189 
LEU HD23 H  N N 190 
LEU HXT  H  N N 191 
LYS N    N  N N 192 
LYS CA   C  N S 193 
LYS C    C  N N 194 
LYS O    O  N N 195 
LYS CB   C  N N 196 
LYS CG   C  N N 197 
LYS CD   C  N N 198 
LYS CE   C  N N 199 
LYS NZ   N  N N 200 
LYS OXT  O  N N 201 
LYS H    H  N N 202 
LYS H2   H  N N 203 
LYS HA   H  N N 204 
LYS HB2  H  N N 205 
LYS HB3  H  N N 206 
LYS HG2  H  N N 207 
LYS HG3  H  N N 208 
LYS HD2  H  N N 209 
LYS HD3  H  N N 210 
LYS HE2  H  N N 211 
LYS HE3  H  N N 212 
LYS HZ1  H  N N 213 
LYS HZ2  H  N N 214 
LYS HZ3  H  N N 215 
LYS HXT  H  N N 216 
MET N    N  N N 217 
MET CA   C  N S 218 
MET C    C  N N 219 
MET O    O  N N 220 
MET CB   C  N N 221 
MET CG   C  N N 222 
MET SD   S  N N 223 
MET CE   C  N N 224 
MET OXT  O  N N 225 
MET H    H  N N 226 
MET H2   H  N N 227 
MET HA   H  N N 228 
MET HB2  H  N N 229 
MET HB3  H  N N 230 
MET HG2  H  N N 231 
MET HG3  H  N N 232 
MET HE1  H  N N 233 
MET HE2  H  N N 234 
MET HE3  H  N N 235 
MET HXT  H  N N 236 
PHE N    N  N N 237 
PHE CA   C  N S 238 
PHE C    C  N N 239 
PHE O    O  N N 240 
PHE CB   C  N N 241 
PHE CG   C  Y N 242 
PHE CD1  C  Y N 243 
PHE CD2  C  Y N 244 
PHE CE1  C  Y N 245 
PHE CE2  C  Y N 246 
PHE CZ   C  Y N 247 
PHE OXT  O  N N 248 
PHE H    H  N N 249 
PHE H2   H  N N 250 
PHE HA   H  N N 251 
PHE HB2  H  N N 252 
PHE HB3  H  N N 253 
PHE HD1  H  N N 254 
PHE HD2  H  N N 255 
PHE HE1  H  N N 256 
PHE HE2  H  N N 257 
PHE HZ   H  N N 258 
PHE HXT  H  N N 259 
PRO N    N  N N 260 
PRO CA   C  N S 261 
PRO C    C  N N 262 
PRO O    O  N N 263 
PRO CB   C  N N 264 
PRO CG   C  N N 265 
PRO CD   C  N N 266 
PRO OXT  O  N N 267 
PRO H    H  N N 268 
PRO HA   H  N N 269 
PRO HB2  H  N N 270 
PRO HB3  H  N N 271 
PRO HG2  H  N N 272 
PRO HG3  H  N N 273 
PRO HD2  H  N N 274 
PRO HD3  H  N N 275 
PRO HXT  H  N N 276 
SER N    N  N N 277 
SER CA   C  N S 278 
SER C    C  N N 279 
SER O    O  N N 280 
SER CB   C  N N 281 
SER OG   O  N N 282 
SER OXT  O  N N 283 
SER H    H  N N 284 
SER H2   H  N N 285 
SER HA   H  N N 286 
SER HB2  H  N N 287 
SER HB3  H  N N 288 
SER HG   H  N N 289 
SER HXT  H  N N 290 
THR N    N  N N 291 
THR CA   C  N S 292 
THR C    C  N N 293 
THR O    O  N N 294 
THR CB   C  N R 295 
THR OG1  O  N N 296 
THR CG2  C  N N 297 
THR OXT  O  N N 298 
THR H    H  N N 299 
THR H2   H  N N 300 
THR HA   H  N N 301 
THR HB   H  N N 302 
THR HG1  H  N N 303 
THR HG21 H  N N 304 
THR HG22 H  N N 305 
THR HG23 H  N N 306 
THR HXT  H  N N 307 
TRP N    N  N N 308 
TRP CA   C  N S 309 
TRP C    C  N N 310 
TRP O    O  N N 311 
TRP CB   C  N N 312 
TRP CG   C  Y N 313 
TRP CD1  C  Y N 314 
TRP CD2  C  Y N 315 
TRP NE1  N  Y N 316 
TRP CE2  C  Y N 317 
TRP CE3  C  Y N 318 
TRP CZ2  C  Y N 319 
TRP CZ3  C  Y N 320 
TRP CH2  C  Y N 321 
TRP OXT  O  N N 322 
TRP H    H  N N 323 
TRP H2   H  N N 324 
TRP HA   H  N N 325 
TRP HB2  H  N N 326 
TRP HB3  H  N N 327 
TRP HD1  H  N N 328 
TRP HE1  H  N N 329 
TRP HE3  H  N N 330 
TRP HZ2  H  N N 331 
TRP HZ3  H  N N 332 
TRP HH2  H  N N 333 
TRP HXT  H  N N 334 
TYR N    N  N N 335 
TYR CA   C  N S 336 
TYR C    C  N N 337 
TYR O    O  N N 338 
TYR CB   C  N N 339 
TYR CG   C  Y N 340 
TYR CD1  C  Y N 341 
TYR CD2  C  Y N 342 
TYR CE1  C  Y N 343 
TYR CE2  C  Y N 344 
TYR CZ   C  Y N 345 
TYR OH   O  N N 346 
TYR OXT  O  N N 347 
TYR H    H  N N 348 
TYR H2   H  N N 349 
TYR HA   H  N N 350 
TYR HB2  H  N N 351 
TYR HB3  H  N N 352 
TYR HD1  H  N N 353 
TYR HD2  H  N N 354 
TYR HE1  H  N N 355 
TYR HE2  H  N N 356 
TYR HH   H  N N 357 
TYR HXT  H  N N 358 
VAL N    N  N N 359 
VAL CA   C  N S 360 
VAL C    C  N N 361 
VAL O    O  N N 362 
VAL CB   C  N N 363 
VAL CG1  C  N N 364 
VAL CG2  C  N N 365 
VAL OXT  O  N N 366 
VAL H    H  N N 367 
VAL H2   H  N N 368 
VAL HA   H  N N 369 
VAL HB   H  N N 370 
VAL HG11 H  N N 371 
VAL HG12 H  N N 372 
VAL HG13 H  N N 373 
VAL HG21 H  N N 374 
VAL HG22 H  N N 375 
VAL HG23 H  N N 376 
VAL HXT  H  N N 377 
# 
loop_
_chem_comp_bond.comp_id 
_chem_comp_bond.atom_id_1 
_chem_comp_bond.atom_id_2 
_chem_comp_bond.value_order 
_chem_comp_bond.pdbx_aromatic_flag 
_chem_comp_bond.pdbx_stereo_config 
_chem_comp_bond.pdbx_ordinal 
ALA N   CA   sing N N 1   
ALA N   H    sing N N 2   
ALA N   H2   sing N N 3   
ALA CA  C    sing N N 4   
ALA CA  CB   sing N N 5   
ALA CA  HA   sing N N 6   
ALA C   O    doub N N 7   
ALA C   OXT  sing N N 8   
ALA CB  HB1  sing N N 9   
ALA CB  HB2  sing N N 10  
ALA CB  HB3  sing N N 11  
ALA OXT HXT  sing N N 12  
ARG N   CA   sing N N 13  
ARG N   H    sing N N 14  
ARG N   H2   sing N N 15  
ARG CA  C    sing N N 16  
ARG CA  CB   sing N N 17  
ARG CA  HA   sing N N 18  
ARG C   O    doub N N 19  
ARG C   OXT  sing N N 20  
ARG CB  CG   sing N N 21  
ARG CB  HB2  sing N N 22  
ARG CB  HB3  sing N N 23  
ARG CG  CD   sing N N 24  
ARG CG  HG2  sing N N 25  
ARG CG  HG3  sing N N 26  
ARG CD  NE   sing N N 27  
ARG CD  HD2  sing N N 28  
ARG CD  HD3  sing N N 29  
ARG NE  CZ   sing N N 30  
ARG NE  HE   sing N N 31  
ARG CZ  NH1  sing N N 32  
ARG CZ  NH2  doub N N 33  
ARG NH1 HH11 sing N N 34  
ARG NH1 HH12 sing N N 35  
ARG NH2 HH21 sing N N 36  
ARG NH2 HH22 sing N N 37  
ARG OXT HXT  sing N N 38  
ASN N   CA   sing N N 39  
ASN N   H    sing N N 40  
ASN N   H2   sing N N 41  
ASN CA  C    sing N N 42  
ASN CA  CB   sing N N 43  
ASN CA  HA   sing N N 44  
ASN C   O    doub N N 45  
ASN C   OXT  sing N N 46  
ASN CB  CG   sing N N 47  
ASN CB  HB2  sing N N 48  
ASN CB  HB3  sing N N 49  
ASN CG  OD1  doub N N 50  
ASN CG  ND2  sing N N 51  
ASN ND2 HD21 sing N N 52  
ASN ND2 HD22 sing N N 53  
ASN OXT HXT  sing N N 54  
ASP N   CA   sing N N 55  
ASP N   H    sing N N 56  
ASP N   H2   sing N N 57  
ASP CA  C    sing N N 58  
ASP CA  CB   sing N N 59  
ASP CA  HA   sing N N 60  
ASP C   O    doub N N 61  
ASP C   OXT  sing N N 62  
ASP CB  CG   sing N N 63  
ASP CB  HB2  sing N N 64  
ASP CB  HB3  sing N N 65  
ASP CG  OD1  doub N N 66  
ASP CG  OD2  sing N N 67  
ASP OD2 HD2  sing N N 68  
ASP OXT HXT  sing N N 69  
GLN N   CA   sing N N 70  
GLN N   H    sing N N 71  
GLN N   H2   sing N N 72  
GLN CA  C    sing N N 73  
GLN CA  CB   sing N N 74  
GLN CA  HA   sing N N 75  
GLN C   O    doub N N 76  
GLN C   OXT  sing N N 77  
GLN CB  CG   sing N N 78  
GLN CB  HB2  sing N N 79  
GLN CB  HB3  sing N N 80  
GLN CG  CD   sing N N 81  
GLN CG  HG2  sing N N 82  
GLN CG  HG3  sing N N 83  
GLN CD  OE1  doub N N 84  
GLN CD  NE2  sing N N 85  
GLN NE2 HE21 sing N N 86  
GLN NE2 HE22 sing N N 87  
GLN OXT HXT  sing N N 88  
GLU N   CA   sing N N 89  
GLU N   H    sing N N 90  
GLU N   H2   sing N N 91  
GLU CA  C    sing N N 92  
GLU CA  CB   sing N N 93  
GLU CA  HA   sing N N 94  
GLU C   O    doub N N 95  
GLU C   OXT  sing N N 96  
GLU CB  CG   sing N N 97  
GLU CB  HB2  sing N N 98  
GLU CB  HB3  sing N N 99  
GLU CG  CD   sing N N 100 
GLU CG  HG2  sing N N 101 
GLU CG  HG3  sing N N 102 
GLU CD  OE1  doub N N 103 
GLU CD  OE2  sing N N 104 
GLU OE2 HE2  sing N N 105 
GLU OXT HXT  sing N N 106 
GLY N   CA   sing N N 107 
GLY N   H    sing N N 108 
GLY N   H2   sing N N 109 
GLY CA  C    sing N N 110 
GLY CA  HA2  sing N N 111 
GLY CA  HA3  sing N N 112 
GLY C   O    doub N N 113 
GLY C   OXT  sing N N 114 
GLY OXT HXT  sing N N 115 
HIS N   CA   sing N N 116 
HIS N   H    sing N N 117 
HIS N   H2   sing N N 118 
HIS CA  C    sing N N 119 
HIS CA  CB   sing N N 120 
HIS CA  HA   sing N N 121 
HIS C   O    doub N N 122 
HIS C   OXT  sing N N 123 
HIS CB  CG   sing N N 124 
HIS CB  HB2  sing N N 125 
HIS CB  HB3  sing N N 126 
HIS CG  ND1  sing Y N 127 
HIS CG  CD2  doub Y N 128 
HIS ND1 CE1  doub Y N 129 
HIS ND1 HD1  sing N N 130 
HIS CD2 NE2  sing Y N 131 
HIS CD2 HD2  sing N N 132 
HIS CE1 NE2  sing Y N 133 
HIS CE1 HE1  sing N N 134 
HIS NE2 HE2  sing N N 135 
HIS OXT HXT  sing N N 136 
HOH O   H1   sing N N 137 
HOH O   H2   sing N N 138 
ILE N   CA   sing N N 139 
ILE N   H    sing N N 140 
ILE N   H2   sing N N 141 
ILE CA  C    sing N N 142 
ILE CA  CB   sing N N 143 
ILE CA  HA   sing N N 144 
ILE C   O    doub N N 145 
ILE C   OXT  sing N N 146 
ILE CB  CG1  sing N N 147 
ILE CB  CG2  sing N N 148 
ILE CB  HB   sing N N 149 
ILE CG1 CD1  sing N N 150 
ILE CG1 HG12 sing N N 151 
ILE CG1 HG13 sing N N 152 
ILE CG2 HG21 sing N N 153 
ILE CG2 HG22 sing N N 154 
ILE CG2 HG23 sing N N 155 
ILE CD1 HD11 sing N N 156 
ILE CD1 HD12 sing N N 157 
ILE CD1 HD13 sing N N 158 
ILE OXT HXT  sing N N 159 
LEU N   CA   sing N N 160 
LEU N   H    sing N N 161 
LEU N   H2   sing N N 162 
LEU CA  C    sing N N 163 
LEU CA  CB   sing N N 164 
LEU CA  HA   sing N N 165 
LEU C   O    doub N N 166 
LEU C   OXT  sing N N 167 
LEU CB  CG   sing N N 168 
LEU CB  HB2  sing N N 169 
LEU CB  HB3  sing N N 170 
LEU CG  CD1  sing N N 171 
LEU CG  CD2  sing N N 172 
LEU CG  HG   sing N N 173 
LEU CD1 HD11 sing N N 174 
LEU CD1 HD12 sing N N 175 
LEU CD1 HD13 sing N N 176 
LEU CD2 HD21 sing N N 177 
LEU CD2 HD22 sing N N 178 
LEU CD2 HD23 sing N N 179 
LEU OXT HXT  sing N N 180 
LYS N   CA   sing N N 181 
LYS N   H    sing N N 182 
LYS N   H2   sing N N 183 
LYS CA  C    sing N N 184 
LYS CA  CB   sing N N 185 
LYS CA  HA   sing N N 186 
LYS C   O    doub N N 187 
LYS C   OXT  sing N N 188 
LYS CB  CG   sing N N 189 
LYS CB  HB2  sing N N 190 
LYS CB  HB3  sing N N 191 
LYS CG  CD   sing N N 192 
LYS CG  HG2  sing N N 193 
LYS CG  HG3  sing N N 194 
LYS CD  CE   sing N N 195 
LYS CD  HD2  sing N N 196 
LYS CD  HD3  sing N N 197 
LYS CE  NZ   sing N N 198 
LYS CE  HE2  sing N N 199 
LYS CE  HE3  sing N N 200 
LYS NZ  HZ1  sing N N 201 
LYS NZ  HZ2  sing N N 202 
LYS NZ  HZ3  sing N N 203 
LYS OXT HXT  sing N N 204 
MET N   CA   sing N N 205 
MET N   H    sing N N 206 
MET N   H2   sing N N 207 
MET CA  C    sing N N 208 
MET CA  CB   sing N N 209 
MET CA  HA   sing N N 210 
MET C   O    doub N N 211 
MET C   OXT  sing N N 212 
MET CB  CG   sing N N 213 
MET CB  HB2  sing N N 214 
MET CB  HB3  sing N N 215 
MET CG  SD   sing N N 216 
MET CG  HG2  sing N N 217 
MET CG  HG3  sing N N 218 
MET SD  CE   sing N N 219 
MET CE  HE1  sing N N 220 
MET CE  HE2  sing N N 221 
MET CE  HE3  sing N N 222 
MET OXT HXT  sing N N 223 
PHE N   CA   sing N N 224 
PHE N   H    sing N N 225 
PHE N   H2   sing N N 226 
PHE CA  C    sing N N 227 
PHE CA  CB   sing N N 228 
PHE CA  HA   sing N N 229 
PHE C   O    doub N N 230 
PHE C   OXT  sing N N 231 
PHE CB  CG   sing N N 232 
PHE CB  HB2  sing N N 233 
PHE CB  HB3  sing N N 234 
PHE CG  CD1  doub Y N 235 
PHE CG  CD2  sing Y N 236 
PHE CD1 CE1  sing Y N 237 
PHE CD1 HD1  sing N N 238 
PHE CD2 CE2  doub Y N 239 
PHE CD2 HD2  sing N N 240 
PHE CE1 CZ   doub Y N 241 
PHE CE1 HE1  sing N N 242 
PHE CE2 CZ   sing Y N 243 
PHE CE2 HE2  sing N N 244 
PHE CZ  HZ   sing N N 245 
PHE OXT HXT  sing N N 246 
PRO N   CA   sing N N 247 
PRO N   CD   sing N N 248 
PRO N   H    sing N N 249 
PRO CA  C    sing N N 250 
PRO CA  CB   sing N N 251 
PRO CA  HA   sing N N 252 
PRO C   O    doub N N 253 
PRO C   OXT  sing N N 254 
PRO CB  CG   sing N N 255 
PRO CB  HB2  sing N N 256 
PRO CB  HB3  sing N N 257 
PRO CG  CD   sing N N 258 
PRO CG  HG2  sing N N 259 
PRO CG  HG3  sing N N 260 
PRO CD  HD2  sing N N 261 
PRO CD  HD3  sing N N 262 
PRO OXT HXT  sing N N 263 
SER N   CA   sing N N 264 
SER N   H    sing N N 265 
SER N   H2   sing N N 266 
SER CA  C    sing N N 267 
SER CA  CB   sing N N 268 
SER CA  HA   sing N N 269 
SER C   O    doub N N 270 
SER C   OXT  sing N N 271 
SER CB  OG   sing N N 272 
SER CB  HB2  sing N N 273 
SER CB  HB3  sing N N 274 
SER OG  HG   sing N N 275 
SER OXT HXT  sing N N 276 
THR N   CA   sing N N 277 
THR N   H    sing N N 278 
THR N   H2   sing N N 279 
THR CA  C    sing N N 280 
THR CA  CB   sing N N 281 
THR CA  HA   sing N N 282 
THR C   O    doub N N 283 
THR C   OXT  sing N N 284 
THR CB  OG1  sing N N 285 
THR CB  CG2  sing N N 286 
THR CB  HB   sing N N 287 
THR OG1 HG1  sing N N 288 
THR CG2 HG21 sing N N 289 
THR CG2 HG22 sing N N 290 
THR CG2 HG23 sing N N 291 
THR OXT HXT  sing N N 292 
TRP N   CA   sing N N 293 
TRP N   H    sing N N 294 
TRP N   H2   sing N N 295 
TRP CA  C    sing N N 296 
TRP CA  CB   sing N N 297 
TRP CA  HA   sing N N 298 
TRP C   O    doub N N 299 
TRP C   OXT  sing N N 300 
TRP CB  CG   sing N N 301 
TRP CB  HB2  sing N N 302 
TRP CB  HB3  sing N N 303 
TRP CG  CD1  doub Y N 304 
TRP CG  CD2  sing Y N 305 
TRP CD1 NE1  sing Y N 306 
TRP CD1 HD1  sing N N 307 
TRP CD2 CE2  doub Y N 308 
TRP CD2 CE3  sing Y N 309 
TRP NE1 CE2  sing Y N 310 
TRP NE1 HE1  sing N N 311 
TRP CE2 CZ2  sing Y N 312 
TRP CE3 CZ3  doub Y N 313 
TRP CE3 HE3  sing N N 314 
TRP CZ2 CH2  doub Y N 315 
TRP CZ2 HZ2  sing N N 316 
TRP CZ3 CH2  sing Y N 317 
TRP CZ3 HZ3  sing N N 318 
TRP CH2 HH2  sing N N 319 
TRP OXT HXT  sing N N 320 
TYR N   CA   sing N N 321 
TYR N   H    sing N N 322 
TYR N   H2   sing N N 323 
TYR CA  C    sing N N 324 
TYR CA  CB   sing N N 325 
TYR CA  HA   sing N N 326 
TYR C   O    doub N N 327 
TYR C   OXT  sing N N 328 
TYR CB  CG   sing N N 329 
TYR CB  HB2  sing N N 330 
TYR CB  HB3  sing N N 331 
TYR CG  CD1  doub Y N 332 
TYR CG  CD2  sing Y N 333 
TYR CD1 CE1  sing Y N 334 
TYR CD1 HD1  sing N N 335 
TYR CD2 CE2  doub Y N 336 
TYR CD2 HD2  sing N N 337 
TYR CE1 CZ   doub Y N 338 
TYR CE1 HE1  sing N N 339 
TYR CE2 CZ   sing Y N 340 
TYR CE2 HE2  sing N N 341 
TYR CZ  OH   sing N N 342 
TYR OH  HH   sing N N 343 
TYR OXT HXT  sing N N 344 
VAL N   CA   sing N N 345 
VAL N   H    sing N N 346 
VAL N   H2   sing N N 347 
VAL CA  C    sing N N 348 
VAL CA  CB   sing N N 349 
VAL CA  HA   sing N N 350 
VAL C   O    doub N N 351 
VAL C   OXT  sing N N 352 
VAL CB  CG1  sing N N 353 
VAL CB  CG2  sing N N 354 
VAL CB  HB   sing N N 355 
VAL CG1 HG11 sing N N 356 
VAL CG1 HG12 sing N N 357 
VAL CG1 HG13 sing N N 358 
VAL CG2 HG21 sing N N 359 
VAL CG2 HG22 sing N N 360 
VAL CG2 HG23 sing N N 361 
VAL OXT HXT  sing N N 362 
# 
loop_
_pdbx_entity_nonpoly.entity_id 
_pdbx_entity_nonpoly.name 
_pdbx_entity_nonpoly.comp_id 
2 'CALCIUM ION' CA  
3 water         HOH 
# 
_pdbx_initial_refinement_model.id               1 
_pdbx_initial_refinement_model.entity_id_list   ? 
_pdbx_initial_refinement_model.type             'experimental model' 
_pdbx_initial_refinement_model.source_name      PDB 
_pdbx_initial_refinement_model.accession_code   4REX 
_pdbx_initial_refinement_model.details          ? 
# 
_pdbx_struct_assembly_auth_evidence.id                     1 
_pdbx_struct_assembly_auth_evidence.assembly_id            1 
_pdbx_struct_assembly_auth_evidence.experimental_support   'gel filtration' 
_pdbx_struct_assembly_auth_evidence.details                ? 
# 
